data_5UGK
#
_entry.id   5UGK
#
loop_
_entity.id
_entity.type
_entity.pdbx_description
1 polymer ILE-HIS-VAL-HIS-LEU-GLN-ILE
2 non-polymer 'ZINC ION'
#
_entity_poly.entity_id   1
_entity_poly.type   'polypeptide(L)'
_entity_poly.pdbx_seq_one_letter_code
;IHVHLQI
;
_entity_poly.pdbx_strand_id   A,C,E,G,I,K,O,Q,S,U,W,Y
#
# COMPACT_ATOMS: atom_id res chain seq x y z
N ILE A 1 -5.90 13.13 9.66
CA ILE A 1 -7.04 12.18 9.55
C ILE A 1 -6.52 10.76 9.67
N HIS A 2 -7.16 9.95 10.53
CA HIS A 2 -6.75 8.59 10.71
C HIS A 2 -7.86 7.67 10.21
N VAL A 3 -7.54 6.80 9.26
CA VAL A 3 -8.52 5.86 8.73
C VAL A 3 -8.06 4.45 9.02
N HIS A 4 -8.87 3.67 9.74
CA HIS A 4 -8.53 2.30 10.04
C HIS A 4 -9.56 1.35 9.47
N LEU A 5 -9.08 0.31 8.77
CA LEU A 5 -9.97 -0.70 8.19
C LEU A 5 -9.58 -2.06 8.74
N GLN A 6 -10.51 -2.69 9.44
CA GLN A 6 -10.26 -4.02 10.01
C GLN A 6 -11.45 -4.92 9.71
N ILE A 7 -11.21 -6.00 8.97
CA ILE A 7 -12.30 -6.93 8.63
C ILE A 7 -11.79 -8.37 8.58
N ILE B 1 -1.75 12.20 7.41
CA ILE B 1 -2.87 11.22 7.32
C ILE B 1 -2.31 9.81 7.49
N HIS B 2 -2.89 9.04 8.42
CA HIS B 2 -2.44 7.67 8.63
C HIS B 2 -3.53 6.71 8.17
N VAL B 3 -3.19 5.81 7.24
CA VAL B 3 -4.15 4.82 6.78
C VAL B 3 -3.67 3.42 7.16
N HIS B 4 -4.50 2.66 7.86
CA HIS B 4 -4.13 1.29 8.28
C HIS B 4 -5.10 0.28 7.67
N LEU B 5 -4.57 -0.78 7.02
CA LEU B 5 -5.42 -1.82 6.43
C LEU B 5 -5.08 -3.18 7.02
N GLN B 6 -6.09 -3.85 7.60
CA GLN B 6 -5.86 -5.19 8.17
C GLN B 6 -7.04 -6.10 7.83
N ILE B 7 -6.79 -7.12 7.00
CA ILE B 7 -7.86 -8.05 6.61
C ILE B 7 -7.37 -9.50 6.68
N ILE C 1 2.71 11.05 5.55
CA ILE C 1 1.59 10.09 5.36
C ILE C 1 2.10 8.68 5.60
N HIS C 2 1.38 7.92 6.43
CA HIS C 2 1.78 6.54 6.70
C HIS C 2 0.73 5.61 6.13
N VAL C 3 1.17 4.70 5.25
CA VAL C 3 0.25 3.71 4.68
C VAL C 3 0.71 2.33 5.08
N HIS C 4 -0.15 1.57 5.75
CA HIS C 4 0.19 0.22 6.13
C HIS C 4 -0.76 -0.79 5.52
N LEU C 5 -0.20 -1.83 4.90
CA LEU C 5 -1.02 -2.87 4.29
C LEU C 5 -0.67 -4.21 4.90
N GLN C 6 -1.64 -4.83 5.58
CA GLN C 6 -1.44 -6.14 6.20
C GLN C 6 -2.61 -7.06 5.86
N ILE C 7 -2.32 -8.15 5.16
CA ILE C 7 -3.36 -9.10 4.77
C ILE C 7 -2.86 -10.53 4.86
N ILE D 1 7.00 10.08 3.46
CA ILE D 1 5.90 9.09 3.31
C ILE D 1 6.46 7.69 3.53
N HIS D 2 5.84 6.94 4.45
CA HIS D 2 6.28 5.57 4.71
C HIS D 2 5.21 4.61 4.22
N VAL D 3 5.60 3.69 3.33
CA VAL D 3 4.67 2.67 2.83
C VAL D 3 5.15 1.29 3.28
N HIS D 4 4.28 0.54 3.96
CA HIS D 4 4.64 -0.82 4.42
C HIS D 4 3.72 -1.85 3.77
N LEU D 5 4.30 -2.91 3.17
CA LEU D 5 3.48 -3.98 2.55
C LEU D 5 3.81 -5.32 3.18
N GLN D 6 2.79 -5.99 3.73
CA GLN D 6 2.99 -7.30 4.34
C GLN D 6 1.82 -8.21 3.97
N ILE D 7 2.09 -9.25 3.18
CA ILE D 7 1.04 -10.18 2.75
C ILE D 7 1.51 -11.63 2.89
N ILE E 1 11.42 8.93 1.66
CA ILE E 1 10.32 7.96 1.41
C ILE E 1 10.83 6.55 1.71
N HIS E 2 10.09 5.79 2.52
CA HIS E 2 10.48 4.44 2.83
C HIS E 2 9.47 3.47 2.21
N VAL E 3 9.95 2.55 1.38
CA VAL E 3 9.09 1.55 0.77
C VAL E 3 9.52 0.18 1.21
N HIS E 4 8.63 -0.58 1.85
CA HIS E 4 8.96 -1.92 2.28
C HIS E 4 8.05 -2.94 1.62
N LEU E 5 8.65 -3.98 1.03
CA LEU E 5 7.88 -5.04 0.39
C LEU E 5 8.21 -6.38 1.04
N GLN E 6 7.22 -6.97 1.71
CA GLN E 6 7.39 -8.28 2.36
C GLN E 6 6.23 -9.19 1.97
N ILE E 7 6.56 -10.29 1.29
CA ILE E 7 5.55 -11.25 0.86
C ILE E 7 6.04 -12.68 1.02
N ILE F 1 15.76 7.92 -0.31
CA ILE F 1 14.67 6.92 -0.54
C ILE F 1 15.22 5.53 -0.26
N HIS F 2 14.55 4.80 0.64
CA HIS F 2 14.99 3.44 0.95
C HIS F 2 13.97 2.46 0.40
N VAL F 3 14.41 1.52 -0.44
CA VAL F 3 13.52 0.51 -1.00
C VAL F 3 13.98 -0.87 -0.49
N HIS F 4 13.06 -1.63 0.13
CA HIS F 4 13.41 -2.96 0.65
C HIS F 4 12.55 -4.03 -0.05
N LEU F 5 13.19 -5.09 -0.57
CA LEU F 5 12.46 -6.18 -1.24
C LEU F 5 12.73 -7.50 -0.54
N GLN F 6 11.67 -8.17 -0.09
CA GLN F 6 11.81 -9.47 0.57
C GLN F 6 10.67 -10.38 0.13
N ILE F 7 11.00 -11.42 -0.63
CA ILE F 7 10.00 -12.36 -1.13
C ILE F 7 10.46 -13.80 -0.89
N ILE G 1 -15.54 -7.81 -0.10
CA ILE G 1 -15.75 -6.51 0.61
C ILE G 1 -14.96 -5.42 -0.11
N HIS G 2 -15.61 -4.30 -0.38
CA HIS G 2 -14.95 -3.19 -1.04
C HIS G 2 -14.87 -2.02 -0.07
N VAL G 3 -13.65 -1.54 0.20
CA VAL G 3 -13.48 -0.38 1.08
C VAL G 3 -12.85 0.75 0.30
N HIS G 4 -13.52 1.90 0.24
CA HIS G 4 -12.99 3.04 -0.45
C HIS G 4 -12.80 4.22 0.50
N LEU G 5 -11.62 4.83 0.46
CA LEU G 5 -11.32 5.99 1.30
C LEU G 5 -10.93 7.14 0.41
N GLN G 6 -11.71 8.22 0.46
CA GLN G 6 -11.43 9.41 -0.33
C GLN G 6 -11.55 10.65 0.54
N ILE G 7 -10.46 11.40 0.69
CA ILE G 7 -10.47 12.60 1.52
C ILE G 7 -9.56 13.68 0.95
N ILE H 1 -11.14 -9.02 -1.73
CA ILE H 1 -11.33 -7.70 -1.05
C ILE H 1 -10.56 -6.63 -1.81
N HIS H 2 -11.25 -5.55 -2.16
CA HIS H 2 -10.58 -4.45 -2.88
C HIS H 2 -10.51 -3.24 -1.95
N VAL H 3 -9.30 -2.73 -1.72
CA VAL H 3 -9.12 -1.54 -0.90
C VAL H 3 -8.56 -0.40 -1.75
N HIS H 4 -9.23 0.73 -1.78
CA HIS H 4 -8.76 1.89 -2.56
C HIS H 4 -8.48 3.09 -1.64
N LEU H 5 -7.30 3.70 -1.76
CA LEU H 5 -6.96 4.87 -0.93
C LEU H 5 -6.63 6.07 -1.82
N GLN H 6 -7.34 7.17 -1.63
CA GLN H 6 -7.10 8.38 -2.41
C GLN H 6 -7.17 9.62 -1.51
N ILE H 7 -6.03 10.28 -1.30
CA ILE H 7 -6.01 11.48 -0.45
C ILE H 7 -5.18 12.59 -1.10
N ILE I 1 -6.76 -10.11 -3.83
CA ILE I 1 -6.91 -8.82 -3.08
C ILE I 1 -6.20 -7.72 -3.86
N HIS I 2 -6.89 -6.59 -4.07
CA HIS I 2 -6.30 -5.48 -4.77
C HIS I 2 -6.13 -4.32 -3.81
N VAL I 3 -4.90 -3.83 -3.67
CA VAL I 3 -4.64 -2.67 -2.81
C VAL I 3 -4.09 -1.54 -3.65
N HIS I 4 -4.77 -0.40 -3.66
CA HIS I 4 -4.30 0.74 -4.40
C HIS I 4 -4.03 1.92 -3.49
N LEU I 5 -2.84 2.53 -3.62
CA LEU I 5 -2.48 3.69 -2.82
C LEU I 5 -2.16 4.86 -3.73
N GLN I 6 -2.96 5.93 -3.63
CA GLN I 6 -2.74 7.13 -4.43
C GLN I 6 -2.84 8.36 -3.53
N ILE I 7 -1.74 9.11 -3.45
CA ILE I 7 -1.71 10.31 -2.62
C ILE I 7 -0.89 11.41 -3.29
N ILE J 1 -2.29 -11.26 -5.54
CA ILE J 1 -2.45 -9.95 -4.85
C ILE J 1 -1.72 -8.88 -5.63
N HIS J 2 -2.43 -7.81 -5.96
CA HIS J 2 -1.80 -6.70 -6.69
C HIS J 2 -1.69 -5.48 -5.78
N VAL J 3 -0.48 -4.97 -5.59
CA VAL J 3 -0.27 -3.78 -4.78
C VAL J 3 0.25 -2.64 -5.66
N HIS J 4 -0.44 -1.50 -5.66
CA HIS J 4 0.00 -0.35 -6.47
C HIS J 4 0.32 0.85 -5.57
N LEU J 5 1.51 1.46 -5.73
CA LEU J 5 1.89 2.63 -4.93
C LEU J 5 2.18 3.82 -5.82
N GLN J 6 1.46 4.92 -5.61
CA GLN J 6 1.66 6.13 -6.40
C GLN J 6 1.59 7.35 -5.49
N ILE J 7 2.73 8.03 -5.32
CA ILE J 7 2.78 9.22 -4.44
C ILE J 7 3.54 10.35 -5.14
N ILE K 1 2.00 -12.27 -7.74
CA ILE K 1 1.90 -11.00 -6.97
C ILE K 1 2.56 -9.89 -7.76
N HIS K 2 1.85 -8.76 -7.93
CA HIS K 2 2.41 -7.64 -8.64
C HIS K 2 2.63 -6.49 -7.68
N VAL K 3 3.87 -6.01 -7.59
CA VAL K 3 4.19 -4.87 -6.74
C VAL K 3 4.69 -3.73 -7.60
N HIS K 4 4.02 -2.57 -7.55
CA HIS K 4 4.47 -1.44 -8.31
C HIS K 4 4.80 -0.27 -7.40
N LEU K 5 5.98 0.33 -7.60
CA LEU K 5 6.40 1.48 -6.79
C LEU K 5 6.69 2.67 -7.70
N GLN K 6 5.87 3.72 -7.56
CA GLN K 6 6.05 4.94 -8.35
C GLN K 6 5.99 6.16 -7.42
N ILE K 7 7.10 6.89 -7.37
CA ILE K 7 7.19 8.08 -6.52
C ILE K 7 7.94 9.20 -7.23
N ILE L 1 6.40 -13.33 -9.41
CA ILE L 1 6.34 -12.05 -8.66
C ILE L 1 7.01 -10.97 -9.48
N HIS L 2 6.29 -9.88 -9.77
CA HIS L 2 6.89 -8.78 -10.53
C HIS L 2 7.04 -7.57 -9.60
N VAL L 3 8.27 -7.07 -9.49
CA VAL L 3 8.54 -5.90 -8.66
C VAL L 3 9.02 -4.76 -9.56
N HIS L 4 8.35 -3.61 -9.50
CA HIS L 4 8.75 -2.45 -10.34
C HIS L 4 9.16 -1.26 -9.44
N LEU L 5 10.33 -0.68 -9.71
CA LEU L 5 10.81 0.48 -8.92
C LEU L 5 11.02 1.69 -9.81
N GLN L 6 10.32 2.78 -9.51
CA GLN L 6 10.47 4.01 -10.30
C GLN L 6 10.47 5.21 -9.35
N ILE L 7 11.62 5.86 -9.24
CA ILE L 7 11.76 7.02 -8.36
C ILE L 7 12.44 8.19 -9.09
N ILE A 1 -6.44 13.26 9.73
CA ILE A 1 -7.54 12.26 9.91
C ILE A 1 -6.93 10.87 10.03
N HIS A 2 -7.54 10.03 10.88
CA HIS A 2 -7.08 8.68 11.05
C HIS A 2 -8.18 7.74 10.54
N VAL A 3 -7.85 6.89 9.57
CA VAL A 3 -8.83 5.93 9.05
C VAL A 3 -8.34 4.51 9.29
N HIS A 4 -9.12 3.68 10.00
CA HIS A 4 -8.73 2.31 10.24
C HIS A 4 -9.73 1.32 9.64
N LEU A 5 -9.22 0.33 8.90
CA LEU A 5 -10.06 -0.71 8.28
C LEU A 5 -9.61 -2.08 8.75
N GLN A 6 -10.50 -2.80 9.44
CA GLN A 6 -10.18 -4.14 9.93
C GLN A 6 -11.26 -5.11 9.46
N ILE A 7 -10.91 -5.94 8.47
CA ILE A 7 -11.86 -6.90 7.91
C ILE A 7 -11.41 -8.33 8.23
N ILE B 1 -2.10 12.24 7.40
CA ILE B 1 -3.21 11.25 7.50
C ILE B 1 -2.61 9.87 7.74
N HIS B 2 -3.21 9.10 8.66
CA HIS B 2 -2.73 7.74 8.88
C HIS B 2 -3.82 6.76 8.42
N VAL B 3 -3.46 5.87 7.50
CA VAL B 3 -4.39 4.84 7.02
C VAL B 3 -3.88 3.47 7.40
N HIS B 4 -4.71 2.70 8.09
CA HIS B 4 -4.32 1.34 8.49
C HIS B 4 -5.25 0.33 7.84
N LEU B 5 -4.68 -0.70 7.19
CA LEU B 5 -5.49 -1.73 6.53
C LEU B 5 -5.07 -3.11 7.01
N GLN B 6 -6.05 -3.88 7.50
CA GLN B 6 -5.78 -5.24 7.96
C GLN B 6 -6.89 -6.17 7.49
N ILE B 7 -6.51 -7.12 6.61
CA ILE B 7 -7.47 -8.09 6.08
C ILE B 7 -7.05 -9.51 6.47
N ILE C 1 2.48 11.12 5.40
CA ILE C 1 1.34 10.16 5.50
C ILE C 1 1.88 8.75 5.74
N HIS C 2 1.17 7.98 6.58
CA HIS C 2 1.59 6.63 6.86
C HIS C 2 0.54 5.67 6.31
N VAL C 3 0.96 4.76 5.41
CA VAL C 3 0.02 3.77 4.87
C VAL C 3 0.49 2.37 5.22
N HIS C 4 -0.33 1.58 5.91
CA HIS C 4 0.04 0.24 6.25
C HIS C 4 -0.90 -0.79 5.64
N LEU C 5 -0.33 -1.80 4.98
CA LEU C 5 -1.13 -2.86 4.35
C LEU C 5 -0.71 -4.21 4.91
N GLN C 6 -1.64 -4.89 5.58
CA GLN C 6 -1.35 -6.21 6.14
C GLN C 6 -2.38 -7.22 5.62
N ILE C 7 -1.94 -8.08 4.72
CA ILE C 7 -2.82 -9.09 4.12
C ILE C 7 -2.41 -10.49 4.58
N ILE D 1 6.93 10.17 3.07
CA ILE D 1 5.82 9.19 3.16
C ILE D 1 6.37 7.81 3.49
N HIS D 2 5.72 7.10 4.42
CA HIS D 2 6.16 5.74 4.73
C HIS D 2 5.09 4.76 4.26
N VAL D 3 5.48 3.82 3.40
CA VAL D 3 4.55 2.80 2.92
C VAL D 3 5.04 1.43 3.38
N HIS D 4 4.18 0.69 4.06
CA HIS D 4 4.55 -0.65 4.54
C HIS D 4 3.64 -1.68 3.89
N LEU D 5 4.22 -2.73 3.31
CA LEU D 5 3.43 -3.80 2.67
C LEU D 5 3.82 -5.16 3.22
N GLN D 6 2.82 -5.89 3.72
CA GLN D 6 3.07 -7.23 4.24
C GLN D 6 1.99 -8.19 3.75
N ILE D 7 2.38 -9.13 2.90
CA ILE D 7 1.45 -10.13 2.36
C ILE D 7 1.79 -11.53 2.87
N ILE E 1 11.61 8.98 1.35
CA ILE E 1 10.45 8.04 1.40
C ILE E 1 10.93 6.63 1.70
N HIS E 2 10.18 5.91 2.54
CA HIS E 2 10.54 4.55 2.87
C HIS E 2 9.49 3.60 2.30
N VAL E 3 9.93 2.66 1.45
CA VAL E 3 9.00 1.68 0.90
C VAL E 3 9.44 0.27 1.31
N HIS E 4 8.57 -0.48 1.99
CA HIS E 4 8.92 -1.83 2.38
C HIS E 4 7.99 -2.86 1.76
N LEU E 5 8.58 -3.89 1.14
CA LEU E 5 7.81 -4.96 0.51
C LEU E 5 8.19 -6.31 1.10
N GLN E 6 7.26 -6.93 1.82
CA GLN E 6 7.53 -8.24 2.42
C GLN E 6 6.53 -9.25 1.90
N ILE E 7 6.99 -10.14 1.03
CA ILE E 7 6.13 -11.16 0.44
C ILE E 7 6.49 -12.54 0.96
N ILE F 1 16.00 8.03 -1.02
CA ILE F 1 14.87 7.05 -1.01
C ILE F 1 15.39 5.69 -0.57
N HIS F 2 14.69 5.05 0.38
CA HIS F 2 15.09 3.70 0.78
C HIS F 2 14.03 2.71 0.29
N VAL F 3 14.47 1.73 -0.50
CA VAL F 3 13.57 0.70 -1.00
C VAL F 3 14.00 -0.65 -0.45
N HIS F 4 13.08 -1.37 0.19
CA HIS F 4 13.41 -2.69 0.75
C HIS F 4 12.54 -3.75 0.07
N LEU F 5 13.17 -4.82 -0.42
CA LEU F 5 12.44 -5.90 -1.09
C LEU F 5 12.78 -7.25 -0.47
N GLN F 6 11.75 -7.97 -0.02
CA GLN F 6 11.95 -9.29 0.58
C GLN F 6 10.91 -10.26 0.05
N ILE F 7 11.35 -11.20 -0.78
CA ILE F 7 10.46 -12.21 -1.36
C ILE F 7 10.74 -13.59 -0.75
N ILE G 1 -15.79 -7.63 0.12
CA ILE G 1 -16.18 -6.27 0.58
C ILE G 1 -15.36 -5.24 -0.17
N HIS G 2 -15.98 -4.09 -0.45
CA HIS G 2 -15.29 -3.02 -1.14
C HIS G 2 -15.20 -1.84 -0.17
N VAL G 3 -13.99 -1.37 0.13
CA VAL G 3 -13.83 -0.21 1.02
C VAL G 3 -13.13 0.92 0.27
N HIS G 4 -13.76 2.09 0.16
CA HIS G 4 -13.14 3.22 -0.50
C HIS G 4 -12.93 4.40 0.44
N LEU G 5 -11.72 4.96 0.43
CA LEU G 5 -11.39 6.11 1.27
C LEU G 5 -10.91 7.26 0.39
N GLN G 6 -11.62 8.38 0.44
CA GLN G 6 -11.24 9.56 -0.35
C GLN G 6 -11.16 10.77 0.56
N ILE G 7 -9.94 11.21 0.85
CA ILE G 7 -9.72 12.35 1.73
C ILE G 7 -9.12 13.51 0.95
N ILE H 1 -11.24 -9.02 -1.41
CA ILE H 1 -11.57 -7.66 -0.89
C ILE H 1 -10.84 -6.62 -1.72
N HIS H 2 -11.54 -5.53 -2.05
CA HIS H 2 -10.87 -4.45 -2.78
C HIS H 2 -10.79 -3.23 -1.87
N VAL H 3 -9.57 -2.72 -1.64
CA VAL H 3 -9.39 -1.52 -0.83
C VAL H 3 -8.79 -0.42 -1.69
N HIS H 4 -9.46 0.74 -1.72
CA HIS H 4 -8.96 1.87 -2.52
C HIS H 4 -8.66 3.04 -1.58
N LEU H 5 -7.47 3.62 -1.69
CA LEU H 5 -7.08 4.75 -0.85
C LEU H 5 -6.60 5.92 -1.70
N GLN H 6 -7.23 7.08 -1.51
CA GLN H 6 -6.85 8.28 -2.24
C GLN H 6 -6.79 9.48 -1.30
N ILE H 7 -5.59 10.05 -1.15
CA ILE H 7 -5.39 11.21 -0.27
C ILE H 7 -4.85 12.39 -1.09
N ILE I 1 -6.72 -10.18 -3.54
CA ILE I 1 -7.10 -8.84 -3.00
C ILE I 1 -6.39 -7.75 -3.79
N HIS I 2 -7.09 -6.62 -3.99
CA HIS I 2 -6.50 -5.52 -4.72
C HIS I 2 -6.35 -4.34 -3.77
N VAL I 3 -5.12 -3.85 -3.61
CA VAL I 3 -4.89 -2.67 -2.76
C VAL I 3 -4.30 -1.55 -3.59
N HIS I 4 -4.95 -0.38 -3.63
CA HIS I 4 -4.42 0.74 -4.36
C HIS I 4 -4.15 1.93 -3.46
N LEU I 5 -2.94 2.50 -3.58
CA LEU I 5 -2.55 3.65 -2.77
C LEU I 5 -2.16 4.82 -3.70
N GLN I 6 -2.91 5.91 -3.63
CA GLN I 6 -2.60 7.08 -4.44
C GLN I 6 -2.46 8.30 -3.54
N ILE I 7 -1.22 8.75 -3.37
CA ILE I 7 -0.94 9.91 -2.52
C ILE I 7 -0.46 11.09 -3.36
N ILE J 1 -2.14 -11.38 -5.24
CA ILE J 1 -2.46 -10.02 -4.71
C ILE J 1 -1.82 -8.96 -5.58
N HIS J 2 -2.55 -7.90 -5.90
CA HIS J 2 -1.96 -6.81 -6.67
C HIS J 2 -1.88 -5.57 -5.77
N VAL J 3 -0.66 -5.04 -5.61
CA VAL J 3 -0.47 -3.82 -4.82
C VAL J 3 0.05 -2.71 -5.70
N HIS J 4 -0.63 -1.57 -5.71
CA HIS J 4 -0.20 -0.44 -6.53
C HIS J 4 0.13 0.75 -5.63
N LEU J 5 1.31 1.35 -5.82
CA LEU J 5 1.71 2.50 -5.00
C LEU J 5 2.11 3.67 -5.89
N GLN J 6 1.46 4.82 -5.68
CA GLN J 6 1.78 6.02 -6.44
C GLN J 6 1.86 7.23 -5.52
N ILE J 7 3.07 7.78 -5.37
CA ILE J 7 3.29 8.95 -4.52
C ILE J 7 3.71 10.15 -5.38
N ILE K 1 2.30 -12.41 -7.54
CA ILE K 1 1.95 -11.09 -6.94
C ILE K 1 2.60 -9.97 -7.73
N HIS K 2 1.87 -8.86 -7.90
CA HIS K 2 2.41 -7.73 -8.62
C HIS K 2 2.57 -6.55 -7.66
N VAL K 3 3.80 -6.04 -7.55
CA VAL K 3 4.04 -4.88 -6.69
C VAL K 3 4.58 -3.73 -7.53
N HIS K 4 3.91 -2.57 -7.55
CA HIS K 4 4.40 -1.44 -8.30
C HIS K 4 4.71 -0.26 -7.41
N LEU K 5 5.91 0.31 -7.56
CA LEU K 5 6.34 1.47 -6.77
C LEU K 5 6.70 2.63 -7.68
N GLN K 6 5.89 3.70 -7.65
CA GLN K 6 6.16 4.88 -8.47
C GLN K 6 6.34 6.09 -7.58
N ILE K 7 7.57 6.55 -7.46
CA ILE K 7 7.89 7.71 -6.63
C ILE K 7 8.29 8.91 -7.48
N ILE L 1 6.91 -13.63 -9.13
CA ILE L 1 6.65 -12.30 -8.53
C ILE L 1 7.19 -11.21 -9.44
N HIS L 2 6.38 -10.18 -9.73
CA HIS L 2 6.89 -9.07 -10.53
C HIS L 2 7.00 -7.84 -9.62
N VAL L 3 8.21 -7.29 -9.55
CA VAL L 3 8.46 -6.10 -8.75
C VAL L 3 8.89 -4.96 -9.67
N HIS L 4 8.21 -3.82 -9.60
CA HIS L 4 8.57 -2.67 -10.45
C HIS L 4 8.96 -1.49 -9.56
N LEU L 5 10.12 -0.89 -9.85
CA LEU L 5 10.60 0.25 -9.06
C LEU L 5 10.92 1.43 -9.97
N GLN L 6 10.29 2.58 -9.71
CA GLN L 6 10.55 3.78 -10.49
C GLN L 6 10.70 4.98 -9.56
N ILE L 7 11.93 5.48 -9.45
CA ILE L 7 12.22 6.64 -8.61
C ILE L 7 12.53 7.87 -9.48
N ILE A 1 -6.29 13.16 9.62
CA ILE A 1 -7.42 12.18 9.52
C ILE A 1 -6.87 10.77 9.69
N HIS A 2 -7.50 10.00 10.58
CA HIS A 2 -7.09 8.64 10.82
C HIS A 2 -8.19 7.70 10.35
N VAL A 3 -7.85 6.79 9.44
CA VAL A 3 -8.82 5.82 8.94
C VAL A 3 -8.35 4.41 9.30
N HIS A 4 -9.18 3.66 10.02
CA HIS A 4 -8.83 2.31 10.38
C HIS A 4 -9.84 1.32 9.80
N LEU A 5 -9.34 0.27 9.17
CA LEU A 5 -10.21 -0.75 8.58
C LEU A 5 -9.64 -2.14 8.88
N GLN A 6 -10.36 -2.91 9.70
CA GLN A 6 -9.95 -4.26 10.05
C GLN A 6 -10.94 -5.24 9.44
N ILE A 7 -10.47 -6.03 8.48
CA ILE A 7 -11.33 -7.00 7.79
C ILE A 7 -10.71 -8.40 7.87
N ILE B 1 -2.08 12.26 7.40
CA ILE B 1 -3.18 11.26 7.33
C ILE B 1 -2.61 9.86 7.55
N HIS B 2 -3.21 9.13 8.49
CA HIS B 2 -2.75 7.78 8.78
C HIS B 2 -3.82 6.79 8.33
N VAL B 3 -3.42 5.84 7.48
CA VAL B 3 -4.34 4.81 7.01
C VAL B 3 -3.87 3.45 7.51
N HIS B 4 -4.76 2.73 8.20
CA HIS B 4 -4.41 1.40 8.71
C HIS B 4 -5.33 0.37 8.05
N LEU B 5 -4.77 -0.69 7.49
CA LEU B 5 -5.57 -1.72 6.82
C LEU B 5 -5.04 -3.11 7.18
N GLN B 6 -5.90 -3.92 7.81
CA GLN B 6 -5.53 -5.28 8.18
C GLN B 6 -6.49 -6.25 7.51
N ILE B 7 -5.96 -7.03 6.57
CA ILE B 7 -6.78 -8.00 5.83
C ILE B 7 -6.31 -9.42 6.14
N ILE C 1 2.46 11.05 5.87
CA ILE C 1 1.35 10.06 5.66
C ILE C 1 1.86 8.66 5.92
N HIS C 2 1.13 7.91 6.75
CA HIS C 2 1.52 6.55 7.06
C HIS C 2 0.49 5.59 6.47
N VAL C 3 0.94 4.66 5.63
CA VAL C 3 0.04 3.67 5.05
C VAL C 3 0.48 2.28 5.50
N HIS C 4 -0.41 1.54 6.15
CA HIS C 4 -0.09 0.19 6.57
C HIS C 4 -1.01 -0.81 5.91
N LEU C 5 -0.42 -1.85 5.33
CA LEU C 5 -1.21 -2.89 4.67
C LEU C 5 -0.69 -4.27 5.07
N GLN C 6 -1.50 -5.03 5.80
CA GLN C 6 -1.10 -6.37 6.22
C GLN C 6 -2.02 -7.38 5.54
N ILE C 7 -1.44 -8.22 4.68
CA ILE C 7 -2.20 -9.22 3.94
C ILE C 7 -1.58 -10.60 4.12
N ILE D 1 6.73 10.17 3.34
CA ILE D 1 5.62 9.16 3.22
C ILE D 1 6.18 7.77 3.49
N HIS D 2 5.56 7.06 4.45
CA HIS D 2 6.02 5.70 4.77
C HIS D 2 4.97 4.70 4.31
N VAL D 3 5.39 3.75 3.49
CA VAL D 3 4.49 2.69 3.00
C VAL D 3 4.96 1.35 3.55
N HIS D 4 4.07 0.63 4.22
CA HIS D 4 4.41 -0.69 4.75
C HIS D 4 3.52 -1.74 4.08
N LEU D 5 4.12 -2.80 3.54
CA LEU D 5 3.36 -3.85 2.85
C LEU D 5 3.87 -5.22 3.26
N GLN D 6 3.00 -6.01 3.87
CA GLN D 6 3.35 -7.37 4.29
C GLN D 6 2.42 -8.36 3.61
N ILE D 7 2.97 -9.14 2.69
CA ILE D 7 2.19 -10.14 1.94
C ILE D 7 2.64 -11.55 2.31
N ILE E 1 11.20 8.89 1.83
CA ILE E 1 10.10 7.91 1.60
C ILE E 1 10.61 6.50 1.90
N HIS E 2 9.85 5.77 2.72
CA HIS E 2 10.23 4.41 3.05
C HIS E 2 9.23 3.44 2.44
N VAL E 3 9.72 2.50 1.64
CA VAL E 3 8.84 1.49 1.04
C VAL E 3 9.26 0.12 1.53
N HIS E 4 8.36 -0.62 2.17
CA HIS E 4 8.67 -1.95 2.60
C HIS E 4 7.78 -2.98 1.94
N LEU E 5 8.40 -4.02 1.38
CA LEU E 5 7.66 -5.09 0.71
C LEU E 5 8.17 -6.45 1.14
N GLN E 6 7.34 -7.19 1.88
CA GLN E 6 7.71 -8.53 2.35
C GLN E 6 6.82 -9.55 1.66
N ILE E 7 7.44 -10.42 0.85
CA ILE E 7 6.69 -11.43 0.11
C ILE E 7 7.31 -12.81 0.32
N ILE F 1 15.32 8.09 -0.73
CA ILE F 1 14.24 7.07 -0.89
C ILE F 1 14.82 5.69 -0.57
N HIS F 2 14.23 5.00 0.40
CA HIS F 2 14.69 3.66 0.77
C HIS F 2 13.67 2.63 0.29
N VAL F 3 14.14 1.66 -0.49
CA VAL F 3 13.29 0.59 -0.98
C VAL F 3 13.75 -0.74 -0.37
N HIS F 4 12.83 -1.47 0.27
CA HIS F 4 13.18 -2.78 0.84
C HIS F 4 12.33 -3.85 0.15
N LEU F 5 12.98 -4.92 -0.33
CA LEU F 5 12.26 -5.99 -1.03
C LEU F 5 12.79 -7.35 -0.56
N GLN F 6 11.88 -8.15 0.02
CA GLN F 6 12.25 -9.49 0.49
C GLN F 6 11.37 -10.51 -0.19
N ILE F 7 11.95 -11.29 -1.11
CA ILE F 7 11.21 -12.31 -1.85
C ILE F 7 11.64 -13.70 -1.41
N ILE G 1 -15.63 -7.67 -0.04
CA ILE G 1 -15.87 -6.36 0.64
C ILE G 1 -15.10 -5.26 -0.08
N HIS G 2 -15.80 -4.19 -0.43
CA HIS G 2 -15.18 -3.08 -1.11
C HIS G 2 -15.16 -1.88 -0.17
N VAL G 3 -13.96 -1.34 0.08
CA VAL G 3 -13.82 -0.17 0.93
C VAL G 3 -13.23 0.98 0.11
N HIS G 4 -13.93 2.10 0.05
CA HIS G 4 -13.44 3.26 -0.67
C HIS G 4 -13.25 4.45 0.25
N LEU G 5 -12.09 5.09 0.18
CA LEU G 5 -11.82 6.26 1.03
C LEU G 5 -11.13 7.34 0.19
N GLN G 6 -11.83 8.45 -0.03
CA GLN G 6 -11.30 9.57 -0.79
C GLN G 6 -11.09 10.75 0.16
N ILE G 7 -9.83 11.12 0.37
CA ILE G 7 -9.49 12.21 1.28
C ILE G 7 -8.62 13.24 0.55
N ILE H 1 -11.19 -8.99 -1.41
CA ILE H 1 -11.42 -7.66 -0.77
C ILE H 1 -10.68 -6.58 -1.57
N HIS H 2 -11.40 -5.53 -1.94
CA HIS H 2 -10.79 -4.44 -2.70
C HIS H 2 -10.73 -3.20 -1.81
N VAL H 3 -9.52 -2.64 -1.65
CA VAL H 3 -9.35 -1.42 -0.86
C VAL H 3 -8.88 -0.29 -1.78
N HIS H 4 -9.61 0.83 -1.77
CA HIS H 4 -9.22 1.97 -2.60
C HIS H 4 -8.93 3.16 -1.68
N LEU H 5 -7.77 3.79 -1.86
CA LEU H 5 -7.40 4.93 -1.02
C LEU H 5 -6.77 6.04 -1.87
N GLN H 6 -7.41 7.21 -1.87
CA GLN H 6 -6.91 8.35 -2.62
C GLN H 6 -6.64 9.49 -1.66
N ILE H 7 -5.35 9.83 -1.49
CA ILE H 7 -4.96 10.90 -0.58
C ILE H 7 -4.33 12.05 -1.37
N ILE I 1 -6.96 -9.87 -3.72
CA ILE I 1 -7.08 -8.59 -2.97
C ILE I 1 -6.40 -7.48 -3.75
N HIS I 2 -7.12 -6.37 -3.94
CA HIS I 2 -6.57 -5.24 -4.66
C HIS I 2 -6.40 -4.07 -3.71
N VAL I 3 -5.17 -3.55 -3.62
CA VAL I 3 -4.90 -2.40 -2.77
C VAL I 3 -4.41 -1.25 -3.62
N HIS I 4 -5.11 -0.12 -3.59
CA HIS I 4 -4.68 1.04 -4.32
C HIS I 4 -4.38 2.21 -3.40
N LEU I 5 -3.21 2.82 -3.59
CA LEU I 5 -2.81 3.96 -2.76
C LEU I 5 -2.24 5.06 -3.65
N GLN I 6 -2.94 6.18 -3.74
CA GLN I 6 -2.47 7.31 -4.53
C GLN I 6 -2.15 8.48 -3.61
N ILE I 7 -0.86 8.85 -3.56
CA ILE I 7 -0.41 9.93 -2.68
C ILE I 7 0.38 10.96 -3.49
N ILE J 1 -2.40 -11.24 -5.22
CA ILE J 1 -2.58 -9.93 -4.55
C ILE J 1 -1.89 -8.84 -5.38
N HIS J 2 -2.63 -7.80 -5.73
CA HIS J 2 -2.06 -6.70 -6.50
C HIS J 2 -1.96 -5.45 -5.63
N VAL J 3 -0.75 -4.90 -5.53
CA VAL J 3 -0.52 -3.69 -4.76
C VAL J 3 -0.10 -2.57 -5.69
N HIS J 4 -0.81 -1.44 -5.64
CA HIS J 4 -0.46 -0.30 -6.48
C HIS J 4 -0.11 0.88 -5.57
N LEU J 5 1.05 1.50 -5.82
CA LEU J 5 1.49 2.63 -4.99
C LEU J 5 2.05 3.75 -5.87
N GLN J 6 1.42 4.91 -5.81
CA GLN J 6 1.87 6.06 -6.60
C GLN J 6 2.20 7.21 -5.65
N ILE J 7 3.49 7.53 -5.55
CA ILE J 7 3.94 8.61 -4.66
C ILE J 7 4.50 9.77 -5.48
N ILE K 1 1.80 -12.18 -7.59
CA ILE K 1 1.71 -10.90 -6.83
C ILE K 1 2.34 -9.78 -7.64
N HIS K 2 1.62 -8.68 -7.79
CA HIS K 2 2.14 -7.54 -8.53
C HIS K 2 2.35 -6.38 -7.58
N VAL K 3 3.59 -5.86 -7.53
CA VAL K 3 3.89 -4.71 -6.69
C VAL K 3 4.33 -3.56 -7.57
N HIS K 4 3.65 -2.41 -7.49
CA HIS K 4 4.05 -1.27 -8.25
C HIS K 4 4.40 -0.11 -7.35
N LEU K 5 5.58 0.50 -7.58
CA LEU K 5 6.03 1.64 -6.78
C LEU K 5 6.56 2.73 -7.69
N GLN K 6 5.85 3.85 -7.74
CA GLN K 6 6.28 4.99 -8.55
C GLN K 6 6.64 6.15 -7.62
N ILE K 7 7.91 6.55 -7.66
CA ILE K 7 8.40 7.62 -6.80
C ILE K 7 9.16 8.66 -7.63
N ILE L 1 6.29 -13.47 -8.95
CA ILE L 1 6.18 -12.15 -8.25
C ILE L 1 6.84 -11.08 -9.11
N HIS L 2 6.08 -10.05 -9.47
CA HIS L 2 6.62 -8.96 -10.28
C HIS L 2 6.78 -7.72 -9.41
N VAL L 3 8.00 -7.18 -9.38
CA VAL L 3 8.28 -5.97 -8.61
C VAL L 3 8.65 -4.85 -9.57
N HIS L 4 7.95 -3.71 -9.49
CA HIS L 4 8.28 -2.56 -10.35
C HIS L 4 8.69 -1.38 -9.48
N LEU L 5 9.83 -0.78 -9.79
CA LEU L 5 10.34 0.35 -9.00
C LEU L 5 10.86 1.46 -9.91
N GLN L 6 10.25 2.64 -9.80
CA GLN L 6 10.66 3.79 -10.60
C GLN L 6 11.04 4.93 -9.68
N ILE L 7 12.34 5.23 -9.60
CA ILE L 7 12.84 6.30 -8.73
C ILE L 7 13.34 7.47 -9.58
N ILE A 1 -5.97 12.91 9.19
CA ILE A 1 -7.06 11.94 9.47
C ILE A 1 -6.48 10.53 9.56
N HIS A 2 -7.06 9.72 10.44
CA HIS A 2 -6.65 8.36 10.61
C HIS A 2 -7.78 7.46 10.14
N VAL A 3 -7.52 6.59 9.18
CA VAL A 3 -8.54 5.65 8.71
C VAL A 3 -8.07 4.22 8.97
N HIS A 4 -8.83 3.46 9.74
CA HIS A 4 -8.48 2.09 10.03
C HIS A 4 -9.54 1.14 9.52
N LEU A 5 -9.09 0.09 8.80
CA LEU A 5 -10.00 -0.91 8.26
C LEU A 5 -9.67 -2.29 8.82
N GLN A 6 -10.65 -2.90 9.48
CA GLN A 6 -10.49 -4.24 10.02
C GLN A 6 -11.67 -5.07 9.55
N ILE A 7 -11.39 -6.10 8.76
CA ILE A 7 -12.46 -6.94 8.22
C ILE A 7 -12.04 -8.40 8.19
N ILE B 1 -1.58 12.05 7.59
CA ILE B 1 -2.70 11.08 7.37
C ILE B 1 -2.17 9.66 7.53
N HIS B 2 -2.78 8.89 8.44
CA HIS B 2 -2.36 7.51 8.63
C HIS B 2 -3.47 6.57 8.14
N VAL B 3 -3.14 5.68 7.21
CA VAL B 3 -4.11 4.71 6.71
C VAL B 3 -3.68 3.30 7.10
N HIS B 4 -4.55 2.55 7.79
CA HIS B 4 -4.23 1.18 8.20
C HIS B 4 -5.21 0.19 7.56
N LEU B 5 -4.69 -0.87 6.93
CA LEU B 5 -5.56 -1.89 6.31
C LEU B 5 -5.27 -3.27 6.91
N GLN B 6 -6.32 -3.91 7.42
CA GLN B 6 -6.17 -5.25 8.00
C GLN B 6 -7.34 -6.12 7.56
N ILE B 7 -7.05 -7.17 6.79
CA ILE B 7 -8.10 -8.07 6.30
C ILE B 7 -7.71 -9.53 6.50
N ILE C 1 2.75 10.82 5.32
CA ILE C 1 1.65 9.85 5.58
C ILE C 1 2.23 8.45 5.76
N HIS C 2 1.57 7.67 6.61
CA HIS C 2 1.97 6.31 6.82
C HIS C 2 0.88 5.39 6.30
N VAL C 3 1.23 4.50 5.38
CA VAL C 3 0.25 3.53 4.87
C VAL C 3 0.73 2.14 5.21
N HIS C 4 -0.06 1.37 5.96
CA HIS C 4 0.30 0.02 6.29
C HIS C 4 -0.72 -0.97 5.76
N LEU C 5 -0.22 -2.02 5.10
CA LEU C 5 -1.10 -3.05 4.53
C LEU C 5 -0.79 -4.42 5.14
N GLN C 6 -1.80 -5.02 5.76
CA GLN C 6 -1.66 -6.35 6.34
C GLN C 6 -2.82 -7.21 5.84
N ILE C 7 -2.49 -8.24 5.09
CA ILE C 7 -3.51 -9.11 4.52
C ILE C 7 -3.06 -10.57 4.53
N ILE D 1 7.15 10.03 3.52
CA ILE D 1 6.05 9.04 3.30
C ILE D 1 6.58 7.63 3.50
N HIS D 2 5.96 6.89 4.43
CA HIS D 2 6.39 5.51 4.67
C HIS D 2 5.30 4.56 4.20
N VAL D 3 5.64 3.64 3.30
CA VAL D 3 4.69 2.64 2.81
C VAL D 3 5.13 1.25 3.25
N HIS D 4 4.25 0.52 3.95
CA HIS D 4 4.60 -0.83 4.41
C HIS D 4 3.64 -1.86 3.78
N LEU D 5 4.18 -2.93 3.18
CA LEU D 5 3.35 -3.98 2.58
C LEU D 5 3.63 -5.33 3.23
N GLN D 6 2.59 -5.97 3.75
CA GLN D 6 2.73 -7.28 4.37
C GLN D 6 1.57 -8.17 3.93
N ILE D 7 1.89 -9.24 3.21
CA ILE D 7 0.85 -10.15 2.72
C ILE D 7 1.24 -11.60 2.97
N ILE E 1 11.49 8.81 1.28
CA ILE E 1 10.38 7.84 1.54
C ILE E 1 10.97 6.46 1.78
N HIS E 2 10.30 5.69 2.63
CA HIS E 2 10.71 4.34 2.91
C HIS E 2 9.64 3.40 2.38
N VAL E 3 10.02 2.48 1.49
CA VAL E 3 9.07 1.49 0.99
C VAL E 3 9.56 0.10 1.37
N HIS E 4 8.75 -0.64 2.12
CA HIS E 4 9.11 -1.98 2.51
C HIS E 4 8.13 -3.01 1.97
N LEU E 5 8.66 -4.07 1.35
CA LEU E 5 7.81 -5.13 0.81
C LEU E 5 8.12 -6.46 1.45
N GLN E 6 7.10 -7.06 2.07
CA GLN E 6 7.24 -8.37 2.70
C GLN E 6 6.11 -9.26 2.21
N ILE E 7 6.49 -10.31 1.48
CA ILE E 7 5.50 -11.22 0.92
C ILE E 7 5.98 -12.67 0.97
N ILE F 1 15.81 8.07 -0.68
CA ILE F 1 14.73 7.07 -0.92
C ILE F 1 15.26 5.67 -0.64
N HIS F 2 14.67 4.97 0.32
CA HIS F 2 15.10 3.61 0.63
C HIS F 2 14.04 2.63 0.18
N VAL F 3 14.43 1.67 -0.66
CA VAL F 3 13.50 0.65 -1.13
C VAL F 3 13.96 -0.72 -0.61
N HIS F 4 13.08 -1.44 0.09
CA HIS F 4 13.44 -2.77 0.62
C HIS F 4 12.52 -3.84 0.02
N LEU F 5 13.11 -4.93 -0.51
CA LEU F 5 12.33 -6.02 -1.11
C LEU F 5 12.61 -7.32 -0.38
N GLN F 6 11.55 -7.96 0.14
CA GLN F 6 11.68 -9.23 0.83
C GLN F 6 10.54 -10.15 0.39
N ILE F 7 10.90 -11.25 -0.27
CA ILE F 7 9.90 -12.20 -0.77
C ILE F 7 10.31 -13.62 -0.43
N ILE G 1 -15.09 -7.72 -0.20
CA ILE G 1 -15.57 -6.36 0.18
C ILE G 1 -14.72 -5.30 -0.52
N HIS G 2 -15.37 -4.19 -0.87
CA HIS G 2 -14.69 -3.10 -1.50
C HIS G 2 -14.71 -1.91 -0.54
N VAL G 3 -13.52 -1.39 -0.19
CA VAL G 3 -13.45 -0.22 0.67
C VAL G 3 -12.79 0.91 -0.08
N HIS G 4 -13.48 2.04 -0.22
CA HIS G 4 -12.93 3.19 -0.90
C HIS G 4 -12.82 4.38 0.03
N LEU G 5 -11.66 5.02 0.05
CA LEU G 5 -11.44 6.20 0.89
C LEU G 5 -11.08 7.40 0.03
N GLN G 6 -11.89 8.45 0.15
CA GLN G 6 -11.64 9.70 -0.57
C GLN G 6 -11.70 10.83 0.42
N ILE G 7 -10.58 11.52 0.61
CA ILE G 7 -10.51 12.61 1.59
C ILE G 7 -9.66 13.76 1.08
N ILE H 1 -11.00 -8.94 -2.25
CA ILE H 1 -11.13 -7.67 -1.50
C ILE H 1 -10.37 -6.57 -2.22
N HIS H 2 -11.06 -5.47 -2.56
CA HIS H 2 -10.40 -4.35 -3.23
C HIS H 2 -10.35 -3.16 -2.27
N VAL H 3 -9.16 -2.64 -2.00
CA VAL H 3 -9.02 -1.46 -1.14
C VAL H 3 -8.48 -0.30 -1.95
N HIS H 4 -9.17 0.84 -1.96
CA HIS H 4 -8.72 2.02 -2.70
C HIS H 4 -8.49 3.19 -1.75
N LEU H 5 -7.31 3.85 -1.84
CA LEU H 5 -7.01 4.99 -0.98
C LEU H 5 -6.71 6.22 -1.83
N GLN H 6 -7.44 7.31 -1.58
CA GLN H 6 -7.22 8.56 -2.32
C GLN H 6 -7.28 9.72 -1.34
N ILE H 7 -6.17 10.43 -1.19
CA ILE H 7 -6.12 11.57 -0.26
C ILE H 7 -5.43 12.77 -0.93
N ILE I 1 -6.31 -9.93 -3.87
CA ILE I 1 -6.79 -8.58 -3.46
C ILE I 1 -6.01 -7.51 -4.23
N HIS I 2 -6.69 -6.40 -4.49
CA HIS I 2 -6.06 -5.29 -5.16
C HIS I 2 -5.99 -4.12 -4.20
N VAL I 3 -4.79 -3.60 -3.94
CA VAL I 3 -4.65 -2.43 -3.07
C VAL I 3 -4.03 -1.31 -3.88
N HIS I 4 -4.74 -0.18 -3.98
CA HIS I 4 -4.22 0.96 -4.70
C HIS I 4 -4.06 2.16 -3.79
N LEU I 5 -2.89 2.80 -3.84
CA LEU I 5 -2.63 3.98 -3.02
C LEU I 5 -2.32 5.19 -3.89
N GLN I 6 -3.12 6.24 -3.73
CA GLN I 6 -2.91 7.49 -4.46
C GLN I 6 -2.93 8.63 -3.45
N ILE I 7 -1.80 9.31 -3.34
CA ILE I 7 -1.68 10.41 -2.37
C ILE I 7 -0.83 11.55 -2.94
N ILE J 1 -2.12 -11.24 -5.80
CA ILE J 1 -2.24 -9.96 -5.04
C ILE J 1 -1.51 -8.86 -5.81
N HIS J 2 -2.22 -7.79 -6.15
CA HIS J 2 -1.59 -6.67 -6.85
C HIS J 2 -1.54 -5.46 -5.92
N VAL J 3 -0.35 -4.92 -5.69
CA VAL J 3 -0.20 -3.73 -4.86
C VAL J 3 0.32 -2.57 -5.71
N HIS J 4 -0.40 -1.45 -5.71
CA HIS J 4 0.03 -0.28 -6.50
C HIS J 4 0.28 0.92 -5.58
N LEU J 5 1.45 1.57 -5.73
CA LEU J 5 1.77 2.74 -4.89
C LEU J 5 2.04 3.95 -5.78
N GLN J 6 1.30 5.04 -5.53
CA GLN J 6 1.47 6.27 -6.29
C GLN J 6 1.42 7.45 -5.34
N ILE J 7 2.54 8.17 -5.22
CA ILE J 7 2.61 9.32 -4.31
C ILE J 7 3.26 10.52 -5.02
N ILE K 1 2.54 -12.26 -7.43
CA ILE K 1 2.08 -10.91 -7.02
C ILE K 1 2.80 -9.85 -7.84
N HIS K 2 2.11 -8.75 -8.09
CA HIS K 2 2.70 -7.64 -8.80
C HIS K 2 2.79 -6.46 -7.84
N VAL K 3 4.00 -5.94 -7.64
CA VAL K 3 4.17 -4.74 -6.81
C VAL K 3 4.74 -3.62 -7.66
N HIS K 4 4.03 -2.50 -7.74
CA HIS K 4 4.51 -1.37 -8.50
C HIS K 4 4.69 -0.14 -7.61
N LEU K 5 5.86 0.49 -7.73
CA LEU K 5 6.15 1.69 -6.95
C LEU K 5 6.41 2.88 -7.84
N GLN K 6 5.61 3.93 -7.67
CA GLN K 6 5.78 5.17 -8.43
C GLN K 6 5.79 6.34 -7.46
N ILE K 7 6.93 7.01 -7.38
CA ILE K 7 7.08 8.13 -6.46
C ILE K 7 7.92 9.25 -7.07
N ILE L 1 6.78 -13.58 -9.20
CA ILE L 1 6.70 -12.29 -8.45
C ILE L 1 7.38 -11.20 -9.25
N HIS L 2 6.63 -10.18 -9.63
CA HIS L 2 7.21 -9.06 -10.39
C HIS L 2 7.28 -7.83 -9.50
N VAL L 3 8.47 -7.26 -9.35
CA VAL L 3 8.65 -6.05 -8.55
C VAL L 3 9.10 -4.91 -9.47
N HIS L 4 8.36 -3.79 -9.47
CA HIS L 4 8.74 -2.64 -10.31
C HIS L 4 9.04 -1.42 -9.44
N LEU L 5 10.18 -0.77 -9.67
CA LEU L 5 10.55 0.43 -8.89
C LEU L 5 10.74 1.63 -9.82
N GLN L 6 10.00 2.69 -9.54
CA GLN L 6 10.09 3.91 -10.34
C GLN L 6 10.08 5.12 -9.41
N ILE L 7 11.19 5.86 -9.38
CA ILE L 7 11.31 7.02 -8.51
C ILE L 7 11.88 8.22 -9.27
N ILE A 1 -5.89 13.16 9.48
CA ILE A 1 -7.03 12.20 9.36
C ILE A 1 -6.51 10.78 9.49
N HIS A 2 -7.12 10.00 10.39
CA HIS A 2 -6.72 8.63 10.59
C HIS A 2 -7.85 7.72 10.13
N VAL A 3 -7.55 6.82 9.19
CA VAL A 3 -8.54 5.85 8.71
C VAL A 3 -8.08 4.44 9.01
N HIS A 4 -8.87 3.68 9.74
CA HIS A 4 -8.53 2.32 10.07
C HIS A 4 -9.53 1.32 9.50
N LEU A 5 -9.00 0.28 8.85
CA LEU A 5 -9.84 -0.78 8.27
C LEU A 5 -9.49 -2.11 8.93
N GLN A 6 -10.48 -2.74 9.54
CA GLN A 6 -10.27 -4.04 10.17
C GLN A 6 -11.45 -4.95 9.85
N ILE A 7 -11.22 -5.93 8.98
CA ILE A 7 -12.28 -6.86 8.59
C ILE A 7 -11.77 -8.30 8.68
N ILE B 1 -1.68 12.08 7.49
CA ILE B 1 -2.78 11.10 7.28
C ILE B 1 -2.23 9.70 7.52
N HIS B 2 -2.86 8.96 8.45
CA HIS B 2 -2.42 7.59 8.71
C HIS B 2 -3.50 6.63 8.24
N VAL B 3 -3.13 5.69 7.36
CA VAL B 3 -4.07 4.68 6.88
C VAL B 3 -3.60 3.30 7.32
N HIS B 4 -4.48 2.56 8.01
CA HIS B 4 -4.14 1.21 8.47
C HIS B 4 -5.08 0.21 7.79
N LEU B 5 -4.53 -0.84 7.18
CA LEU B 5 -5.36 -1.83 6.48
C LEU B 5 -5.09 -3.23 7.03
N GLN B 6 -6.07 -3.80 7.72
CA GLN B 6 -5.92 -5.15 8.28
C GLN B 6 -7.10 -6.00 7.82
N ILE B 7 -6.81 -7.02 7.03
CA ILE B 7 -7.87 -7.91 6.53
C ILE B 7 -7.42 -9.36 6.61
N ILE C 1 2.80 10.90 5.81
CA ILE C 1 1.68 9.95 5.57
C ILE C 1 2.18 8.52 5.78
N HIS C 2 1.47 7.75 6.61
CA HIS C 2 1.85 6.38 6.87
C HIS C 2 0.79 5.46 6.30
N VAL C 3 1.18 4.55 5.41
CA VAL C 3 0.24 3.58 4.84
C VAL C 3 0.69 2.18 5.21
N HIS C 4 -0.17 1.41 5.88
CA HIS C 4 0.17 0.05 6.24
C HIS C 4 -0.77 -0.95 5.61
N LEU C 5 -0.20 -1.99 4.99
CA LEU C 5 -0.98 -3.06 4.37
C LEU C 5 -0.67 -4.39 5.04
N GLN C 6 -1.71 -5.02 5.60
CA GLN C 6 -1.56 -6.31 6.25
C GLN C 6 -2.72 -7.23 5.84
N ILE C 7 -2.41 -8.21 4.99
CA ILE C 7 -3.43 -9.15 4.53
C ILE C 7 -2.92 -10.59 4.66
N ILE D 1 7.04 9.99 3.49
CA ILE D 1 5.96 8.99 3.24
C ILE D 1 6.52 7.60 3.50
N HIS D 2 5.90 6.88 4.44
CA HIS D 2 6.33 5.52 4.75
C HIS D 2 5.27 4.54 4.28
N VAL D 3 5.67 3.59 3.43
CA VAL D 3 4.76 2.56 2.94
C VAL D 3 5.22 1.19 3.44
N HIS D 4 4.33 0.46 4.10
CA HIS D 4 4.67 -0.88 4.59
C HIS D 4 3.77 -1.91 3.92
N LEU D 5 4.35 -2.96 3.33
CA LEU D 5 3.56 -3.98 2.63
C LEU D 5 3.82 -5.36 3.22
N GLN D 6 2.82 -5.91 3.89
CA GLN D 6 2.94 -7.24 4.49
C GLN D 6 1.79 -8.12 4.01
N ILE D 7 2.13 -9.16 3.27
CA ILE D 7 1.11 -10.08 2.74
C ILE D 7 1.58 -11.52 2.86
N ILE E 1 11.53 8.83 1.82
CA ILE E 1 10.42 7.87 1.55
C ILE E 1 10.92 6.45 1.81
N HIS E 2 10.19 5.70 2.65
CA HIS E 2 10.57 4.34 2.95
C HIS E 2 9.53 3.39 2.37
N VAL E 3 9.97 2.46 1.51
CA VAL E 3 9.07 1.47 0.92
C VAL E 3 9.51 0.08 1.33
N HIS E 4 8.63 -0.68 2.00
CA HIS E 4 8.98 -2.02 2.39
C HIS E 4 8.07 -3.06 1.75
N LEU E 5 8.69 -4.09 1.17
CA LEU E 5 7.95 -5.19 0.54
C LEU E 5 8.24 -6.50 1.25
N GLN E 6 7.19 -7.12 1.80
CA GLN E 6 7.34 -8.40 2.49
C GLN E 6 6.22 -9.33 2.06
N ILE E 7 6.57 -10.32 1.24
CA ILE E 7 5.58 -11.29 0.75
C ILE E 7 6.14 -12.70 0.92
N ILE F 1 15.68 8.02 -0.66
CA ILE F 1 14.65 6.99 -0.96
C ILE F 1 15.18 5.61 -0.62
N HIS F 2 14.57 4.95 0.36
CA HIS F 2 15.01 3.60 0.73
C HIS F 2 13.99 2.59 0.25
N VAL F 3 14.44 1.62 -0.56
CA VAL F 3 13.55 0.56 -1.05
C VAL F 3 14.01 -0.78 -0.48
N HIS F 4 13.10 -1.52 0.16
CA HIS F 4 13.46 -2.83 0.72
C HIS F 4 12.61 -3.91 0.04
N LEU F 5 13.26 -4.96 -0.48
CA LEU F 5 12.55 -6.04 -1.19
C LEU F 5 12.79 -7.36 -0.51
N GLN F 6 11.75 -7.93 0.10
CA GLN F 6 11.86 -9.22 0.77
C GLN F 6 10.75 -10.13 0.28
N ILE F 7 11.14 -11.19 -0.41
CA ILE F 7 10.17 -12.14 -0.95
C ILE F 7 10.66 -13.57 -0.75
N ILE G 1 -15.44 -7.82 -0.10
CA ILE G 1 -15.62 -6.53 0.62
C ILE G 1 -14.84 -5.43 -0.09
N HIS G 2 -15.52 -4.33 -0.40
CA HIS G 2 -14.89 -3.21 -1.06
C HIS G 2 -14.86 -2.02 -0.11
N VAL G 3 -13.66 -1.51 0.16
CA VAL G 3 -13.52 -0.33 1.03
C VAL G 3 -12.89 0.82 0.25
N HIS G 4 -13.58 1.95 0.19
CA HIS G 4 -13.07 3.10 -0.53
C HIS G 4 -12.85 4.29 0.39
N LEU G 5 -11.67 4.89 0.28
CA LEU G 5 -11.33 6.08 1.08
C LEU G 5 -11.06 7.25 0.15
N GLN G 6 -11.81 8.33 0.32
CA GLN G 6 -11.62 9.53 -0.49
C GLN G 6 -11.71 10.75 0.41
N ILE G 7 -10.57 11.39 0.67
CA ILE G 7 -10.54 12.58 1.53
C ILE G 7 -9.73 13.69 0.86
N ILE H 1 -11.14 -8.96 -1.83
CA ILE H 1 -11.25 -7.66 -1.10
C ILE H 1 -10.52 -6.59 -1.90
N HIS H 2 -11.24 -5.51 -2.24
CA HIS H 2 -10.61 -4.42 -2.97
C HIS H 2 -10.53 -3.19 -2.06
N VAL H 3 -9.32 -2.66 -1.88
CA VAL H 3 -9.14 -1.46 -1.07
C VAL H 3 -8.63 -0.32 -1.94
N HIS H 4 -9.33 0.81 -1.93
CA HIS H 4 -8.90 1.98 -2.73
C HIS H 4 -8.59 3.14 -1.78
N LEU H 5 -7.41 3.75 -1.93
CA LEU H 5 -7.02 4.85 -1.04
C LEU H 5 -6.69 6.10 -1.85
N GLN H 6 -7.52 7.12 -1.74
CA GLN H 6 -7.29 8.38 -2.47
C GLN H 6 -7.33 9.54 -1.49
N ILE H 7 -6.18 10.20 -1.32
CA ILE H 7 -6.10 11.33 -0.39
C ILE H 7 -5.31 12.47 -1.03
N ILE I 1 -6.79 -9.96 -4.01
CA ILE I 1 -6.92 -8.69 -3.25
C ILE I 1 -6.19 -7.57 -3.99
N HIS I 2 -6.89 -6.45 -4.20
CA HIS I 2 -6.30 -5.32 -4.88
C HIS I 2 -6.17 -4.16 -3.91
N VAL I 3 -4.93 -3.66 -3.73
CA VAL I 3 -4.71 -2.51 -2.86
C VAL I 3 -4.14 -1.36 -3.68
N HIS I 4 -4.81 -0.21 -3.68
CA HIS I 4 -4.32 0.93 -4.41
C HIS I 4 -4.03 2.12 -3.50
N LEU I 5 -2.84 2.70 -3.65
CA LEU I 5 -2.45 3.87 -2.86
C LEU I 5 -2.20 5.06 -3.78
N GLN I 6 -2.95 6.14 -3.55
CA GLN I 6 -2.80 7.36 -4.34
C GLN I 6 -2.82 8.57 -3.41
N ILE I 7 -1.66 9.18 -3.21
CA ILE I 7 -1.56 10.36 -2.33
C ILE I 7 -0.79 11.47 -3.04
N ILE J 1 -2.32 -11.20 -5.61
CA ILE J 1 -2.36 -9.91 -4.86
C ILE J 1 -1.67 -8.83 -5.67
N HIS J 2 -2.41 -7.77 -6.02
CA HIS J 2 -1.81 -6.67 -6.78
C HIS J 2 -1.72 -5.45 -5.88
N VAL J 3 -0.50 -4.92 -5.73
CA VAL J 3 -0.29 -3.72 -4.92
C VAL J 3 0.18 -2.58 -5.83
N HIS J 4 -0.51 -1.44 -5.79
CA HIS J 4 -0.11 -0.29 -6.61
C HIS J 4 0.24 0.87 -5.67
N LEU J 5 1.41 1.48 -5.87
CA LEU J 5 1.84 2.59 -5.00
C LEU J 5 2.14 3.83 -5.83
N GLN J 6 1.30 4.85 -5.69
CA GLN J 6 1.49 6.11 -6.42
C GLN J 6 1.49 7.26 -5.43
N ILE J 7 2.63 7.95 -5.34
CA ILE J 7 2.77 9.07 -4.42
C ILE J 7 3.53 10.21 -5.08
N ILE K 1 2.11 -12.24 -7.74
CA ILE K 1 2.00 -10.97 -6.97
C ILE K 1 2.66 -9.84 -7.74
N HIS K 2 1.94 -8.73 -7.93
CA HIS K 2 2.50 -7.60 -8.64
C HIS K 2 2.67 -6.43 -7.68
N VAL K 3 3.90 -5.91 -7.55
CA VAL K 3 4.17 -4.76 -6.70
C VAL K 3 4.69 -3.60 -7.54
N HIS K 4 4.02 -2.46 -7.52
CA HIS K 4 4.47 -1.33 -8.28
C HIS K 4 4.80 -0.13 -7.39
N LEU K 5 5.99 0.45 -7.60
CA LEU K 5 6.42 1.62 -6.83
C LEU K 5 6.63 2.81 -7.75
N GLN K 6 5.87 3.87 -7.52
CA GLN K 6 5.98 5.09 -8.32
C GLN K 6 5.99 6.30 -7.40
N ILE K 7 7.15 6.92 -7.24
CA ILE K 7 7.30 8.10 -6.38
C ILE K 7 8.05 9.19 -7.14
N ILE L 1 6.44 -13.43 -9.13
CA ILE L 1 6.48 -12.15 -8.37
C ILE L 1 7.11 -11.07 -9.25
N HIS L 2 6.34 -10.04 -9.60
CA HIS L 2 6.88 -8.96 -10.41
C HIS L 2 7.03 -7.72 -9.53
N VAL L 3 8.24 -7.18 -9.48
CA VAL L 3 8.51 -5.97 -8.71
C VAL L 3 8.92 -4.85 -9.66
N HIS L 4 8.24 -3.70 -9.59
CA HIS L 4 8.58 -2.55 -10.46
C HIS L 4 9.01 -1.38 -9.58
N LEU L 5 10.17 -0.79 -9.88
CA LEU L 5 10.68 0.34 -9.08
C LEU L 5 10.88 1.57 -9.96
N GLN L 6 10.05 2.59 -9.76
CA GLN L 6 10.17 3.82 -10.53
C GLN L 6 10.23 5.01 -9.57
N ILE L 7 11.38 5.67 -9.54
CA ILE L 7 11.57 6.81 -8.66
C ILE L 7 12.29 7.94 -9.39
N ILE A 1 -6.24 13.11 9.77
CA ILE A 1 -7.33 12.13 9.53
C ILE A 1 -6.77 10.71 9.67
N HIS A 2 -7.39 9.92 10.56
CA HIS A 2 -6.97 8.57 10.77
C HIS A 2 -8.06 7.62 10.30
N VAL A 3 -7.71 6.70 9.40
CA VAL A 3 -8.67 5.72 8.90
C VAL A 3 -8.20 4.33 9.26
N HIS A 4 -9.03 3.56 9.98
CA HIS A 4 -8.71 2.21 10.33
C HIS A 4 -9.71 1.24 9.73
N LEU A 5 -9.20 0.20 9.07
CA LEU A 5 -10.08 -0.80 8.47
C LEU A 5 -9.57 -2.21 8.76
N GLN A 6 -10.28 -2.92 9.62
CA GLN A 6 -9.90 -4.30 9.96
C GLN A 6 -10.85 -5.28 9.28
N ILE A 7 -10.34 -6.03 8.31
CA ILE A 7 -11.16 -7.00 7.57
C ILE A 7 -10.58 -8.40 7.74
N ILE B 1 -1.90 12.19 7.41
CA ILE B 1 -3.01 11.21 7.24
C ILE B 1 -2.48 9.80 7.44
N HIS B 2 -3.05 9.09 8.42
CA HIS B 2 -2.62 7.71 8.67
C HIS B 2 -3.74 6.75 8.27
N VAL B 3 -3.44 5.81 7.37
CA VAL B 3 -4.43 4.81 6.97
C VAL B 3 -3.93 3.43 7.37
N HIS B 4 -4.74 2.68 8.12
CA HIS B 4 -4.36 1.33 8.55
C HIS B 4 -5.35 0.30 7.99
N LEU B 5 -4.84 -0.76 7.36
CA LEU B 5 -5.71 -1.82 6.83
C LEU B 5 -5.14 -3.18 7.15
N GLN B 6 -5.98 -4.05 7.73
CA GLN B 6 -5.56 -5.40 8.07
C GLN B 6 -6.46 -6.40 7.38
N ILE B 7 -5.91 -7.11 6.39
CA ILE B 7 -6.69 -8.11 5.65
C ILE B 7 -6.08 -9.50 5.84
N ILE C 1 2.44 11.05 5.85
CA ILE C 1 1.38 10.06 5.54
C ILE C 1 1.92 8.65 5.75
N HIS C 2 1.23 7.88 6.60
CA HIS C 2 1.63 6.53 6.88
C HIS C 2 0.60 5.56 6.35
N VAL C 3 1.04 4.61 5.52
CA VAL C 3 0.13 3.61 4.98
C VAL C 3 0.56 2.23 5.41
N HIS C 4 -0.33 1.50 6.09
CA HIS C 4 -0.03 0.15 6.50
C HIS C 4 -0.98 -0.83 5.86
N LEU C 5 -0.41 -1.89 5.27
CA LEU C 5 -1.21 -2.91 4.61
C LEU C 5 -0.72 -4.30 4.98
N GLN C 6 -1.49 -5.00 5.81
CA GLN C 6 -1.11 -6.36 6.20
C GLN C 6 -2.02 -7.37 5.50
N ILE C 7 -1.44 -8.17 4.61
CA ILE C 7 -2.20 -9.17 3.86
C ILE C 7 -1.62 -10.56 4.10
N ILE D 1 6.69 10.22 3.29
CA ILE D 1 5.62 9.22 3.09
C ILE D 1 6.17 7.81 3.33
N HIS D 2 5.61 7.11 4.31
CA HIS D 2 6.06 5.75 4.61
C HIS D 2 4.96 4.76 4.23
N VAL D 3 5.28 3.80 3.36
CA VAL D 3 4.31 2.77 2.99
C VAL D 3 4.83 1.40 3.44
N HIS D 4 4.01 0.68 4.21
CA HIS D 4 4.40 -0.65 4.70
C HIS D 4 3.44 -1.71 4.16
N LEU D 5 3.98 -2.78 3.57
CA LEU D 5 3.15 -3.87 3.05
C LEU D 5 3.72 -5.21 3.44
N GLN D 6 2.87 -6.06 4.02
CA GLN D 6 3.31 -7.41 4.41
C GLN D 6 2.43 -8.45 3.74
N ILE D 7 3.01 -9.17 2.78
CA ILE D 7 2.27 -10.21 2.06
C ILE D 7 2.89 -11.58 2.32
N ILE E 1 11.12 9.03 1.76
CA ILE E 1 10.06 8.03 1.45
C ILE E 1 10.59 6.63 1.72
N HIS E 2 9.89 5.88 2.56
CA HIS E 2 10.30 4.53 2.89
C HIS E 2 9.28 3.52 2.35
N VAL E 3 9.75 2.57 1.54
CA VAL E 3 8.87 1.54 1.02
C VAL E 3 9.30 0.17 1.50
N HIS E 4 8.41 -0.56 2.17
CA HIS E 4 8.71 -1.88 2.61
C HIS E 4 7.76 -2.89 1.97
N LEU E 5 8.35 -3.95 1.41
CA LEU E 5 7.57 -5.00 0.78
C LEU E 5 8.08 -6.37 1.18
N GLN E 6 7.30 -7.06 2.03
CA GLN E 6 7.69 -8.40 2.45
C GLN E 6 6.80 -9.43 1.78
N ILE E 7 7.40 -10.26 0.92
CA ILE E 7 6.65 -11.28 0.19
C ILE E 7 7.23 -12.66 0.48
N ILE F 1 15.34 8.05 -0.51
CA ILE F 1 14.28 7.04 -0.80
C ILE F 1 14.83 5.63 -0.56
N HIS F 2 14.27 4.93 0.43
CA HIS F 2 14.73 3.56 0.71
C HIS F 2 13.64 2.57 0.31
N VAL F 3 14.00 1.61 -0.54
CA VAL F 3 13.06 0.57 -0.96
C VAL F 3 13.55 -0.79 -0.45
N HIS F 4 12.69 -1.51 0.28
CA HIS F 4 13.06 -2.83 0.79
C HIS F 4 12.13 -3.90 0.21
N LEU F 5 12.70 -4.98 -0.34
CA LEU F 5 11.89 -6.06 -0.91
C LEU F 5 12.45 -7.40 -0.49
N GLN F 6 11.59 -8.25 0.06
CA GLN F 6 12.02 -9.59 0.49
C GLN F 6 11.18 -10.64 -0.23
N ILE F 7 11.80 -11.34 -1.18
CA ILE F 7 11.10 -12.38 -1.94
C ILE F 7 11.70 -13.75 -1.65
N ILE G 1 -15.72 -7.62 -0.14
CA ILE G 1 -15.82 -6.34 0.62
C ILE G 1 -15.04 -5.26 -0.11
N HIS G 2 -15.73 -4.15 -0.41
CA HIS G 2 -15.10 -3.04 -1.10
C HIS G 2 -15.04 -1.85 -0.16
N VAL G 3 -13.84 -1.31 0.05
CA VAL G 3 -13.67 -0.13 0.90
C VAL G 3 -13.11 1.01 0.08
N HIS G 4 -13.82 2.14 0.04
CA HIS G 4 -13.34 3.30 -0.66
C HIS G 4 -13.14 4.47 0.29
N LEU G 5 -11.97 5.10 0.19
CA LEU G 5 -11.66 6.24 1.04
C LEU G 5 -11.02 7.35 0.23
N GLN G 6 -11.75 8.44 0.04
CA GLN G 6 -11.21 9.58 -0.70
C GLN G 6 -10.92 10.73 0.26
N ILE G 7 -9.63 11.03 0.44
CA ILE G 7 -9.22 12.10 1.35
C ILE G 7 -8.44 13.17 0.58
N ILE H 1 -11.17 -8.97 -1.64
CA ILE H 1 -11.34 -7.68 -0.92
C ILE H 1 -10.61 -6.58 -1.68
N HIS H 2 -11.35 -5.54 -2.08
CA HIS H 2 -10.73 -4.43 -2.80
C HIS H 2 -10.75 -3.19 -1.92
N VAL H 3 -9.56 -2.62 -1.65
CA VAL H 3 -9.47 -1.38 -0.86
C VAL H 3 -8.91 -0.27 -1.74
N HIS H 4 -9.61 0.85 -1.81
CA HIS H 4 -9.16 2.00 -2.61
C HIS H 4 -8.95 3.22 -1.71
N LEU H 5 -7.78 3.87 -1.82
CA LEU H 5 -7.50 5.06 -1.02
C LEU H 5 -6.84 6.14 -1.87
N GLN H 6 -7.41 7.34 -1.84
CA GLN H 6 -6.87 8.46 -2.61
C GLN H 6 -6.53 9.61 -1.68
N ILE H 7 -5.23 9.85 -1.49
CA ILE H 7 -4.77 10.92 -0.61
C ILE H 7 -4.00 11.97 -1.42
N ILE I 1 -7.01 -9.91 -3.78
CA ILE I 1 -7.06 -8.65 -2.98
C ILE I 1 -6.35 -7.55 -3.74
N HIS I 2 -7.05 -6.44 -3.97
CA HIS I 2 -6.48 -5.32 -4.69
C HIS I 2 -6.33 -4.12 -3.78
N VAL I 3 -5.12 -3.60 -3.67
CA VAL I 3 -4.87 -2.42 -2.84
C VAL I 3 -4.37 -1.28 -3.69
N HIS I 4 -5.08 -0.15 -3.67
CA HIS I 4 -4.65 1.01 -4.40
C HIS I 4 -4.38 2.17 -3.46
N LEU I 5 -3.20 2.79 -3.63
CA LEU I 5 -2.82 3.92 -2.80
C LEU I 5 -2.25 5.03 -3.66
N GLN I 6 -3.00 6.12 -3.79
CA GLN I 6 -2.52 7.27 -4.57
C GLN I 6 -2.17 8.42 -3.63
N ILE I 7 -0.88 8.75 -3.55
CA ILE I 7 -0.42 9.83 -2.68
C ILE I 7 0.30 10.89 -3.49
N ILE J 1 -2.42 -11.30 -5.10
CA ILE J 1 -2.52 -10.01 -4.37
C ILE J 1 -1.82 -8.92 -5.17
N HIS J 2 -2.57 -7.89 -5.58
CA HIS J 2 -1.97 -6.78 -6.33
C HIS J 2 -1.95 -5.53 -5.47
N VAL J 3 -0.76 -4.94 -5.27
CA VAL J 3 -0.65 -3.69 -4.52
C VAL J 3 -0.13 -2.60 -5.44
N HIS J 4 -0.86 -1.48 -5.51
CA HIS J 4 -0.46 -0.35 -6.36
C HIS J 4 -0.21 0.89 -5.50
N LEU J 5 0.95 1.54 -5.67
CA LEU J 5 1.26 2.75 -4.91
C LEU J 5 1.85 3.82 -5.81
N GLN J 6 1.28 5.01 -5.77
CA GLN J 6 1.77 6.13 -6.58
C GLN J 6 2.14 7.29 -5.68
N ILE J 7 3.45 7.54 -5.56
CA ILE J 7 3.94 8.64 -4.72
C ILE J 7 4.66 9.68 -5.58
N ILE K 1 1.69 -12.21 -7.42
CA ILE K 1 1.70 -10.95 -6.62
C ILE K 1 2.36 -9.84 -7.43
N HIS K 2 1.64 -8.73 -7.62
CA HIS K 2 2.17 -7.61 -8.37
C HIS K 2 2.38 -6.41 -7.46
N VAL K 3 3.61 -5.90 -7.42
CA VAL K 3 3.90 -4.71 -6.61
C VAL K 3 4.35 -3.57 -7.49
N HIS K 4 3.65 -2.44 -7.43
CA HIS K 4 4.03 -1.28 -8.18
C HIS K 4 4.34 -0.12 -7.25
N LEU K 5 5.50 0.51 -7.48
CA LEU K 5 5.92 1.64 -6.68
C LEU K 5 6.47 2.75 -7.56
N GLN K 6 5.70 3.82 -7.70
CA GLN K 6 6.15 4.96 -8.49
C GLN K 6 6.54 6.12 -7.58
N ILE K 7 7.82 6.47 -7.57
CA ILE K 7 8.31 7.56 -6.73
C ILE K 7 8.99 8.63 -7.57
N ILE L 1 6.16 -13.39 -9.02
CA ILE L 1 6.15 -12.11 -8.26
C ILE L 1 6.85 -11.03 -9.06
N HIS L 2 6.10 -9.98 -9.45
CA HIS L 2 6.70 -8.87 -10.21
C HIS L 2 6.77 -7.63 -9.34
N VAL L 3 7.97 -7.06 -9.21
CA VAL L 3 8.14 -5.82 -8.44
C VAL L 3 8.60 -4.72 -9.37
N HIS L 4 7.87 -3.59 -9.36
CA HIS L 4 8.23 -2.44 -10.22
C HIS L 4 8.54 -1.23 -9.35
N LEU L 5 9.69 -0.60 -9.59
CA LEU L 5 10.07 0.60 -8.83
C LEU L 5 10.62 1.66 -9.75
N GLN L 6 10.08 2.87 -9.65
CA GLN L 6 10.54 3.99 -10.48
C GLN L 6 10.99 5.14 -9.58
N ILE L 7 12.30 5.35 -9.50
CA ILE L 7 12.85 6.42 -8.68
C ILE L 7 13.52 7.47 -9.55
N ILE A 1 -6.29 12.92 9.57
CA ILE A 1 -7.32 11.88 9.82
C ILE A 1 -6.67 10.49 9.86
N HIS A 2 -7.23 9.62 10.70
CA HIS A 2 -6.75 8.28 10.83
C HIS A 2 -7.82 7.33 10.32
N VAL A 3 -7.48 6.49 9.34
CA VAL A 3 -8.44 5.51 8.81
C VAL A 3 -7.93 4.11 9.06
N HIS A 4 -8.72 3.30 9.77
CA HIS A 4 -8.35 1.93 10.04
C HIS A 4 -9.36 0.97 9.44
N LEU A 5 -8.87 -0.04 8.72
CA LEU A 5 -9.75 -1.03 8.10
C LEU A 5 -9.49 -2.40 8.71
N GLN A 6 -10.47 -2.90 9.46
CA GLN A 6 -10.34 -4.23 10.08
C GLN A 6 -11.55 -5.06 9.69
N ILE A 7 -11.33 -6.02 8.79
CA ILE A 7 -12.43 -6.89 8.32
C ILE A 7 -11.92 -8.29 8.02
N ILE B 1 -1.88 12.21 7.70
CA ILE B 1 -2.93 11.20 7.45
C ILE B 1 -2.35 9.80 7.66
N HIS B 2 -2.95 9.02 8.56
CA HIS B 2 -2.46 7.65 8.78
C HIS B 2 -3.52 6.68 8.28
N VAL B 3 -3.14 5.81 7.34
CA VAL B 3 -4.07 4.80 6.84
C VAL B 3 -3.56 3.41 7.18
N HIS B 4 -4.39 2.62 7.85
CA HIS B 4 -4.00 1.25 8.22
C HIS B 4 -4.94 0.25 7.54
N LEU B 5 -4.38 -0.77 6.88
CA LEU B 5 -5.20 -1.77 6.17
C LEU B 5 -5.00 -3.14 6.83
N GLN B 6 -6.07 -3.70 7.38
CA GLN B 6 -5.98 -5.01 8.03
C GLN B 6 -7.20 -5.87 7.67
N ILE B 7 -6.95 -7.03 7.06
CA ILE B 7 -8.05 -7.92 6.67
C ILE B 7 -7.66 -9.38 6.90
N ILE C 1 2.44 11.02 5.42
CA ILE C 1 1.39 10.00 5.67
C ILE C 1 2.03 8.62 5.85
N HIS C 2 1.38 7.80 6.66
CA HIS C 2 1.84 6.45 6.89
C HIS C 2 0.82 5.47 6.32
N VAL C 3 1.25 4.60 5.40
CA VAL C 3 0.35 3.58 4.84
C VAL C 3 0.85 2.19 5.21
N HIS C 4 0.03 1.41 5.89
CA HIS C 4 0.41 0.06 6.24
C HIS C 4 -0.53 -0.96 5.61
N LEU C 5 0.04 -1.98 4.96
CA LEU C 5 -0.78 -3.01 4.33
C LEU C 5 -0.57 -4.35 5.01
N GLN C 6 -1.61 -4.86 5.67
CA GLN C 6 -1.52 -6.16 6.34
C GLN C 6 -2.70 -7.03 5.93
N ILE C 7 -2.42 -8.01 5.07
CA ILE C 7 -3.47 -8.90 4.58
C ILE C 7 -2.93 -10.31 4.37
N ILE D 1 6.85 10.19 3.53
CA ILE D 1 5.80 9.16 3.29
C ILE D 1 6.39 7.78 3.53
N HIS D 2 5.79 7.03 4.46
CA HIS D 2 6.29 5.66 4.71
C HIS D 2 5.23 4.67 4.24
N VAL D 3 5.62 3.78 3.34
CA VAL D 3 4.72 2.75 2.85
C VAL D 3 5.24 1.38 3.26
N HIS D 4 4.40 0.59 3.94
CA HIS D 4 4.81 -0.76 4.37
C HIS D 4 3.90 -1.80 3.70
N LEU D 5 4.49 -2.83 3.08
CA LEU D 5 3.69 -3.87 2.40
C LEU D 5 3.89 -5.22 3.10
N GLN D 6 2.81 -5.76 3.66
CA GLN D 6 2.89 -7.05 4.36
C GLN D 6 1.69 -7.92 4.00
N ILE D 7 1.96 -9.09 3.42
CA ILE D 7 0.87 -10.00 3.04
C ILE D 7 1.26 -11.46 3.32
N ILE E 1 11.23 8.98 1.31
CA ILE E 1 10.17 7.97 1.58
C ILE E 1 10.81 6.60 1.80
N HIS E 2 10.13 5.79 2.62
CA HIS E 2 10.60 4.45 2.88
C HIS E 2 9.57 3.46 2.32
N VAL E 3 10.02 2.56 1.44
CA VAL E 3 9.13 1.53 0.90
C VAL E 3 9.64 0.16 1.28
N HIS E 4 8.82 -0.63 1.98
CA HIS E 4 9.21 -1.96 2.36
C HIS E 4 8.29 -3.00 1.75
N LEU E 5 8.88 -4.03 1.12
CA LEU E 5 8.09 -5.09 0.51
C LEU E 5 8.32 -6.41 1.21
N GLN E 6 7.27 -6.92 1.89
CA GLN E 6 7.35 -8.19 2.59
C GLN E 6 6.17 -9.08 2.18
N ILE E 7 6.47 -10.07 1.35
CA ILE E 7 5.44 -10.98 0.86
C ILE E 7 6.01 -12.39 0.68
N ILE F 1 15.47 8.07 -0.73
CA ILE F 1 14.43 7.04 -1.00
C ILE F 1 15.00 5.66 -0.71
N HIS F 2 14.45 4.95 0.27
CA HIS F 2 14.94 3.61 0.57
C HIS F 2 13.92 2.59 0.11
N VAL F 3 14.35 1.66 -0.74
CA VAL F 3 13.47 0.60 -1.23
C VAL F 3 14.00 -0.75 -0.74
N HIS F 4 13.15 -1.53 -0.06
CA HIS F 4 13.57 -2.87 0.44
C HIS F 4 12.71 -3.95 -0.22
N LEU F 5 13.36 -4.99 -0.78
CA LEU F 5 12.62 -6.07 -1.47
C LEU F 5 12.79 -7.38 -0.70
N GLN F 6 11.70 -7.92 -0.17
CA GLN F 6 11.75 -9.19 0.59
C GLN F 6 10.56 -10.07 0.23
N ILE F 7 10.86 -11.26 -0.31
CA ILE F 7 9.81 -12.21 -0.71
C ILE F 7 10.21 -13.64 -0.35
N ILE G 1 -15.50 -7.67 0.04
CA ILE G 1 -15.90 -6.27 0.39
C ILE G 1 -14.97 -5.29 -0.33
N HIS G 2 -15.54 -4.14 -0.70
CA HIS G 2 -14.80 -3.10 -1.34
C HIS G 2 -14.73 -1.89 -0.41
N VAL G 3 -13.51 -1.44 -0.09
CA VAL G 3 -13.35 -0.27 0.78
C VAL G 3 -12.65 0.84 0.02
N HIS G 4 -13.30 1.99 -0.08
CA HIS G 4 -12.72 3.13 -0.76
C HIS G 4 -12.54 4.29 0.20
N LEU G 5 -11.34 4.88 0.20
CA LEU G 5 -11.06 6.02 1.07
C LEU G 5 -10.77 7.26 0.25
N GLN G 6 -11.69 8.22 0.28
CA GLN G 6 -11.51 9.48 -0.46
C GLN G 6 -11.65 10.64 0.50
N ILE G 7 -10.51 11.27 0.84
CA ILE G 7 -10.53 12.40 1.77
C ILE G 7 -9.46 13.43 1.41
N ILE H 1 -11.28 -8.94 -1.82
CA ILE H 1 -11.35 -7.65 -1.10
C ILE H 1 -10.57 -6.59 -1.89
N HIS H 2 -11.25 -5.50 -2.25
CA HIS H 2 -10.57 -4.42 -2.98
C HIS H 2 -10.47 -3.20 -2.07
N VAL H 3 -9.25 -2.72 -1.83
CA VAL H 3 -9.05 -1.52 -1.02
C VAL H 3 -8.44 -0.42 -1.86
N HIS H 4 -9.07 0.74 -1.88
CA HIS H 4 -8.56 1.88 -2.65
C HIS H 4 -8.25 3.04 -1.69
N LEU H 5 -7.04 3.63 -1.80
CA LEU H 5 -6.66 4.74 -0.92
C LEU H 5 -6.44 6.00 -1.75
N GLN H 6 -7.26 7.02 -1.53
CA GLN H 6 -7.13 8.28 -2.27
C GLN H 6 -7.26 9.47 -1.33
N ILE H 7 -6.22 10.31 -1.28
CA ILE H 7 -6.26 11.49 -0.40
C ILE H 7 -5.61 12.69 -1.08
N ILE I 1 -6.73 -9.91 -3.46
CA ILE I 1 -7.13 -8.52 -3.10
C ILE I 1 -6.32 -7.52 -3.91
N HIS I 2 -6.94 -6.37 -4.17
CA HIS I 2 -6.28 -5.31 -4.88
C HIS I 2 -6.09 -4.11 -3.94
N VAL I 3 -4.85 -3.66 -3.77
CA VAL I 3 -4.59 -2.48 -2.94
C VAL I 3 -3.99 -1.38 -3.78
N HIS I 4 -4.63 -0.22 -3.83
CA HIS I 4 -4.11 0.90 -4.57
C HIS I 4 -3.82 2.08 -3.66
N LEU I 5 -2.62 2.66 -3.78
CA LEU I 5 -2.25 3.81 -2.96
C LEU I 5 -2.05 5.04 -3.81
N GLN I 6 -2.93 6.03 -3.65
CA GLN I 6 -2.82 7.28 -4.42
C GLN I 6 -2.90 8.46 -3.45
N ILE I 7 -1.74 9.08 -3.21
CA ILE I 7 -1.66 10.21 -2.28
C ILE I 7 -0.64 11.23 -2.77
N ILE J 1 -2.53 -11.19 -5.35
CA ILE J 1 -2.56 -9.89 -4.63
C ILE J 1 -1.83 -8.84 -5.45
N HIS J 2 -2.51 -7.76 -5.83
CA HIS J 2 -1.86 -6.70 -6.59
C HIS J 2 -1.74 -5.46 -5.72
N VAL J 3 -0.51 -4.98 -5.53
CA VAL J 3 -0.29 -3.76 -4.75
C VAL J 3 0.29 -2.67 -5.64
N HIS J 4 -0.35 -1.50 -5.67
CA HIS J 4 0.13 -0.38 -6.49
C HIS J 4 0.49 0.80 -5.58
N LEU J 5 1.69 1.37 -5.75
CA LEU J 5 2.12 2.50 -4.91
C LEU J 5 2.30 3.75 -5.77
N GLN J 6 1.49 4.78 -5.52
CA GLN J 6 1.57 6.02 -6.29
C GLN J 6 1.46 7.24 -5.37
N ILE J 7 2.51 8.06 -5.35
CA ILE J 7 2.51 9.26 -4.50
C ILE J 7 3.13 10.45 -5.23
N ILE K 1 2.04 -12.15 -7.06
CA ILE K 1 1.64 -10.76 -6.69
C ILE K 1 2.40 -9.77 -7.55
N HIS K 2 1.77 -8.61 -7.78
CA HIS K 2 2.40 -7.55 -8.53
C HIS K 2 2.62 -6.35 -7.61
N VAL K 3 3.88 -5.89 -7.49
CA VAL K 3 4.18 -4.71 -6.68
C VAL K 3 4.74 -3.62 -7.56
N HIS K 4 4.10 -2.45 -7.60
CA HIS K 4 4.61 -1.35 -8.39
C HIS K 4 4.94 -0.16 -7.51
N LEU K 5 6.14 0.41 -7.70
CA LEU K 5 6.56 1.57 -6.92
C LEU K 5 6.72 2.79 -7.80
N GLN K 6 5.84 3.78 -7.62
CA GLN K 6 5.92 5.02 -8.39
C GLN K 6 5.88 6.21 -7.45
N ILE K 7 7.05 6.80 -7.26
CA ILE K 7 7.19 7.96 -6.37
C ILE K 7 8.23 8.93 -6.92
N ILE L 1 6.13 -13.52 -8.94
CA ILE L 1 6.16 -12.23 -8.21
C ILE L 1 6.86 -11.18 -9.07
N HIS L 2 6.13 -10.14 -9.47
CA HIS L 2 6.75 -9.08 -10.27
C HIS L 2 6.91 -7.83 -9.42
N VAL L 3 8.14 -7.34 -9.32
CA VAL L 3 8.43 -6.13 -8.57
C VAL L 3 8.94 -5.04 -9.52
N HIS L 4 8.30 -3.87 -9.52
CA HIS L 4 8.74 -2.77 -10.39
C HIS L 4 9.17 -1.57 -9.54
N LEU L 5 10.36 -1.02 -9.81
CA LEU L 5 10.86 0.13 -9.03
C LEU L 5 10.97 1.36 -9.92
N GLN L 6 10.19 2.40 -9.60
CA GLN L 6 10.21 3.65 -10.39
C GLN L 6 10.15 4.86 -9.46
N ILE L 7 11.19 5.69 -9.54
CA ILE L 7 11.27 6.89 -8.69
C ILE L 7 11.83 8.07 -9.50
N ILE A 1 -5.85 13.00 9.85
CA ILE A 1 -7.00 12.08 9.62
C ILE A 1 -6.50 10.64 9.68
N HIS A 2 -7.09 9.85 10.57
CA HIS A 2 -6.72 8.46 10.72
C HIS A 2 -7.88 7.57 10.29
N VAL A 3 -7.65 6.67 9.33
CA VAL A 3 -8.70 5.74 8.90
C VAL A 3 -8.26 4.31 9.17
N HIS A 4 -9.05 3.58 9.98
CA HIS A 4 -8.76 2.20 10.30
C HIS A 4 -9.87 1.24 9.88
N LEU A 5 -9.51 0.11 9.26
CA LEU A 5 -10.51 -0.89 8.85
C LEU A 5 -9.93 -2.29 8.99
N GLN A 6 -10.57 -3.09 9.85
CA GLN A 6 -10.13 -4.47 10.07
C GLN A 6 -11.14 -5.42 9.45
N ILE A 7 -10.72 -6.11 8.39
CA ILE A 7 -11.61 -7.04 7.69
C ILE A 7 -11.21 -8.48 8.01
N ILE B 1 -1.72 12.11 7.38
CA ILE B 1 -2.84 11.14 7.21
C ILE B 1 -2.31 9.73 7.39
N HIS B 2 -2.86 9.01 8.36
CA HIS B 2 -2.43 7.62 8.59
C HIS B 2 -3.58 6.67 8.23
N VAL B 3 -3.32 5.73 7.32
CA VAL B 3 -4.36 4.75 6.96
C VAL B 3 -3.90 3.35 7.35
N HIS B 4 -4.70 2.65 8.15
CA HIS B 4 -4.36 1.28 8.58
C HIS B 4 -5.43 0.29 8.11
N LEU B 5 -5.02 -0.81 7.48
CA LEU B 5 -6.00 -1.81 7.04
C LEU B 5 -5.44 -3.22 7.17
N GLN B 6 -6.17 -4.07 7.90
CA GLN B 6 -5.74 -5.45 8.10
C GLN B 6 -6.75 -6.39 7.46
N ILE B 7 -6.31 -7.11 6.41
CA ILE B 7 -7.17 -8.04 5.71
C ILE B 7 -6.40 -9.30 5.34
N ILE C 1 2.61 11.00 5.71
CA ILE C 1 1.51 10.05 5.39
C ILE C 1 2.01 8.62 5.53
N HIS C 2 1.34 7.84 6.38
CA HIS C 2 1.72 6.46 6.60
C HIS C 2 0.61 5.54 6.10
N VAL C 3 0.93 4.61 5.18
CA VAL C 3 -0.07 3.65 4.71
C VAL C 3 0.38 2.24 5.06
N HIS C 4 -0.43 1.51 5.84
CA HIS C 4 -0.10 0.15 6.21
C HIS C 4 -1.18 -0.85 5.77
N LEU C 5 -0.75 -1.96 5.16
CA LEU C 5 -1.69 -2.99 4.74
C LEU C 5 -1.11 -4.38 4.94
N GLN C 6 -1.82 -5.19 5.74
CA GLN C 6 -1.38 -6.55 6.02
C GLN C 6 -2.35 -7.53 5.34
N ILE C 7 -1.83 -8.27 4.37
CA ILE C 7 -2.65 -9.23 3.63
C ILE C 7 -2.26 -10.65 4.05
N ILE D 1 6.84 10.12 3.14
CA ILE D 1 5.74 9.13 2.93
C ILE D 1 6.28 7.73 3.19
N HIS D 2 5.71 7.04 4.19
CA HIS D 2 6.15 5.68 4.50
C HIS D 2 5.05 4.70 4.12
N VAL D 3 5.37 3.73 3.26
CA VAL D 3 4.39 2.71 2.89
C VAL D 3 4.86 1.34 3.37
N HIS D 4 4.03 0.65 4.15
CA HIS D 4 4.38 -0.68 4.65
C HIS D 4 3.35 -1.71 4.17
N LEU D 5 3.83 -2.83 3.61
CA LEU D 5 2.89 -3.87 3.16
C LEU D 5 3.49 -5.26 3.37
N GLN D 6 2.74 -6.11 4.06
CA GLN D 6 3.19 -7.49 4.33
C GLN D 6 2.24 -8.47 3.67
N ILE D 7 2.77 -9.21 2.68
CA ILE D 7 1.97 -10.20 1.96
C ILE D 7 2.80 -11.46 1.68
N ILE E 1 11.23 9.03 1.64
CA ILE E 1 10.16 8.05 1.29
C ILE E 1 10.67 6.64 1.52
N HIS E 2 9.96 5.89 2.37
CA HIS E 2 10.35 4.53 2.66
C HIS E 2 9.29 3.56 2.14
N VAL E 3 9.69 2.62 1.27
CA VAL E 3 8.75 1.61 0.77
C VAL E 3 9.21 0.22 1.21
N HIS E 4 8.38 -0.49 1.98
CA HIS E 4 8.72 -1.83 2.42
C HIS E 4 7.71 -2.87 1.96
N LEU E 5 8.19 -3.98 1.40
CA LEU E 5 7.30 -5.06 0.96
C LEU E 5 7.91 -6.42 1.25
N GLN E 6 7.17 -7.22 2.04
CA GLN E 6 7.62 -8.57 2.38
C GLN E 6 6.73 -9.59 1.68
N ILE E 7 7.32 -10.35 0.77
CA ILE E 7 6.58 -11.37 0.04
C ILE E 7 6.95 -12.77 0.55
N ILE F 1 15.26 8.22 -0.85
CA ILE F 1 14.25 7.16 -1.14
C ILE F 1 14.82 5.80 -0.77
N HIS F 2 14.24 5.16 0.24
CA HIS F 2 14.72 3.83 0.65
C HIS F 2 13.70 2.79 0.22
N VAL F 3 14.13 1.79 -0.55
CA VAL F 3 13.23 0.73 -0.98
C VAL F 3 13.69 -0.60 -0.39
N HIS F 4 12.80 -1.28 0.34
CA HIS F 4 13.13 -2.59 0.94
C HIS F 4 12.21 -3.68 0.40
N LEU F 5 12.79 -4.80 -0.03
CA LEU F 5 11.98 -5.91 -0.56
C LEU F 5 12.60 -7.24 -0.20
N GLN F 6 11.77 -8.13 0.38
CA GLN F 6 12.24 -9.46 0.75
C GLN F 6 11.41 -10.52 0.04
N ILE F 7 12.08 -11.28 -0.83
CA ILE F 7 11.41 -12.34 -1.58
C ILE F 7 12.29 -13.58 -1.66
N ILE G 1 -15.48 -7.62 -0.29
CA ILE G 1 -15.61 -6.37 0.52
C ILE G 1 -14.79 -5.26 -0.13
N HIS G 2 -15.47 -4.15 -0.43
CA HIS G 2 -14.82 -3.03 -1.05
C HIS G 2 -14.82 -1.85 -0.09
N VAL G 3 -13.63 -1.30 0.24
CA VAL G 3 -13.57 -0.13 1.12
C VAL G 3 -12.95 1.05 0.37
N HIS G 4 -13.70 2.15 0.26
CA HIS G 4 -13.22 3.34 -0.42
C HIS G 4 -13.20 4.57 0.50
N LEU G 5 -12.10 5.33 0.47
CA LEU G 5 -11.99 6.55 1.28
C LEU G 5 -11.21 7.63 0.52
N GLN G 6 -11.88 8.76 0.28
CA GLN G 6 -11.24 9.87 -0.42
C GLN G 6 -10.99 11.00 0.57
N ILE G 7 -9.73 11.27 0.86
CA ILE G 7 -9.37 12.34 1.80
C ILE G 7 -8.81 13.54 1.05
N ILE H 1 -11.02 -8.90 -1.78
CA ILE H 1 -11.16 -7.62 -1.03
C ILE H 1 -10.42 -6.51 -1.78
N HIS H 2 -11.14 -5.47 -2.18
CA HIS H 2 -10.50 -4.35 -2.89
C HIS H 2 -10.54 -3.11 -1.99
N VAL H 3 -9.37 -2.52 -1.72
CA VAL H 3 -9.31 -1.30 -0.91
C VAL H 3 -8.77 -0.15 -1.75
N HIS H 4 -9.53 0.93 -1.85
CA HIS H 4 -9.08 2.11 -2.61
C HIS H 4 -9.00 3.34 -1.70
N LEU H 5 -7.88 4.07 -1.75
CA LEU H 5 -7.76 5.27 -0.93
C LEU H 5 -6.96 6.34 -1.67
N GLN H 6 -7.56 7.53 -1.77
CA GLN H 6 -6.90 8.65 -2.46
C GLN H 6 -6.66 9.78 -1.47
N ILE H 7 -5.38 10.06 -1.20
CA ILE H 7 -5.01 11.12 -0.26
C ILE H 7 -3.80 11.89 -0.78
N ILE I 1 -6.89 -10.01 -3.94
CA ILE I 1 -6.95 -8.77 -3.10
C ILE I 1 -6.17 -7.66 -3.80
N HIS I 2 -6.86 -6.55 -4.07
CA HIS I 2 -6.23 -5.42 -4.72
C HIS I 2 -6.17 -4.23 -3.78
N VAL I 3 -4.96 -3.69 -3.53
CA VAL I 3 -4.86 -2.50 -2.67
C VAL I 3 -4.27 -1.35 -3.48
N HIS I 4 -5.00 -0.24 -3.59
CA HIS I 4 -4.54 0.92 -4.32
C HIS I 4 -4.48 2.18 -3.45
N LEU I 5 -3.34 2.90 -3.51
CA LEU I 5 -3.20 4.15 -2.74
C LEU I 5 -2.45 5.20 -3.54
N GLN I 6 -3.11 6.34 -3.74
CA GLN I 6 -2.50 7.44 -4.47
C GLN I 6 -2.22 8.59 -3.51
N ILE I 7 -0.93 8.88 -3.31
CA ILE I 7 -0.52 9.95 -2.40
C ILE I 7 -0.01 11.15 -3.21
N ILE J 1 -2.22 -11.31 -5.26
CA ILE J 1 -2.36 -10.01 -4.55
C ILE J 1 -1.64 -8.92 -5.34
N HIS J 2 -2.40 -7.90 -5.77
CA HIS J 2 -1.78 -6.80 -6.52
C HIS J 2 -1.81 -5.53 -5.67
N VAL J 3 -0.63 -4.94 -5.47
CA VAL J 3 -0.55 -3.69 -4.70
C VAL J 3 -0.04 -2.58 -5.61
N HIS J 4 -0.81 -1.49 -5.71
CA HIS J 4 -0.41 -0.34 -6.54
C HIS J 4 -0.27 0.92 -5.68
N LEU J 5 0.84 1.63 -5.79
CA LEU J 5 1.01 2.87 -5.01
C LEU J 5 1.77 3.91 -5.81
N GLN J 6 1.18 5.11 -5.93
CA GLN J 6 1.81 6.20 -6.66
C GLN J 6 2.09 7.36 -5.72
N ILE J 7 3.38 7.64 -5.50
CA ILE J 7 3.79 8.73 -4.63
C ILE J 7 4.99 9.48 -5.22
N ILE K 1 2.02 -12.39 -7.49
CA ILE K 1 2.02 -11.14 -6.66
C ILE K 1 2.71 -10.02 -7.42
N HIS K 2 2.00 -8.92 -7.64
CA HIS K 2 2.57 -7.79 -8.36
C HIS K 2 2.69 -6.59 -7.42
N VAL K 3 3.90 -6.05 -7.25
CA VAL K 3 4.06 -4.85 -6.42
C VAL K 3 4.59 -3.71 -7.30
N HIS K 4 3.83 -2.61 -7.39
CA HIS K 4 4.26 -1.45 -8.17
C HIS K 4 4.37 -0.18 -7.32
N LEU K 5 5.50 0.53 -7.44
CA LEU K 5 5.69 1.78 -6.70
C LEU K 5 6.39 2.82 -7.56
N GLN K 6 5.72 3.97 -7.72
CA GLN K 6 6.27 5.06 -8.50
C GLN K 6 6.62 6.23 -7.57
N ILE K 7 7.91 6.53 -7.46
CA ILE K 7 8.37 7.62 -6.60
C ILE K 7 8.78 8.82 -7.44
N ILE L 1 6.70 -13.65 -8.76
CA ILE L 1 6.65 -12.35 -8.04
C ILE L 1 7.27 -11.28 -8.92
N HIS L 2 6.47 -10.29 -9.34
CA HIS L 2 7.00 -9.20 -10.17
C HIS L 2 7.05 -7.94 -9.33
N VAL L 3 8.23 -7.33 -9.24
CA VAL L 3 8.38 -6.07 -8.50
C VAL L 3 8.78 -4.96 -9.46
N HIS L 4 8.01 -3.88 -9.47
CA HIS L 4 8.30 -2.72 -10.35
C HIS L 4 8.54 -1.47 -9.51
N LEU L 5 9.63 -0.73 -9.78
CA LEU L 5 9.90 0.49 -9.03
C LEU L 5 10.56 1.54 -9.93
N GLN L 6 10.00 2.74 -9.92
CA GLN L 6 10.56 3.83 -10.72
C GLN L 6 10.94 4.99 -9.82
N ILE L 7 12.25 5.29 -9.78
CA ILE L 7 12.75 6.37 -8.95
C ILE L 7 13.84 7.15 -9.69
N ILE A 1 -5.98 12.99 9.89
CA ILE A 1 -7.13 12.05 9.75
C ILE A 1 -6.62 10.62 9.82
N HIS A 2 -7.19 9.81 10.72
CA HIS A 2 -6.79 8.44 10.85
C HIS A 2 -7.94 7.55 10.40
N VAL A 3 -7.69 6.69 9.41
CA VAL A 3 -8.71 5.76 8.94
C VAL A 3 -8.23 4.33 9.14
N HIS A 4 -8.99 3.51 9.87
CA HIS A 4 -8.60 2.13 10.08
C HIS A 4 -9.62 1.15 9.51
N LEU A 5 -9.13 0.18 8.74
CA LEU A 5 -9.98 -0.85 8.13
C LEU A 5 -9.54 -2.23 8.63
N GLN A 6 -10.37 -2.87 9.45
CA GLN A 6 -10.05 -4.20 9.95
C GLN A 6 -11.11 -5.16 9.44
N ILE A 7 -10.70 -6.13 8.64
CA ILE A 7 -11.63 -7.09 8.06
C ILE A 7 -10.94 -8.45 7.87
N ILE B 1 -1.86 12.20 7.38
CA ILE B 1 -2.99 11.22 7.35
C ILE B 1 -2.43 9.82 7.59
N HIS B 2 -3.01 9.08 8.52
CA HIS B 2 -2.55 7.71 8.77
C HIS B 2 -3.64 6.75 8.32
N VAL B 3 -3.30 5.85 7.40
CA VAL B 3 -4.24 4.84 6.93
C VAL B 3 -3.75 3.46 7.32
N HIS B 4 -4.60 2.69 8.00
CA HIS B 4 -4.22 1.34 8.42
C HIS B 4 -5.15 0.30 7.78
N LEU B 5 -4.57 -0.72 7.16
CA LEU B 5 -5.37 -1.79 6.52
C LEU B 5 -4.94 -3.15 7.05
N GLN B 6 -5.90 -3.88 7.60
CA GLN B 6 -5.62 -5.23 8.13
C GLN B 6 -6.65 -6.20 7.59
N ILE B 7 -6.18 -7.19 6.85
CA ILE B 7 -7.06 -8.20 6.24
C ILE B 7 -6.27 -9.51 6.06
N ILE C 1 2.45 11.10 5.82
CA ILE C 1 1.35 10.13 5.62
C ILE C 1 1.88 8.71 5.79
N HIS C 2 1.22 7.93 6.67
CA HIS C 2 1.64 6.57 6.89
C HIS C 2 0.55 5.63 6.38
N VAL C 3 0.91 4.75 5.44
CA VAL C 3 -0.05 3.77 4.93
C VAL C 3 0.47 2.37 5.23
N HIS C 4 -0.31 1.54 5.94
CA HIS C 4 0.11 0.19 6.22
C HIS C 4 -0.85 -0.83 5.62
N LEU C 5 -0.28 -1.82 4.92
CA LEU C 5 -1.07 -2.89 4.29
C LEU C 5 -0.63 -4.23 4.85
N GLN C 6 -1.50 -4.86 5.64
CA GLN C 6 -1.18 -6.18 6.20
C GLN C 6 -2.19 -7.18 5.69
N ILE C 7 -1.70 -8.17 4.94
CA ILE C 7 -2.57 -9.19 4.35
C ILE C 7 -1.83 -10.52 4.27
N ILE D 1 6.67 10.17 3.43
CA ILE D 1 5.57 9.18 3.37
C ILE D 1 6.14 7.78 3.61
N HIS D 2 5.57 7.05 4.57
CA HIS D 2 6.03 5.68 4.83
C HIS D 2 4.96 4.71 4.37
N VAL D 3 5.34 3.79 3.48
CA VAL D 3 4.42 2.78 2.99
C VAL D 3 4.93 1.41 3.42
N HIS D 4 4.09 0.63 4.09
CA HIS D 4 4.48 -0.71 4.54
C HIS D 4 3.59 -1.77 3.89
N LEU D 5 4.20 -2.80 3.30
CA LEU D 5 3.44 -3.89 2.67
C LEU D 5 3.89 -5.24 3.22
N GLN D 6 2.93 -5.99 3.76
CA GLN D 6 3.21 -7.32 4.31
C GLN D 6 2.22 -8.33 3.75
N ILE D 7 2.73 -9.30 3.02
CA ILE D 7 1.90 -10.34 2.40
C ILE D 7 2.71 -11.63 2.27
N ILE E 1 11.07 8.98 1.92
CA ILE E 1 9.97 7.99 1.70
C ILE E 1 10.50 6.59 1.92
N HIS E 2 9.82 5.81 2.77
CA HIS E 2 10.23 4.46 3.02
C HIS E 2 9.17 3.50 2.47
N VAL E 3 9.58 2.62 1.56
CA VAL E 3 8.66 1.62 1.01
C VAL E 3 9.17 0.23 1.34
N HIS E 4 8.37 -0.60 2.03
CA HIS E 4 8.79 -1.94 2.35
C HIS E 4 7.87 -2.99 1.72
N LEU E 5 8.48 -3.97 1.05
CA LEU E 5 7.73 -5.06 0.42
C LEU E 5 8.17 -6.39 1.00
N GLN E 6 7.30 -7.03 1.79
CA GLN E 6 7.61 -8.33 2.37
C GLN E 6 6.63 -9.35 1.84
N ILE E 7 7.16 -10.34 1.11
CA ILE E 7 6.33 -11.37 0.50
C ILE E 7 7.08 -12.70 0.48
N ILE F 1 15.15 8.08 -0.57
CA ILE F 1 14.06 7.06 -0.65
C ILE F 1 14.66 5.68 -0.37
N HIS F 2 14.11 4.97 0.61
CA HIS F 2 14.60 3.62 0.91
C HIS F 2 13.56 2.62 0.45
N VAL F 3 13.98 1.69 -0.41
CA VAL F 3 13.10 0.64 -0.90
C VAL F 3 13.61 -0.72 -0.43
N HIS F 4 12.75 -1.49 0.24
CA HIS F 4 13.17 -2.82 0.75
C HIS F 4 12.33 -3.92 0.08
N LEU F 5 12.99 -4.95 -0.44
CA LEU F 5 12.30 -6.08 -1.08
C LEU F 5 12.76 -7.40 -0.48
N GLN F 6 11.80 -8.17 0.04
CA GLN F 6 12.10 -9.48 0.62
C GLN F 6 11.15 -10.52 0.04
N ILE F 7 11.72 -11.49 -0.67
CA ILE F 7 10.94 -12.56 -1.30
C ILE F 7 11.78 -13.83 -1.36
N ILE G 1 -15.65 -7.67 -0.30
CA ILE G 1 -15.85 -6.39 0.43
C ILE G 1 -15.02 -5.29 -0.24
N HIS G 2 -15.66 -4.18 -0.57
CA HIS G 2 -14.98 -3.08 -1.19
C HIS G 2 -14.99 -1.90 -0.22
N VAL G 3 -13.81 -1.41 0.14
CA VAL G 3 -13.70 -0.24 1.01
C VAL G 3 -12.99 0.89 0.28
N HIS G 4 -13.62 2.05 0.17
CA HIS G 4 -13.00 3.18 -0.49
C HIS G 4 -12.82 4.36 0.44
N LEU G 5 -11.60 4.91 0.45
CA LEU G 5 -11.26 6.07 1.29
C LEU G 5 -10.81 7.22 0.41
N GLN G 6 -11.61 8.27 0.32
CA GLN G 6 -11.25 9.44 -0.49
C GLN G 6 -11.14 10.64 0.44
N ILE G 7 -9.93 11.20 0.53
CA ILE G 7 -9.70 12.34 1.42
C ILE G 7 -8.62 13.25 0.83
N ILE H 1 -11.11 -8.96 -1.63
CA ILE H 1 -11.37 -7.63 -1.00
C ILE H 1 -10.63 -6.56 -1.79
N HIS H 2 -11.35 -5.49 -2.17
CA HIS H 2 -10.70 -4.40 -2.90
C HIS H 2 -10.65 -3.17 -1.99
N VAL H 3 -9.44 -2.66 -1.75
CA VAL H 3 -9.27 -1.46 -0.94
C VAL H 3 -8.71 -0.34 -1.79
N HIS H 4 -9.38 0.81 -1.81
CA HIS H 4 -8.91 1.95 -2.60
C HIS H 4 -8.61 3.13 -1.68
N LEU H 5 -7.42 3.73 -1.84
CA LEU H 5 -7.02 4.90 -1.02
C LEU H 5 -6.59 6.05 -1.93
N GLN H 6 -7.26 7.19 -1.78
CA GLN H 6 -6.92 8.37 -2.57
C GLN H 6 -6.78 9.56 -1.64
N ILE H 7 -5.59 10.14 -1.64
CA ILE H 7 -5.29 11.29 -0.77
C ILE H 7 -4.18 12.14 -1.42
N ILE I 1 -6.99 -9.94 -3.80
CA ILE I 1 -7.13 -8.66 -3.05
C ILE I 1 -6.37 -7.57 -3.79
N HIS I 2 -7.05 -6.45 -4.07
CA HIS I 2 -6.43 -5.35 -4.75
C HIS I 2 -6.35 -4.16 -3.80
N VAL I 3 -5.13 -3.67 -3.56
CA VAL I 3 -4.95 -2.49 -2.70
C VAL I 3 -4.29 -1.39 -3.52
N HIS I 4 -4.93 -0.21 -3.61
CA HIS I 4 -4.34 0.89 -4.33
C HIS I 4 -4.09 2.09 -3.43
N LEU I 5 -2.87 2.63 -3.52
CA LEU I 5 -2.48 3.80 -2.72
C LEU I 5 -2.07 4.93 -3.64
N GLN I 6 -2.89 5.99 -3.71
CA GLN I 6 -2.57 7.14 -4.55
C GLN I 6 -2.42 8.36 -3.65
N ILE I 7 -1.21 8.93 -3.66
CA ILE I 7 -0.92 10.08 -2.81
C ILE I 7 0.11 10.98 -3.50
N ILE J 1 -2.44 -11.13 -5.31
CA ILE J 1 -2.67 -9.80 -4.68
C ILE J 1 -1.95 -8.72 -5.49
N HIS J 2 -2.68 -7.67 -5.87
CA HIS J 2 -2.04 -6.58 -6.62
C HIS J 2 -1.97 -5.35 -5.72
N VAL J 3 -0.75 -4.84 -5.54
CA VAL J 3 -0.55 -3.63 -4.73
C VAL J 3 -0.01 -2.52 -5.62
N HIS J 4 -0.68 -1.36 -5.63
CA HIS J 4 -0.23 -0.24 -6.45
C HIS J 4 0.12 0.96 -5.56
N LEU J 5 1.30 1.55 -5.76
CA LEU J 5 1.72 2.72 -4.98
C LEU J 5 2.13 3.84 -5.90
N GLN J 6 1.48 4.99 -5.75
CA GLN J 6 1.80 6.17 -6.55
C GLN J 6 1.99 7.38 -5.65
N ILE J 7 3.20 7.93 -5.67
CA ILE J 7 3.55 9.09 -4.84
C ILE J 7 4.64 9.91 -5.54
N ILE K 1 1.61 -12.15 -7.59
CA ILE K 1 1.53 -10.88 -6.84
C ILE K 1 2.25 -9.78 -7.60
N HIS K 2 1.56 -8.67 -7.85
CA HIS K 2 2.17 -7.56 -8.54
C HIS K 2 2.30 -6.37 -7.59
N VAL K 3 3.53 -5.90 -7.40
CA VAL K 3 3.77 -4.72 -6.55
C VAL K 3 4.38 -3.62 -7.40
N HIS K 4 3.75 -2.43 -7.45
CA HIS K 4 4.31 -1.34 -8.21
C HIS K 4 4.61 -0.14 -7.32
N LEU K 5 5.84 0.39 -7.45
CA LEU K 5 6.26 1.56 -6.66
C LEU K 5 6.65 2.69 -7.60
N GLN K 6 5.84 3.74 -7.65
CA GLN K 6 6.14 4.89 -8.50
C GLN K 6 6.34 6.11 -7.63
N ILE K 7 7.55 6.67 -7.66
CA ILE K 7 7.89 7.82 -6.84
C ILE K 7 8.88 8.72 -7.58
N ILE L 1 6.19 -13.47 -8.82
CA ILE L 1 6.01 -12.14 -8.18
C ILE L 1 6.71 -11.09 -9.03
N HIS L 2 5.98 -10.05 -9.45
CA HIS L 2 6.60 -8.98 -10.23
C HIS L 2 6.70 -7.74 -9.36
N VAL L 3 7.93 -7.23 -9.22
CA VAL L 3 8.15 -6.00 -8.44
C VAL L 3 8.66 -4.90 -9.37
N HIS L 4 8.00 -3.75 -9.37
CA HIS L 4 8.42 -2.63 -10.24
C HIS L 4 8.82 -1.42 -9.38
N LEU L 5 10.00 -0.85 -9.66
CA LEU L 5 10.48 0.33 -8.92
C LEU L 5 10.85 1.45 -9.89
N GLN L 6 10.23 2.61 -9.70
CA GLN L 6 10.52 3.77 -10.55
C GLN L 6 10.75 5.00 -9.67
N ILE L 7 11.98 5.51 -9.73
CA ILE L 7 12.38 6.68 -8.94
C ILE L 7 13.43 7.49 -9.71
N ILE A 1 -6.15 13.15 9.84
CA ILE A 1 -7.28 12.19 9.70
C ILE A 1 -6.76 10.76 9.78
N HIS A 2 -7.36 9.96 10.66
CA HIS A 2 -6.96 8.59 10.80
C HIS A 2 -8.11 7.69 10.35
N VAL A 3 -7.85 6.83 9.36
CA VAL A 3 -8.87 5.89 8.89
C VAL A 3 -8.38 4.47 9.10
N HIS A 4 -9.14 3.66 9.85
CA HIS A 4 -8.77 2.28 10.08
C HIS A 4 -9.80 1.31 9.54
N LEU A 5 -9.34 0.32 8.79
CA LEU A 5 -10.23 -0.72 8.23
C LEU A 5 -9.69 -2.10 8.61
N GLN A 6 -10.48 -2.85 9.38
CA GLN A 6 -10.08 -4.20 9.80
C GLN A 6 -11.11 -5.19 9.28
N ILE A 7 -10.70 -6.02 8.33
CA ILE A 7 -11.62 -7.01 7.74
C ILE A 7 -11.20 -8.42 8.14
N ILE B 1 -1.93 12.20 7.52
CA ILE B 1 -3.06 11.24 7.42
C ILE B 1 -2.52 9.81 7.56
N HIS B 2 -3.09 9.06 8.50
CA HIS B 2 -2.64 7.67 8.70
C HIS B 2 -3.77 6.73 8.28
N VAL B 3 -3.49 5.82 7.33
CA VAL B 3 -4.49 4.82 6.92
C VAL B 3 -3.96 3.43 7.28
N HIS B 4 -4.75 2.67 8.02
CA HIS B 4 -4.34 1.31 8.41
C HIS B 4 -5.34 0.30 7.85
N LEU B 5 -4.84 -0.75 7.17
CA LEU B 5 -5.73 -1.79 6.64
C LEU B 5 -5.20 -3.18 6.96
N GLN B 6 -6.02 -3.96 7.66
CA GLN B 6 -5.63 -5.32 8.02
C GLN B 6 -6.65 -6.30 7.42
N ILE B 7 -6.18 -7.13 6.50
CA ILE B 7 -7.07 -8.10 5.84
C ILE B 7 -6.70 -9.52 6.25
N ILE C 1 2.50 11.15 5.75
CA ILE C 1 1.39 10.17 5.54
C ILE C 1 1.93 8.76 5.72
N HIS C 2 1.25 7.97 6.56
CA HIS C 2 1.66 6.61 6.79
C HIS C 2 0.58 5.67 6.26
N VAL C 3 0.96 4.79 5.33
CA VAL C 3 -0.01 3.80 4.82
C VAL C 3 0.47 2.41 5.12
N HIS C 4 -0.34 1.63 5.85
CA HIS C 4 0.03 0.27 6.16
C HIS C 4 -0.98 -0.73 5.60
N LEU C 5 -0.46 -1.75 4.91
CA LEU C 5 -1.29 -2.80 4.34
C LEU C 5 -0.78 -4.16 4.81
N GLN C 6 -1.63 -4.91 5.51
CA GLN C 6 -1.23 -6.24 5.99
C GLN C 6 -2.22 -7.27 5.46
N ILE C 7 -1.73 -8.14 4.58
CA ILE C 7 -2.58 -9.17 3.98
C ILE C 7 -2.17 -10.56 4.46
N ILE D 1 6.79 10.14 3.38
CA ILE D 1 5.68 9.15 3.27
C ILE D 1 6.24 7.76 3.46
N HIS D 2 5.67 7.01 4.42
CA HIS D 2 6.13 5.64 4.66
C HIS D 2 5.04 4.66 4.24
N VAL D 3 5.36 3.74 3.32
CA VAL D 3 4.39 2.71 2.92
C VAL D 3 4.92 1.34 3.33
N HIS D 4 4.11 0.58 4.07
CA HIS D 4 4.52 -0.76 4.51
C HIS D 4 3.53 -1.79 3.95
N LEU D 5 4.06 -2.85 3.32
CA LEU D 5 3.18 -3.90 2.78
C LEU D 5 3.72 -5.28 3.16
N GLN D 6 2.89 -6.05 3.87
CA GLN D 6 3.28 -7.40 4.28
C GLN D 6 2.30 -8.41 3.67
N ILE D 7 2.80 -9.25 2.79
CA ILE D 7 1.96 -10.24 2.11
C ILE D 7 2.34 -11.65 2.57
N ILE E 1 11.29 9.15 1.61
CA ILE E 1 10.21 8.15 1.42
C ILE E 1 10.75 6.75 1.66
N HIS E 2 10.06 5.98 2.51
CA HIS E 2 10.48 4.63 2.79
C HIS E 2 9.43 3.67 2.25
N VAL E 3 9.83 2.76 1.35
CA VAL E 3 8.90 1.75 0.84
C VAL E 3 9.40 0.37 1.19
N HIS E 4 8.58 -0.40 1.93
CA HIS E 4 8.93 -1.74 2.30
C HIS E 4 7.94 -2.77 1.76
N LEU E 5 8.48 -3.80 1.11
CA LEU E 5 7.66 -4.88 0.56
C LEU E 5 8.17 -6.21 1.10
N GLN E 6 7.31 -6.95 1.80
CA GLN E 6 7.70 -8.25 2.34
C GLN E 6 6.74 -9.32 1.82
N ILE E 7 7.26 -10.21 0.98
CA ILE E 7 6.44 -11.27 0.38
C ILE E 7 6.87 -12.64 0.93
N ILE F 1 15.56 8.07 -0.67
CA ILE F 1 14.46 7.07 -0.80
C ILE F 1 15.03 5.69 -0.57
N HIS F 2 14.47 4.96 0.41
CA HIS F 2 14.95 3.61 0.69
C HIS F 2 13.89 2.60 0.28
N VAL F 3 14.26 1.65 -0.60
CA VAL F 3 13.33 0.61 -1.02
C VAL F 3 13.82 -0.75 -0.55
N HIS F 4 12.96 -1.48 0.17
CA HIS F 4 13.32 -2.81 0.66
C HIS F 4 12.36 -3.85 0.09
N LEU F 5 12.90 -4.95 -0.48
CA LEU F 5 12.06 -6.02 -1.02
C LEU F 5 12.59 -7.37 -0.57
N GLN F 6 11.73 -8.15 0.10
CA GLN F 6 12.11 -9.48 0.58
C GLN F 6 11.17 -10.50 -0.04
N ILE F 7 11.72 -11.34 -0.92
CA ILE F 7 10.92 -12.36 -1.60
C ILE F 7 11.29 -13.75 -1.11
N ILE G 1 -15.86 -7.65 -0.15
CA ILE G 1 -16.04 -6.36 0.58
C ILE G 1 -15.22 -5.28 -0.11
N HIS G 2 -15.88 -4.16 -0.43
CA HIS G 2 -15.20 -3.05 -1.04
C HIS G 2 -15.19 -1.88 -0.08
N VAL G 3 -14.00 -1.38 0.26
CA VAL G 3 -13.88 -0.20 1.14
C VAL G 3 -13.18 0.91 0.39
N HIS G 4 -13.83 2.07 0.27
CA HIS G 4 -13.23 3.20 -0.40
C HIS G 4 -13.07 4.39 0.52
N LEU G 5 -11.87 4.97 0.54
CA LEU G 5 -11.59 6.16 1.36
C LEU G 5 -10.99 7.25 0.50
N GLN G 6 -11.69 8.38 0.38
CA GLN G 6 -11.21 9.51 -0.42
C GLN G 6 -11.05 10.72 0.48
N ILE G 7 -9.81 11.14 0.70
CA ILE G 7 -9.53 12.28 1.58
C ILE G 7 -9.01 13.46 0.77
N ILE H 1 -11.29 -8.93 -1.65
CA ILE H 1 -11.50 -7.63 -0.97
C ILE H 1 -10.73 -6.54 -1.70
N HIS H 2 -11.43 -5.46 -2.07
CA HIS H 2 -10.75 -4.36 -2.77
C HIS H 2 -10.75 -3.13 -1.86
N VAL H 3 -9.55 -2.59 -1.57
CA VAL H 3 -9.46 -1.37 -0.76
C VAL H 3 -8.85 -0.26 -1.61
N HIS H 4 -9.54 0.88 -1.71
CA HIS H 4 -9.03 2.01 -2.50
C HIS H 4 -8.83 3.22 -1.60
N LEU H 5 -7.65 3.84 -1.66
CA LEU H 5 -7.38 5.04 -0.85
C LEU H 5 -6.74 6.13 -1.69
N GLN H 6 -7.40 7.29 -1.73
CA GLN H 6 -6.89 8.43 -2.50
C GLN H 6 -6.69 9.59 -1.54
N ILE H 7 -5.44 10.01 -1.38
CA ILE H 7 -5.10 11.12 -0.48
C ILE H 7 -4.62 12.33 -1.27
N ILE I 1 -6.97 -10.08 -3.74
CA ILE I 1 -7.10 -8.80 -3.00
C ILE I 1 -6.35 -7.70 -3.74
N HIS I 2 -7.04 -6.58 -3.98
CA HIS I 2 -6.43 -5.47 -4.66
C HIS I 2 -6.31 -4.30 -3.71
N VAL I 3 -5.10 -3.80 -3.49
CA VAL I 3 -4.92 -2.62 -2.64
C VAL I 3 -4.29 -1.49 -3.44
N HIS I 4 -4.98 -0.34 -3.51
CA HIS I 4 -4.46 0.79 -4.22
C HIS I 4 -4.27 1.99 -3.30
N LEU I 5 -3.07 2.59 -3.36
CA LEU I 5 -2.75 3.78 -2.57
C LEU I 5 -2.24 4.87 -3.49
N GLN I 6 -2.94 6.00 -3.53
CA GLN I 6 -2.52 7.14 -4.36
C GLN I 6 -2.33 8.37 -3.49
N ILE I 7 -1.07 8.81 -3.37
CA ILE I 7 -0.76 9.97 -2.54
C ILE I 7 -0.31 11.14 -3.41
N ILE J 1 -2.36 -11.27 -5.33
CA ILE J 1 -2.56 -9.97 -4.65
C ILE J 1 -1.80 -8.88 -5.42
N HIS J 2 -2.53 -7.83 -5.81
CA HIS J 2 -1.88 -6.73 -6.54
C HIS J 2 -1.86 -5.48 -5.65
N VAL J 3 -0.66 -4.93 -5.40
CA VAL J 3 -0.54 -3.69 -4.63
C VAL J 3 0.03 -2.59 -5.51
N HIS J 4 -0.68 -1.47 -5.60
CA HIS J 4 -0.21 -0.35 -6.42
C HIS J 4 0.00 0.88 -5.54
N LEU J 5 1.17 1.52 -5.63
CA LEU J 5 1.45 2.73 -4.84
C LEU J 5 2.04 3.81 -5.72
N GLN J 6 1.36 4.97 -5.76
CA GLN J 6 1.83 6.11 -6.55
C GLN J 6 2.05 7.29 -5.62
N ILE J 7 3.32 7.70 -5.50
CA ILE J 7 3.68 8.82 -4.62
C ILE J 7 4.14 10.02 -5.44
N ILE K 1 1.94 -12.37 -7.37
CA ILE K 1 1.82 -11.08 -6.65
C ILE K 1 2.53 -9.99 -7.44
N HIS K 2 1.83 -8.89 -7.68
CA HIS K 2 2.42 -7.78 -8.40
C HIS K 2 2.57 -6.60 -7.47
N VAL K 3 3.79 -6.09 -7.29
CA VAL K 3 4.00 -4.91 -6.47
C VAL K 3 4.60 -3.78 -7.30
N HIS K 4 3.89 -2.64 -7.37
CA HIS K 4 4.38 -1.51 -8.12
C HIS K 4 4.59 -0.29 -7.22
N LEU K 5 5.77 0.31 -7.33
CA LEU K 5 6.11 1.52 -6.57
C LEU K 5 6.56 2.61 -7.53
N GLN K 6 5.84 3.74 -7.54
CA GLN K 6 6.21 4.86 -8.41
C GLN K 6 6.44 6.10 -7.57
N ILE K 7 7.70 6.55 -7.52
CA ILE K 7 8.06 7.72 -6.73
C ILE K 7 8.47 8.88 -7.64
N ILE L 1 6.33 -13.51 -9.06
CA ILE L 1 6.21 -12.20 -8.36
C ILE L 1 6.92 -11.14 -9.17
N HIS L 2 6.20 -10.09 -9.57
CA HIS L 2 6.81 -9.01 -10.34
C HIS L 2 6.91 -7.77 -9.47
N VAL L 3 8.14 -7.22 -9.33
CA VAL L 3 8.33 -6.00 -8.55
C VAL L 3 8.82 -4.89 -9.47
N HIS L 4 8.10 -3.76 -9.45
CA HIS L 4 8.48 -2.61 -10.28
C HIS L 4 8.77 -1.39 -9.39
N LEU L 5 9.92 -0.74 -9.61
CA LEU L 5 10.27 0.45 -8.83
C LEU L 5 10.79 1.55 -9.76
N GLN L 6 10.14 2.70 -9.71
CA GLN L 6 10.55 3.85 -10.55
C GLN L 6 10.87 5.01 -9.63
N ILE L 7 12.15 5.39 -9.60
CA ILE L 7 12.60 6.49 -8.74
C ILE L 7 13.01 7.69 -9.59
N ILE A 1 -5.91 12.89 10.02
CA ILE A 1 -7.05 11.96 9.83
C ILE A 1 -6.53 10.52 9.93
N HIS A 2 -7.15 9.71 10.78
CA HIS A 2 -6.74 8.34 10.92
C HIS A 2 -7.86 7.43 10.43
N VAL A 3 -7.55 6.58 9.45
CA VAL A 3 -8.53 5.62 8.93
C VAL A 3 -8.03 4.20 9.16
N HIS A 4 -8.81 3.38 9.85
CA HIS A 4 -8.42 2.00 10.08
C HIS A 4 -9.41 1.04 9.46
N LEU A 5 -8.89 0.07 8.70
CA LEU A 5 -9.72 -0.94 8.04
C LEU A 5 -9.48 -2.31 8.66
N GLN A 6 -10.47 -2.82 9.38
CA GLN A 6 -10.37 -4.12 10.01
C GLN A 6 -11.57 -4.95 9.59
N ILE A 7 -11.33 -5.94 8.73
CA ILE A 7 -12.43 -6.79 8.24
C ILE A 7 -11.97 -8.22 8.05
N ILE B 1 -1.78 12.07 7.77
CA ILE B 1 -2.89 11.09 7.63
C ILE B 1 -2.32 9.68 7.76
N HIS B 2 -2.88 8.89 8.68
CA HIS B 2 -2.42 7.51 8.84
C HIS B 2 -3.52 6.56 8.37
N VAL B 3 -3.19 5.68 7.41
CA VAL B 3 -4.15 4.70 6.92
C VAL B 3 -3.65 3.30 7.25
N HIS B 4 -4.47 2.50 7.93
CA HIS B 4 -4.06 1.13 8.29
C HIS B 4 -5.00 0.10 7.64
N LEU B 5 -4.42 -0.91 6.97
CA LEU B 5 -5.22 -1.96 6.29
C LEU B 5 -4.97 -3.30 6.98
N GLN B 6 -6.04 -3.91 7.48
CA GLN B 6 -5.95 -5.20 8.15
C GLN B 6 -7.14 -6.08 7.74
N ILE B 7 -6.87 -7.12 6.95
CA ILE B 7 -7.95 -8.02 6.49
C ILE B 7 -7.49 -9.47 6.56
N ILE C 1 2.60 10.96 5.88
CA ILE C 1 1.49 10.00 5.65
C ILE C 1 2.03 8.57 5.82
N HIS C 2 1.37 7.79 6.69
CA HIS C 2 1.80 6.42 6.91
C HIS C 2 0.72 5.47 6.40
N VAL C 3 1.11 4.59 5.47
CA VAL C 3 0.18 3.58 4.97
C VAL C 3 0.71 2.19 5.26
N HIS C 4 -0.07 1.36 5.97
CA HIS C 4 0.36 0.02 6.28
C HIS C 4 -0.58 -1.01 5.66
N LEU C 5 0.00 -1.99 4.97
CA LEU C 5 -0.78 -3.04 4.32
C LEU C 5 -0.53 -4.38 5.01
N GLN C 6 -1.57 -4.90 5.67
CA GLN C 6 -1.48 -6.18 6.35
C GLN C 6 -2.65 -7.05 5.92
N ILE C 7 -2.37 -8.07 5.12
CA ILE C 7 -3.43 -8.94 4.62
C ILE C 7 -2.93 -10.38 4.50
N ILE D 1 6.81 10.06 3.44
CA ILE D 1 5.71 9.06 3.30
C ILE D 1 6.29 7.66 3.48
N HIS D 2 5.74 6.90 4.42
CA HIS D 2 6.21 5.52 4.64
C HIS D 2 5.13 4.55 4.21
N VAL D 3 5.49 3.64 3.28
CA VAL D 3 4.56 2.62 2.83
C VAL D 3 5.09 1.24 3.22
N HIS D 4 4.28 0.44 3.92
CA HIS D 4 4.71 -0.90 4.35
C HIS D 4 3.82 -1.98 3.72
N LEU D 5 4.43 -2.99 3.10
CA LEU D 5 3.66 -4.09 2.48
C LEU D 5 3.91 -5.41 3.22
N GLN D 6 2.83 -6.00 3.73
CA GLN D 6 2.93 -7.26 4.45
C GLN D 6 1.76 -8.16 4.06
N ILE D 7 2.05 -9.24 3.31
CA ILE D 7 1.00 -10.16 2.87
C ILE D 7 1.46 -11.61 3.03
N ILE E 1 11.20 8.99 1.48
CA ILE E 1 10.11 7.99 1.27
C ILE E 1 10.65 6.60 1.53
N HIS E 2 9.99 5.84 2.41
CA HIS E 2 10.43 4.50 2.71
C HIS E 2 9.39 3.50 2.21
N VAL E 3 9.80 2.57 1.34
CA VAL E 3 8.92 1.53 0.86
C VAL E 3 9.47 0.16 1.24
N HIS E 4 8.69 -0.65 1.97
CA HIS E 4 9.14 -1.97 2.34
C HIS E 4 8.24 -3.04 1.74
N LEU E 5 8.87 -4.05 1.12
CA LEU E 5 8.13 -5.16 0.50
C LEU E 5 8.37 -6.45 1.25
N GLN E 6 7.33 -6.94 1.92
CA GLN E 6 7.42 -8.20 2.67
C GLN E 6 6.26 -9.10 2.26
N ILE E 7 6.59 -10.14 1.49
CA ILE E 7 5.56 -11.05 1.01
C ILE E 7 6.09 -12.49 0.97
N ILE F 1 15.38 8.20 -0.89
CA ILE F 1 14.33 7.17 -1.06
C ILE F 1 14.92 5.79 -0.80
N HIS F 2 14.37 5.08 0.18
CA HIS F 2 14.88 3.72 0.48
C HIS F 2 13.83 2.70 0.05
N VAL F 3 14.25 1.76 -0.80
CA VAL F 3 13.36 0.69 -1.25
C VAL F 3 13.90 -0.65 -0.75
N HIS F 4 13.08 -1.43 -0.05
CA HIS F 4 13.53 -2.73 0.47
C HIS F 4 12.70 -3.87 -0.14
N LEU F 5 13.38 -4.91 -0.68
CA LEU F 5 12.68 -6.06 -1.28
C LEU F 5 12.90 -7.32 -0.44
N GLN F 6 11.80 -7.92 0.02
CA GLN F 6 11.87 -9.14 0.81
C GLN F 6 10.73 -10.07 0.42
N ILE F 7 11.06 -11.17 -0.25
CA ILE F 7 10.06 -12.14 -0.69
C ILE F 7 10.54 -13.57 -0.42
N ILE G 1 -15.47 -7.51 -0.60
CA ILE G 1 -15.65 -6.24 0.17
C ILE G 1 -14.84 -5.14 -0.50
N HIS G 2 -15.50 -4.01 -0.81
CA HIS G 2 -14.81 -2.90 -1.43
C HIS G 2 -14.79 -1.73 -0.46
N VAL G 3 -13.59 -1.24 -0.13
CA VAL G 3 -13.46 -0.07 0.74
C VAL G 3 -12.75 1.05 0.00
N HIS G 4 -13.39 2.23 -0.10
CA HIS G 4 -12.77 3.34 -0.76
C HIS G 4 -12.56 4.51 0.21
N LEU G 5 -11.35 5.06 0.21
CA LEU G 5 -11.01 6.19 1.09
C LEU G 5 -10.75 7.43 0.25
N GLN G 6 -11.67 8.39 0.32
CA GLN G 6 -11.52 9.65 -0.41
C GLN G 6 -11.63 10.79 0.57
N ILE G 7 -10.51 11.44 0.85
CA ILE G 7 -10.51 12.55 1.81
C ILE G 7 -9.53 13.65 1.39
N ILE H 1 -11.11 -8.83 -2.02
CA ILE H 1 -11.30 -7.53 -1.31
C ILE H 1 -10.50 -6.45 -2.04
N HIS H 2 -11.16 -5.36 -2.42
CA HIS H 2 -10.46 -4.26 -3.09
C HIS H 2 -10.42 -3.06 -2.16
N VAL H 3 -9.21 -2.56 -1.86
CA VAL H 3 -9.06 -1.39 -1.01
C VAL H 3 -8.44 -0.26 -1.83
N HIS H 4 -9.08 0.90 -1.87
CA HIS H 4 -8.55 2.04 -2.63
C HIS H 4 -8.26 3.22 -1.69
N LEU H 5 -7.05 3.79 -1.79
CA LEU H 5 -6.66 4.94 -0.95
C LEU H 5 -6.46 6.18 -1.82
N GLN H 6 -7.23 7.23 -1.52
CA GLN H 6 -7.13 8.49 -2.26
C GLN H 6 -7.20 9.66 -1.30
N ILE H 7 -6.09 10.37 -1.11
CA ILE H 7 -6.06 11.52 -0.20
C ILE H 7 -5.26 12.67 -0.81
N ILE I 1 -6.75 -9.89 -3.91
CA ILE I 1 -6.89 -8.61 -3.15
C ILE I 1 -6.13 -7.51 -3.89
N HIS I 2 -6.81 -6.41 -4.18
CA HIS I 2 -6.17 -5.30 -4.85
C HIS I 2 -6.10 -4.10 -3.92
N VAL I 3 -4.88 -3.61 -3.69
CA VAL I 3 -4.69 -2.42 -2.87
C VAL I 3 -4.03 -1.32 -3.68
N HIS I 4 -4.66 -0.15 -3.79
CA HIS I 4 -4.08 0.95 -4.52
C HIS I 4 -3.82 2.14 -3.62
N LEU I 5 -2.60 2.68 -3.71
CA LEU I 5 -2.21 3.84 -2.89
C LEU I 5 -2.02 5.06 -3.77
N GLN I 6 -2.91 6.05 -3.61
CA GLN I 6 -2.82 7.29 -4.38
C GLN I 6 -2.88 8.47 -3.42
N ILE I 7 -1.75 9.13 -3.23
CA ILE I 7 -1.70 10.25 -2.30
C ILE I 7 -0.74 11.34 -2.80
N ILE J 1 -2.39 -11.26 -5.46
CA ILE J 1 -2.54 -9.94 -4.77
C ILE J 1 -1.77 -8.89 -5.53
N HIS J 2 -2.46 -7.81 -5.93
CA HIS J 2 -1.78 -6.73 -6.66
C HIS J 2 -1.73 -5.50 -5.76
N VAL J 3 -0.52 -4.99 -5.53
CA VAL J 3 -0.34 -3.77 -4.72
C VAL J 3 0.24 -2.67 -5.61
N HIS J 4 -0.42 -1.51 -5.66
CA HIS J 4 0.09 -0.39 -6.49
C HIS J 4 0.42 0.82 -5.61
N LEU J 5 1.62 1.38 -5.79
CA LEU J 5 2.05 2.56 -5.01
C LEU J 5 2.19 3.78 -5.91
N GLN J 6 1.44 4.83 -5.59
CA GLN J 6 1.49 6.06 -6.37
C GLN J 6 1.43 7.27 -5.44
N ILE J 7 2.55 8.00 -5.32
CA ILE J 7 2.59 9.17 -4.44
C ILE J 7 3.33 10.33 -5.12
N ILE K 1 1.99 -12.38 -7.36
CA ILE K 1 1.88 -11.09 -6.62
C ILE K 1 2.58 -10.00 -7.43
N HIS K 2 1.86 -8.90 -7.69
CA HIS K 2 2.45 -7.81 -8.44
C HIS K 2 2.57 -6.58 -7.54
N VAL K 3 3.80 -6.08 -7.39
CA VAL K 3 4.03 -4.85 -6.61
C VAL K 3 4.63 -3.78 -7.51
N HIS K 4 3.98 -2.62 -7.60
CA HIS K 4 4.50 -1.54 -8.41
C HIS K 4 4.82 -0.32 -7.55
N LEU K 5 6.03 0.23 -7.73
CA LEU K 5 6.47 1.42 -6.98
C LEU K 5 6.60 2.62 -7.89
N GLN K 6 5.71 3.60 -7.69
CA GLN K 6 5.74 4.82 -8.49
C GLN K 6 5.70 6.03 -7.54
N ILE K 7 6.83 6.71 -7.43
CA ILE K 7 6.92 7.85 -6.53
C ILE K 7 7.83 8.93 -7.12
N ILE L 1 6.40 -13.56 -8.83
CA ILE L 1 6.34 -12.24 -8.13
C ILE L 1 7.04 -11.19 -8.98
N HIS L 2 6.30 -10.14 -9.38
CA HIS L 2 6.92 -9.08 -10.18
C HIS L 2 7.02 -7.82 -9.33
N VAL L 3 8.25 -7.29 -9.21
CA VAL L 3 8.48 -6.06 -8.46
C VAL L 3 8.97 -4.98 -9.43
N HIS L 4 8.31 -3.83 -9.46
CA HIS L 4 8.72 -2.73 -10.36
C HIS L 4 9.13 -1.50 -9.55
N LEU L 5 10.30 -0.93 -9.85
CA LEU L 5 10.79 0.28 -9.15
C LEU L 5 10.81 1.47 -10.09
N GLN L 6 10.09 2.53 -9.73
CA GLN L 6 10.06 3.75 -10.54
C GLN L 6 10.03 4.97 -9.63
N ILE L 7 11.14 5.72 -9.61
CA ILE L 7 11.25 6.91 -8.76
C ILE L 7 11.91 8.05 -9.54
N ILE A 1 -6.34 13.08 9.68
CA ILE A 1 -7.44 12.08 9.65
C ILE A 1 -6.85 10.68 9.81
N HIS A 2 -7.43 9.90 10.72
CA HIS A 2 -6.97 8.56 10.95
C HIS A 2 -8.04 7.58 10.50
N VAL A 3 -7.69 6.69 9.58
CA VAL A 3 -8.64 5.68 9.09
C VAL A 3 -8.14 4.28 9.40
N HIS A 4 -8.93 3.49 10.12
CA HIS A 4 -8.55 2.13 10.44
C HIS A 4 -9.55 1.13 9.85
N LEU A 5 -9.03 0.09 9.17
CA LEU A 5 -9.87 -0.95 8.56
C LEU A 5 -9.40 -2.34 8.95
N GLN A 6 -10.32 -3.14 9.47
CA GLN A 6 -9.99 -4.52 9.85
C GLN A 6 -11.04 -5.45 9.24
N ILE A 7 -10.63 -6.18 8.20
CA ILE A 7 -11.55 -7.10 7.52
C ILE A 7 -10.91 -8.48 7.41
N ILE B 1 -2.26 12.12 7.45
CA ILE B 1 -3.31 11.05 7.39
C ILE B 1 -2.67 9.70 7.67
N HIS B 2 -3.18 8.97 8.66
CA HIS B 2 -2.64 7.64 8.95
C HIS B 2 -3.69 6.61 8.56
N VAL B 3 -3.33 5.68 7.68
CA VAL B 3 -4.26 4.63 7.28
C VAL B 3 -3.71 3.28 7.71
N HIS B 4 -4.51 2.51 8.45
CA HIS B 4 -4.08 1.17 8.87
C HIS B 4 -5.04 0.15 8.29
N LEU B 5 -4.52 -0.89 7.63
CA LEU B 5 -5.38 -1.93 7.03
C LEU B 5 -4.91 -3.34 7.36
N GLN B 6 -5.78 -4.11 7.99
CA GLN B 6 -5.48 -5.49 8.35
C GLN B 6 -6.53 -6.40 7.71
N ILE B 7 -6.11 -7.12 6.67
CA ILE B 7 -6.99 -8.01 5.95
C ILE B 7 -6.20 -9.19 5.38
N ILE C 1 2.25 11.04 5.69
CA ILE C 1 1.17 10.02 5.59
C ILE C 1 1.76 8.64 5.87
N HIS C 2 1.10 7.89 6.75
CA HIS C 2 1.57 6.55 7.06
C HIS C 2 0.56 5.55 6.54
N VAL C 3 1.01 4.63 5.69
CA VAL C 3 0.13 3.60 5.16
C VAL C 3 0.62 2.22 5.56
N HIS C 4 -0.22 1.44 6.25
CA HIS C 4 0.16 0.09 6.64
C HIS C 4 -0.78 -0.95 6.01
N LEU C 5 -0.18 -1.98 5.42
CA LEU C 5 -0.95 -3.06 4.78
C LEU C 5 -0.50 -4.43 5.22
N GLN C 6 -1.43 -5.23 5.73
CA GLN C 6 -1.11 -6.59 6.15
C GLN C 6 -2.10 -7.56 5.52
N ILE C 7 -1.64 -8.29 4.48
CA ILE C 7 -2.51 -9.24 3.78
C ILE C 7 -1.88 -10.63 3.80
N ILE D 1 6.37 10.16 3.33
CA ILE D 1 5.35 9.08 3.24
C ILE D 1 6.02 7.75 3.57
N HIS D 2 5.51 7.05 4.58
CA HIS D 2 6.06 5.74 4.93
C HIS D 2 5.04 4.68 4.56
N VAL D 3 5.42 3.74 3.71
CA VAL D 3 4.51 2.66 3.33
C VAL D 3 5.08 1.33 3.80
N HIS D 4 4.30 0.56 4.55
CA HIS D 4 4.74 -0.75 5.02
C HIS D 4 3.81 -1.82 4.44
N LEU D 5 4.37 -2.86 3.82
CA LEU D 5 3.54 -3.94 3.23
C LEU D 5 4.04 -5.32 3.62
N GLN D 6 3.17 -6.09 4.27
CA GLN D 6 3.48 -7.45 4.65
C GLN D 6 2.47 -8.40 4.05
N ILE D 7 2.92 -9.13 3.02
CA ILE D 7 2.06 -10.08 2.32
C ILE D 7 2.87 -11.25 1.79
N ILE E 1 10.89 9.03 1.55
CA ILE E 1 9.82 8.00 1.44
C ILE E 1 10.41 6.63 1.77
N HIS E 2 9.75 5.90 2.69
CA HIS E 2 10.22 4.58 3.06
C HIS E 2 9.25 3.54 2.53
N VAL E 3 9.74 2.61 1.72
CA VAL E 3 8.89 1.55 1.19
C VAL E 3 9.40 0.20 1.65
N HIS E 4 8.55 -0.58 2.34
CA HIS E 4 8.94 -1.90 2.79
C HIS E 4 8.04 -2.98 2.17
N LEU E 5 8.66 -4.03 1.61
CA LEU E 5 7.93 -5.13 0.98
C LEU E 5 8.41 -6.49 1.48
N GLN E 6 7.49 -7.28 2.02
CA GLN E 6 7.83 -8.62 2.48
C GLN E 6 6.87 -9.62 1.85
N ILE E 7 7.36 -10.36 0.85
CA ILE E 7 6.53 -11.35 0.15
C ILE E 7 7.15 -12.73 0.25
N ILE F 1 14.86 8.12 -0.88
CA ILE F 1 13.88 7.01 -1.02
C ILE F 1 14.54 5.70 -0.64
N HIS F 2 14.05 5.05 0.42
CA HIS F 2 14.63 3.76 0.82
C HIS F 2 13.63 2.67 0.46
N VAL F 3 14.07 1.70 -0.34
CA VAL F 3 13.19 0.60 -0.73
C VAL F 3 13.77 -0.70 -0.17
N HIS F 4 12.96 -1.45 0.57
CA HIS F 4 13.42 -2.74 1.12
C HIS F 4 12.55 -3.85 0.54
N LEU F 5 13.16 -4.91 0.00
CA LEU F 5 12.41 -6.02 -0.58
C LEU F 5 12.92 -7.36 -0.09
N GLN F 6 12.02 -8.17 0.44
CA GLN F 6 12.38 -9.50 0.92
C GLN F 6 11.45 -10.53 0.31
N ILE F 7 11.97 -11.25 -0.68
CA ILE F 7 11.21 -12.26 -1.39
C ILE F 7 12.11 -13.42 -1.83
N ILE G 1 -15.79 -7.56 0.04
CA ILE G 1 -16.01 -6.23 0.66
C ILE G 1 -15.20 -5.18 -0.11
N HIS G 2 -15.87 -4.08 -0.47
CA HIS G 2 -15.21 -3.02 -1.19
C HIS G 2 -15.13 -1.79 -0.29
N VAL G 3 -13.92 -1.31 -0.06
CA VAL G 3 -13.73 -0.11 0.77
C VAL G 3 -13.09 1.00 -0.05
N HIS G 4 -13.74 2.16 -0.13
CA HIS G 4 -13.20 3.29 -0.85
C HIS G 4 -12.97 4.49 0.08
N LEU G 5 -11.78 5.09 0.00
CA LEU G 5 -11.44 6.25 0.83
C LEU G 5 -10.87 7.38 -0.03
N GLN G 6 -11.43 8.57 0.14
CA GLN G 6 -10.98 9.74 -0.60
C GLN G 6 -10.79 10.89 0.40
N ILE G 7 -9.53 11.20 0.69
CA ILE G 7 -9.22 12.28 1.65
C ILE G 7 -8.21 13.24 1.04
N ILE H 1 -11.35 -8.79 -1.39
CA ILE H 1 -11.52 -7.42 -0.82
C ILE H 1 -10.80 -6.41 -1.70
N HIS H 2 -11.50 -5.38 -2.14
CA HIS H 2 -10.86 -4.35 -2.96
C HIS H 2 -10.81 -3.07 -2.14
N VAL H 3 -9.60 -2.53 -1.95
CA VAL H 3 -9.46 -1.28 -1.20
C VAL H 3 -8.89 -0.21 -2.12
N HIS H 4 -9.57 0.93 -2.22
CA HIS H 4 -9.08 2.04 -3.04
C HIS H 4 -8.83 3.25 -2.14
N LEU H 5 -7.65 3.87 -2.22
CA LEU H 5 -7.33 5.03 -1.39
C LEU H 5 -6.72 6.17 -2.19
N GLN H 6 -7.40 7.32 -2.19
CA GLN H 6 -6.91 8.50 -2.88
C GLN H 6 -6.73 9.63 -1.86
N ILE H 7 -5.47 9.92 -1.55
CA ILE H 7 -5.14 10.97 -0.60
C ILE H 7 -3.81 11.62 -0.96
N ILE I 1 -7.01 -9.84 -3.58
CA ILE I 1 -7.18 -8.51 -2.93
C ILE I 1 -6.47 -7.45 -3.77
N HIS I 2 -7.18 -6.35 -4.05
CA HIS I 2 -6.60 -5.27 -4.83
C HIS I 2 -6.43 -4.05 -3.94
N VAL I 3 -5.21 -3.56 -3.82
CA VAL I 3 -4.93 -2.37 -3.03
C VAL I 3 -4.39 -1.25 -3.89
N HIS I 4 -5.05 -0.10 -3.92
CA HIS I 4 -4.57 1.03 -4.69
C HIS I 4 -4.27 2.24 -3.79
N LEU I 5 -3.09 2.83 -3.96
CA LEU I 5 -2.68 3.99 -3.17
C LEU I 5 -2.18 5.12 -4.04
N GLN I 6 -2.76 6.31 -3.86
CA GLN I 6 -2.34 7.48 -4.61
C GLN I 6 -2.09 8.63 -3.64
N ILE I 7 -0.81 8.94 -3.39
CA ILE I 7 -0.44 10.01 -2.46
C ILE I 7 0.46 11.02 -3.17
N ILE J 1 -2.53 -11.08 -4.92
CA ILE J 1 -2.66 -9.71 -4.34
C ILE J 1 -1.98 -8.71 -5.26
N HIS J 2 -2.72 -7.71 -5.73
CA HIS J 2 -2.12 -6.68 -6.59
C HIS J 2 -2.05 -5.39 -5.79
N VAL J 3 -0.85 -4.83 -5.65
CA VAL J 3 -0.69 -3.56 -4.94
C VAL J 3 -0.17 -2.50 -5.90
N HIS J 4 -0.87 -1.37 -6.00
CA HIS J 4 -0.43 -0.28 -6.86
C HIS J 4 -0.15 0.96 -6.00
N LEU J 5 1.04 1.57 -6.15
CA LEU J 5 1.38 2.76 -5.35
C LEU J 5 1.94 3.87 -6.22
N GLN J 6 1.28 5.03 -6.18
CA GLN J 6 1.72 6.19 -6.92
C GLN J 6 1.93 7.35 -5.97
N ILE J 7 3.20 7.64 -5.70
CA ILE J 7 3.57 8.72 -4.79
C ILE J 7 4.88 9.36 -5.22
N ILE K 1 1.79 -12.18 -7.14
CA ILE K 1 1.64 -10.85 -6.50
C ILE K 1 2.28 -9.79 -7.38
N HIS K 2 1.54 -8.72 -7.67
CA HIS K 2 2.07 -7.64 -8.48
C HIS K 2 2.27 -6.42 -7.61
N VAL K 3 3.51 -5.90 -7.58
CA VAL K 3 3.80 -4.70 -6.80
C VAL K 3 4.30 -3.59 -7.72
N HIS K 4 3.62 -2.44 -7.73
CA HIS K 4 4.04 -1.32 -8.54
C HIS K 4 4.39 -0.10 -7.67
N LEU K 5 5.56 0.49 -7.92
CA LEU K 5 6.01 1.67 -7.16
C LEU K 5 6.48 2.79 -8.08
N GLN K 6 5.85 3.96 -7.94
CA GLN K 6 6.26 5.12 -8.73
C GLN K 6 6.53 6.29 -7.79
N ILE K 7 7.82 6.59 -7.57
CA ILE K 7 8.21 7.69 -6.68
C ILE K 7 9.03 8.71 -7.45
N ILE L 1 6.11 -13.37 -8.42
CA ILE L 1 6.10 -12.01 -7.80
C ILE L 1 6.71 -11.02 -8.78
N HIS L 2 5.93 -10.05 -9.24
CA HIS L 2 6.47 -9.03 -10.16
C HIS L 2 6.60 -7.73 -9.39
N VAL L 3 7.81 -7.18 -9.35
CA VAL L 3 8.03 -5.91 -8.67
C VAL L 3 8.47 -4.86 -9.69
N HIS L 4 7.77 -3.73 -9.73
CA HIS L 4 8.13 -2.65 -10.65
C HIS L 4 8.51 -1.42 -9.83
N LEU L 5 9.67 -0.81 -10.11
CA LEU L 5 10.11 0.39 -9.37
C LEU L 5 10.56 1.48 -10.33
N GLN L 6 10.01 2.67 -10.16
CA GLN L 6 10.39 3.81 -10.98
C GLN L 6 10.72 4.98 -10.08
N ILE L 7 12.02 5.25 -9.94
CA ILE L 7 12.50 6.34 -9.09
C ILE L 7 13.79 6.94 -9.68
N ILE A 1 -6.41 13.01 10.21
CA ILE A 1 -7.47 11.99 9.98
C ILE A 1 -6.86 10.58 10.04
N HIS A 2 -7.44 9.73 10.86
CA HIS A 2 -6.98 8.37 10.96
C HIS A 2 -8.06 7.44 10.45
N VAL A 3 -7.75 6.64 9.44
CA VAL A 3 -8.73 5.67 8.91
C VAL A 3 -8.20 4.27 9.11
N HIS A 4 -8.95 3.43 9.82
CA HIS A 4 -8.55 2.06 10.04
C HIS A 4 -9.57 1.09 9.45
N LEU A 5 -9.09 0.11 8.68
CA LEU A 5 -9.97 -0.89 8.08
C LEU A 5 -9.59 -2.27 8.57
N GLN A 6 -10.51 -2.90 9.31
CA GLN A 6 -10.26 -4.25 9.81
C GLN A 6 -11.40 -5.15 9.37
N ILE A 7 -11.12 -6.05 8.42
CA ILE A 7 -12.15 -6.95 7.90
C ILE A 7 -11.68 -8.40 8.00
N ILE B 1 -2.12 12.28 7.66
CA ILE B 1 -3.18 11.27 7.37
C ILE B 1 -2.58 9.87 7.57
N HIS B 2 -3.17 9.09 8.48
CA HIS B 2 -2.68 7.71 8.71
C HIS B 2 -3.72 6.71 8.23
N VAL B 3 -3.33 5.81 7.31
CA VAL B 3 -4.23 4.77 6.83
C VAL B 3 -3.71 3.40 7.23
N HIS B 4 -4.54 2.61 7.91
CA HIS B 4 -4.13 1.26 8.32
C HIS B 4 -5.08 0.23 7.70
N LEU B 5 -4.53 -0.81 7.04
CA LEU B 5 -5.36 -1.86 6.44
C LEU B 5 -5.00 -3.22 7.01
N GLN B 6 -6.00 -3.91 7.56
CA GLN B 6 -5.79 -5.24 8.11
C GLN B 6 -6.92 -6.15 7.66
N ILE B 7 -6.58 -7.14 6.84
CA ILE B 7 -7.58 -8.09 6.33
C ILE B 7 -6.93 -9.42 6.01
N ILE C 1 2.41 11.04 5.84
CA ILE C 1 1.35 10.03 5.57
C ILE C 1 1.92 8.62 5.78
N HIS C 2 1.23 7.83 6.60
CA HIS C 2 1.67 6.48 6.84
C HIS C 2 0.66 5.51 6.27
N VAL C 3 1.09 4.62 5.36
CA VAL C 3 0.18 3.61 4.80
C VAL C 3 0.68 2.22 5.16
N HIS C 4 -0.13 1.43 5.86
CA HIS C 4 0.25 0.08 6.19
C HIS C 4 -0.70 -0.93 5.59
N LEU C 5 -0.13 -1.94 4.91
CA LEU C 5 -0.95 -2.99 4.28
C LEU C 5 -0.61 -4.34 4.88
N GLN C 6 -1.59 -4.96 5.56
CA GLN C 6 -1.39 -6.28 6.15
C GLN C 6 -2.49 -7.20 5.66
N ILE C 7 -2.13 -8.15 4.79
CA ILE C 7 -3.10 -9.10 4.24
C ILE C 7 -2.66 -10.53 4.51
N ILE D 1 6.85 10.16 3.36
CA ILE D 1 5.79 9.15 3.11
C ILE D 1 6.35 7.75 3.38
N HIS D 2 5.73 7.02 4.33
CA HIS D 2 6.22 5.66 4.64
C HIS D 2 5.18 4.64 4.18
N VAL D 3 5.60 3.70 3.32
CA VAL D 3 4.72 2.63 2.86
C VAL D 3 5.24 1.28 3.33
N HIS D 4 4.40 0.52 4.04
CA HIS D 4 4.80 -0.81 4.52
C HIS D 4 3.88 -1.87 3.90
N LEU D 5 4.46 -2.93 3.32
CA LEU D 5 3.65 -4.02 2.73
C LEU D 5 4.01 -5.35 3.37
N GLN D 6 3.00 -6.00 3.95
CA GLN D 6 3.20 -7.31 4.56
C GLN D 6 2.09 -8.26 4.13
N ILE D 7 2.46 -9.26 3.34
CA ILE D 7 1.49 -10.24 2.84
C ILE D 7 2.16 -11.59 2.62
N ILE E 1 11.35 8.91 1.65
CA ILE E 1 10.30 7.89 1.39
C ILE E 1 10.85 6.50 1.66
N HIS E 2 10.14 5.73 2.49
CA HIS E 2 10.58 4.38 2.78
C HIS E 2 9.57 3.39 2.23
N VAL E 3 10.01 2.47 1.37
CA VAL E 3 9.12 1.44 0.84
C VAL E 3 9.62 0.07 1.26
N HIS E 4 8.80 -0.70 1.97
CA HIS E 4 9.20 -2.04 2.36
C HIS E 4 8.25 -3.08 1.77
N LEU E 5 8.84 -4.10 1.14
CA LEU E 5 8.05 -5.17 0.54
C LEU E 5 8.37 -6.51 1.18
N GLN E 6 7.38 -7.10 1.87
CA GLN E 6 7.58 -8.40 2.51
C GLN E 6 6.48 -9.35 2.04
N ILE E 7 6.87 -10.31 1.19
CA ILE E 7 5.91 -11.28 0.64
C ILE E 7 6.33 -12.70 0.98
N ILE F 1 15.83 8.04 -0.71
CA ILE F 1 14.78 7.03 -1.02
C ILE F 1 15.30 5.65 -0.66
N HIS F 2 14.66 4.98 0.30
CA HIS F 2 15.10 3.63 0.68
C HIS F 2 14.08 2.61 0.19
N VAL F 3 14.56 1.64 -0.60
CA VAL F 3 13.71 0.57 -1.10
C VAL F 3 14.17 -0.77 -0.53
N HIS F 4 13.28 -1.51 0.13
CA HIS F 4 13.66 -2.82 0.67
C HIS F 4 12.80 -3.92 0.02
N LEU F 5 13.43 -4.98 -0.48
CA LEU F 5 12.69 -6.09 -1.11
C LEU F 5 13.01 -7.41 -0.40
N GLN F 6 11.96 -8.06 0.11
CA GLN F 6 12.13 -9.34 0.79
C GLN F 6 11.05 -10.29 0.31
N ILE F 7 11.48 -11.31 -0.43
CA ILE F 7 10.56 -12.30 -0.98
C ILE F 7 11.24 -13.67 -1.08
N ILE G 1 -16.24 -7.38 -0.28
CA ILE G 1 -16.28 -6.09 0.47
C ILE G 1 -15.42 -5.05 -0.26
N HIS G 2 -16.03 -3.90 -0.56
CA HIS G 2 -15.30 -2.85 -1.21
C HIS G 2 -15.20 -1.67 -0.24
N VAL G 3 -13.97 -1.24 0.05
CA VAL G 3 -13.78 -0.07 0.94
C VAL G 3 -13.07 1.02 0.17
N HIS G 4 -13.70 2.21 0.09
CA HIS G 4 -13.08 3.32 -0.59
C HIS G 4 -12.87 4.50 0.36
N LEU G 5 -11.66 5.06 0.35
CA LEU G 5 -11.35 6.20 1.21
C LEU G 5 -10.95 7.39 0.36
N GLN G 6 -11.75 8.45 0.41
CA GLN G 6 -11.46 9.67 -0.35
C GLN G 6 -11.45 10.84 0.61
N ILE G 7 -10.25 11.37 0.89
CA ILE G 7 -10.11 12.50 1.83
C ILE G 7 -9.36 13.65 1.16
N ILE H 1 -11.56 -8.84 -1.64
CA ILE H 1 -11.60 -7.55 -0.88
C ILE H 1 -10.84 -6.49 -1.68
N HIS H 2 -11.52 -5.39 -2.02
CA HIS H 2 -10.85 -4.30 -2.77
C HIS H 2 -10.73 -3.07 -1.88
N VAL H 3 -9.50 -2.57 -1.71
CA VAL H 3 -9.28 -1.35 -0.92
C VAL H 3 -8.71 -0.25 -1.81
N HIS H 4 -9.38 0.89 -1.83
CA HIS H 4 -8.91 2.04 -2.64
C HIS H 4 -8.62 3.23 -1.73
N LEU H 5 -7.43 3.84 -1.85
CA LEU H 5 -7.07 5.01 -1.04
C LEU H 5 -6.73 6.19 -1.93
N GLN H 6 -7.44 7.30 -1.72
CA GLN H 6 -7.19 8.52 -2.48
C GLN H 6 -7.18 9.72 -1.53
N ILE H 7 -6.02 10.33 -1.38
CA ILE H 7 -5.86 11.48 -0.50
C ILE H 7 -4.73 12.38 -0.98
N ILE I 1 -7.19 -9.86 -3.77
CA ILE I 1 -7.19 -8.58 -3.02
C ILE I 1 -6.47 -7.51 -3.82
N HIS I 2 -7.14 -6.37 -4.02
CA HIS I 2 -6.52 -5.28 -4.74
C HIS I 2 -6.33 -4.10 -3.81
N VAL I 3 -5.09 -3.64 -3.66
CA VAL I 3 -4.81 -2.46 -2.81
C VAL I 3 -4.24 -1.35 -3.66
N HIS I 4 -4.89 -0.19 -3.70
CA HIS I 4 -4.37 0.94 -4.44
C HIS I 4 -4.10 2.12 -3.53
N LEU I 5 -2.90 2.69 -3.66
CA LEU I 5 -2.51 3.85 -2.84
C LEU I 5 -2.22 5.04 -3.72
N GLN I 6 -3.02 6.10 -3.58
CA GLN I 6 -2.81 7.31 -4.36
C GLN I 6 -2.75 8.50 -3.41
N ILE I 7 -1.55 9.06 -3.24
CA ILE I 7 -1.34 10.20 -2.34
C ILE I 7 -0.71 11.37 -3.09
N ILE J 1 -2.45 -11.32 -5.25
CA ILE J 1 -2.49 -10.04 -4.50
C ILE J 1 -1.81 -8.95 -5.34
N HIS J 2 -2.54 -7.88 -5.66
CA HIS J 2 -1.96 -6.79 -6.45
C HIS J 2 -1.82 -5.54 -5.58
N VAL J 3 -0.59 -5.01 -5.48
CA VAL J 3 -0.35 -3.79 -4.71
C VAL J 3 0.14 -2.69 -5.65
N HIS J 4 -0.55 -1.55 -5.66
CA HIS J 4 -0.14 -0.41 -6.50
C HIS J 4 0.20 0.79 -5.63
N LEU J 5 1.38 1.40 -5.84
CA LEU J 5 1.77 2.59 -5.06
C LEU J 5 2.04 3.78 -5.97
N GLN J 6 1.31 4.86 -5.76
CA GLN J 6 1.49 6.08 -6.54
C GLN J 6 1.54 7.28 -5.61
N ILE J 7 2.71 7.91 -5.54
CA ILE J 7 2.92 9.07 -4.68
C ILE J 7 3.98 9.99 -5.27
N ILE K 1 1.89 -12.32 -7.41
CA ILE K 1 1.89 -11.03 -6.65
C ILE K 1 2.56 -9.94 -7.48
N HIS K 2 1.86 -8.82 -7.69
CA HIS K 2 2.42 -7.73 -8.43
C HIS K 2 2.63 -6.53 -7.51
N VAL K 3 3.86 -6.04 -7.42
CA VAL K 3 4.14 -4.85 -6.60
C VAL K 3 4.66 -3.74 -7.49
N HIS K 4 3.98 -2.59 -7.52
CA HIS K 4 4.46 -1.48 -8.32
C HIS K 4 4.75 -0.27 -7.43
N LEU K 5 5.95 0.32 -7.62
CA LEU K 5 6.36 1.48 -6.83
C LEU K 5 6.61 2.68 -7.74
N GLN K 6 5.78 3.71 -7.60
CA GLN K 6 5.94 4.93 -8.39
C GLN K 6 6.01 6.13 -7.45
N ILE K 7 7.23 6.70 -7.33
CA ILE K 7 7.45 7.85 -6.45
C ILE K 7 8.01 9.03 -7.25
N ILE L 1 6.61 -13.50 -9.11
CA ILE L 1 6.63 -12.23 -8.33
C ILE L 1 7.21 -11.12 -9.19
N HIS L 2 6.41 -10.09 -9.48
CA HIS L 2 6.91 -8.98 -10.30
C HIS L 2 7.11 -7.75 -9.42
N VAL L 3 8.32 -7.22 -9.42
CA VAL L 3 8.63 -6.00 -8.66
C VAL L 3 9.01 -4.88 -9.63
N HIS L 4 8.32 -3.74 -9.55
CA HIS L 4 8.66 -2.60 -10.42
C HIS L 4 9.08 -1.40 -9.57
N LEU L 5 10.22 -0.78 -9.89
CA LEU L 5 10.70 0.40 -9.14
C LEU L 5 10.88 1.58 -10.07
N GLN L 6 10.17 2.67 -9.79
CA GLN L 6 10.28 3.89 -10.59
C GLN L 6 10.41 5.09 -9.66
N ILE L 7 11.59 5.70 -9.67
CA ILE L 7 11.86 6.85 -8.82
C ILE L 7 12.85 7.79 -9.50
N ILE A 1 -6.41 13.28 9.69
CA ILE A 1 -7.51 12.28 9.63
C ILE A 1 -6.94 10.87 9.72
N HIS A 2 -7.61 10.03 10.52
CA HIS A 2 -7.19 8.67 10.69
C HIS A 2 -8.25 7.74 10.10
N VAL A 3 -7.85 6.89 9.16
CA VAL A 3 -8.78 5.92 8.56
C VAL A 3 -8.29 4.52 8.85
N HIS A 4 -9.13 3.73 9.51
CA HIS A 4 -8.79 2.37 9.84
C HIS A 4 -9.74 1.36 9.19
N LEU A 5 -9.17 0.34 8.56
CA LEU A 5 -9.96 -0.71 7.92
C LEU A 5 -9.48 -2.06 8.45
N GLN A 6 -10.41 -2.82 9.03
CA GLN A 6 -10.11 -4.15 9.54
C GLN A 6 -11.24 -5.09 9.12
N ILE A 7 -10.91 -6.12 8.35
CA ILE A 7 -11.93 -7.08 7.89
C ILE A 7 -11.45 -8.51 8.17
N ILE B 1 -2.10 12.19 7.57
CA ILE B 1 -3.20 11.20 7.47
C ILE B 1 -2.63 9.80 7.67
N HIS B 2 -3.24 9.03 8.58
CA HIS B 2 -2.75 7.66 8.82
C HIS B 2 -3.79 6.66 8.32
N VAL B 3 -3.36 5.76 7.44
CA VAL B 3 -4.25 4.71 6.94
C VAL B 3 -3.73 3.34 7.36
N HIS B 4 -4.58 2.56 8.03
CA HIS B 4 -4.18 1.21 8.46
C HIS B 4 -5.10 0.20 7.78
N LEU B 5 -4.51 -0.82 7.14
CA LEU B 5 -5.32 -1.82 6.42
C LEU B 5 -4.96 -3.23 6.88
N GLN B 6 -5.93 -3.94 7.45
CA GLN B 6 -5.69 -5.31 7.90
C GLN B 6 -6.81 -6.20 7.37
N ILE B 7 -6.44 -7.08 6.44
CA ILE B 7 -7.42 -7.98 5.83
C ILE B 7 -6.91 -9.42 5.90
N ILE C 1 2.45 11.08 5.87
CA ILE C 1 1.34 10.09 5.73
C ILE C 1 1.88 8.69 5.92
N HIS C 2 1.16 7.88 6.69
CA HIS C 2 1.55 6.52 6.93
C HIS C 2 0.54 5.58 6.29
N VAL C 3 1.01 4.72 5.38
CA VAL C 3 0.13 3.73 4.76
C VAL C 3 0.60 2.34 5.11
N HIS C 4 -0.27 1.55 5.75
CA HIS C 4 0.07 0.19 6.12
C HIS C 4 -0.83 -0.84 5.46
N LEU C 5 -0.21 -1.85 4.85
CA LEU C 5 -0.96 -2.94 4.20
C LEU C 5 -0.53 -4.27 4.78
N GLN C 6 -1.49 -5.00 5.35
CA GLN C 6 -1.22 -6.32 5.91
C GLN C 6 -2.31 -7.29 5.44
N ILE C 7 -1.91 -8.33 4.72
CA ILE C 7 -2.86 -9.34 4.21
C ILE C 7 -2.37 -10.74 4.57
N ILE D 1 6.70 10.13 3.64
CA ILE D 1 5.62 9.10 3.49
C ILE D 1 6.22 7.73 3.73
N HIS D 2 5.64 6.97 4.67
CA HIS D 2 6.13 5.63 4.94
C HIS D 2 5.11 4.61 4.47
N VAL D 3 5.54 3.69 3.61
CA VAL D 3 4.67 2.62 3.13
C VAL D 3 5.19 1.27 3.59
N HIS D 4 4.35 0.50 4.26
CA HIS D 4 4.76 -0.84 4.73
C HIS D 4 3.87 -1.88 4.06
N LEU D 5 4.48 -2.90 3.44
CA LEU D 5 3.70 -3.92 2.73
C LEU D 5 4.06 -5.31 3.24
N GLN D 6 3.08 -6.03 3.78
CA GLN D 6 3.32 -7.38 4.27
C GLN D 6 2.22 -8.30 3.75
N ILE D 7 2.62 -9.22 2.86
CA ILE D 7 1.68 -10.14 2.25
C ILE D 7 2.22 -11.57 2.33
N ILE E 1 11.25 9.09 1.74
CA ILE E 1 10.16 8.08 1.62
C ILE E 1 10.70 6.69 1.87
N HIS E 2 9.97 5.90 2.66
CA HIS E 2 10.39 4.56 2.93
C HIS E 2 9.39 3.59 2.31
N VAL E 3 9.88 2.71 1.43
CA VAL E 3 9.03 1.71 0.80
C VAL E 3 9.49 0.34 1.22
N HIS E 4 8.62 -0.46 1.86
CA HIS E 4 8.99 -1.79 2.26
C HIS E 4 8.11 -2.86 1.62
N LEU E 5 8.76 -3.87 1.04
CA LEU E 5 8.04 -4.98 0.40
C LEU E 5 8.47 -6.31 1.02
N GLN E 6 7.50 -7.01 1.63
CA GLN E 6 7.77 -8.32 2.22
C GLN E 6 6.73 -9.31 1.75
N ILE E 7 7.18 -10.38 1.07
CA ILE E 7 6.26 -11.41 0.57
C ILE E 7 6.78 -12.79 0.96
N ILE F 1 15.07 8.22 -0.96
CA ILE F 1 14.05 7.15 -1.13
C ILE F 1 14.69 5.80 -0.81
N HIS F 2 14.17 5.11 0.20
CA HIS F 2 14.70 3.79 0.55
C HIS F 2 13.70 2.73 0.12
N VAL F 3 14.15 1.78 -0.69
CA VAL F 3 13.30 0.67 -1.12
C VAL F 3 13.86 -0.64 -0.59
N HIS F 4 13.03 -1.42 0.11
CA HIS F 4 13.49 -2.71 0.64
C HIS F 4 12.66 -3.83 0.00
N LEU F 5 13.33 -4.84 -0.53
CA LEU F 5 12.64 -5.95 -1.22
C LEU F 5 13.01 -7.27 -0.59
N GLN F 6 12.01 -8.01 -0.10
CA GLN F 6 12.26 -9.32 0.50
C GLN F 6 11.24 -10.31 -0.01
N ILE F 7 11.69 -11.25 -0.83
CA ILE F 7 10.81 -12.26 -1.41
C ILE F 7 11.40 -13.65 -1.25
N ILE G 1 -15.90 -7.71 -0.06
CA ILE G 1 -16.13 -6.39 0.59
C ILE G 1 -15.30 -5.32 -0.11
N HIS G 2 -15.93 -4.16 -0.35
CA HIS G 2 -15.27 -3.07 -0.99
C HIS G 2 -15.12 -1.91 0.00
N VAL G 3 -13.89 -1.47 0.23
CA VAL G 3 -13.64 -0.33 1.12
C VAL G 3 -13.01 0.79 0.33
N HIS G 4 -13.66 1.96 0.32
CA HIS G 4 -13.14 3.10 -0.38
C HIS G 4 -12.86 4.27 0.56
N LEU G 5 -11.67 4.85 0.41
CA LEU G 5 -11.27 6.01 1.23
C LEU G 5 -10.84 7.14 0.30
N GLN G 6 -11.50 8.29 0.41
CA GLN G 6 -11.15 9.46 -0.38
C GLN G 6 -11.16 10.68 0.54
N ILE G 7 -10.01 11.34 0.66
CA ILE G 7 -9.91 12.53 1.53
C ILE G 7 -9.28 13.69 0.75
N ILE H 1 -11.42 -8.80 -1.67
CA ILE H 1 -11.61 -7.48 -1.01
C ILE H 1 -10.85 -6.42 -1.78
N HIS H 2 -11.53 -5.33 -2.15
CA HIS H 2 -10.86 -4.26 -2.89
C HIS H 2 -10.75 -3.02 -2.00
N VAL H 3 -9.53 -2.52 -1.83
CA VAL H 3 -9.31 -1.31 -1.04
C VAL H 3 -8.75 -0.21 -1.94
N HIS H 4 -9.41 0.94 -1.96
CA HIS H 4 -8.93 2.08 -2.76
C HIS H 4 -8.60 3.24 -1.84
N LEU H 5 -7.40 3.81 -1.96
CA LEU H 5 -7.00 4.91 -1.07
C LEU H 5 -6.54 6.12 -1.89
N GLN H 6 -7.23 7.24 -1.73
CA GLN H 6 -6.86 8.46 -2.45
C GLN H 6 -6.81 9.61 -1.47
N ILE H 7 -5.60 10.10 -1.21
CA ILE H 7 -5.41 11.20 -0.27
C ILE H 7 -4.56 12.30 -0.91
N ILE I 1 -7.05 -10.02 -3.72
CA ILE I 1 -7.24 -8.72 -3.03
C ILE I 1 -6.49 -7.62 -3.78
N HIS I 2 -7.15 -6.47 -3.96
CA HIS I 2 -6.53 -5.37 -4.64
C HIS I 2 -6.33 -4.23 -3.65
N VAL I 3 -5.08 -3.78 -3.51
CA VAL I 3 -4.77 -2.65 -2.63
C VAL I 3 -4.19 -1.53 -3.45
N HIS I 4 -4.84 -0.35 -3.43
CA HIS I 4 -4.35 0.79 -4.16
C HIS I 4 -4.02 1.97 -3.25
N LEU I 5 -2.84 2.53 -3.44
CA LEU I 5 -2.38 3.68 -2.65
C LEU I 5 -2.01 4.82 -3.59
N GLN I 6 -2.70 5.96 -3.44
CA GLN I 6 -2.40 7.14 -4.25
C GLN I 6 -2.35 8.36 -3.33
N ILE I 7 -1.18 9.02 -3.30
CA ILE I 7 -0.99 10.21 -2.46
C ILE I 7 -0.40 11.34 -3.30
N ILE J 1 -2.54 -11.13 -5.10
CA ILE J 1 -2.65 -9.82 -4.40
C ILE J 1 -1.94 -8.76 -5.24
N HIS J 2 -2.64 -7.69 -5.61
CA HIS J 2 -2.02 -6.62 -6.39
C HIS J 2 -1.88 -5.38 -5.52
N VAL J 3 -0.66 -4.86 -5.41
CA VAL J 3 -0.42 -3.64 -4.65
C VAL J 3 0.09 -2.55 -5.58
N HIS J 4 -0.57 -1.40 -5.59
CA HIS J 4 -0.14 -0.27 -6.43
C HIS J 4 0.23 0.89 -5.53
N LEU J 5 1.43 1.47 -5.73
CA LEU J 5 1.88 2.58 -4.89
C LEU J 5 2.26 3.78 -5.74
N GLN J 6 1.59 4.90 -5.55
CA GLN J 6 1.90 6.11 -6.29
C GLN J 6 2.00 7.28 -5.34
N ILE J 7 3.22 7.78 -5.15
CA ILE J 7 3.47 8.90 -4.24
C ILE J 7 4.27 9.99 -4.94
N ILE K 1 1.76 -12.32 -7.30
CA ILE K 1 1.61 -11.01 -6.62
C ILE K 1 2.29 -9.92 -7.44
N HIS K 2 1.61 -8.79 -7.59
CA HIS K 2 2.18 -7.68 -8.31
C HIS K 2 2.43 -6.53 -7.35
N VAL K 3 3.68 -6.07 -7.28
CA VAL K 3 4.04 -4.94 -6.43
C VAL K 3 4.55 -3.82 -7.30
N HIS K 4 3.91 -2.65 -7.26
CA HIS K 4 4.34 -1.52 -8.04
C HIS K 4 4.73 -0.32 -7.16
N LEU K 5 5.91 0.24 -7.42
CA LEU K 5 6.41 1.40 -6.67
C LEU K 5 6.71 2.54 -7.64
N GLN K 6 6.01 3.66 -7.48
CA GLN K 6 6.25 4.84 -8.32
C GLN K 6 6.38 6.07 -7.43
N ILE K 7 7.54 6.72 -7.49
CA ILE K 7 7.79 7.92 -6.67
C ILE K 7 8.34 9.03 -7.56
N ILE L 1 6.02 -13.46 -8.56
CA ILE L 1 6.03 -12.14 -7.89
C ILE L 1 6.67 -11.12 -8.82
N HIS L 2 5.92 -10.10 -9.20
CA HIS L 2 6.46 -9.06 -10.08
C HIS L 2 6.65 -7.78 -9.25
N VAL L 3 7.87 -7.26 -9.25
CA VAL L 3 8.15 -6.02 -8.53
C VAL L 3 8.58 -4.95 -9.54
N HIS L 4 7.93 -3.79 -9.53
CA HIS L 4 8.29 -2.70 -10.44
C HIS L 4 8.75 -1.50 -9.63
N LEU L 5 9.91 -0.95 -9.96
CA LEU L 5 10.47 0.18 -9.20
C LEU L 5 10.73 1.36 -10.13
N GLN L 6 10.12 2.50 -9.85
CA GLN L 6 10.32 3.69 -10.68
C GLN L 6 10.51 4.89 -9.77
N ILE L 7 11.75 5.40 -9.73
CA ILE L 7 12.09 6.53 -8.88
C ILE L 7 12.83 7.59 -9.69
N ILE A 1 -6.52 13.04 10.24
CA ILE A 1 -7.60 12.02 10.12
C ILE A 1 -6.99 10.64 10.22
N HIS A 2 -7.63 9.76 11.00
CA HIS A 2 -7.16 8.41 11.15
C HIS A 2 -8.19 7.46 10.55
N VAL A 3 -7.78 6.65 9.57
CA VAL A 3 -8.70 5.68 8.96
C VAL A 3 -8.20 4.27 9.19
N HIS A 4 -9.02 3.42 9.84
CA HIS A 4 -8.65 2.04 10.07
C HIS A 4 -9.63 1.08 9.41
N LEU A 5 -9.10 0.09 8.69
CA LEU A 5 -9.94 -0.92 8.03
C LEU A 5 -9.57 -2.31 8.52
N GLN A 6 -10.48 -2.95 9.24
CA GLN A 6 -10.24 -4.30 9.76
C GLN A 6 -11.34 -5.23 9.26
N ILE A 7 -11.01 -6.07 8.29
CA ILE A 7 -11.99 -7.00 7.72
C ILE A 7 -11.56 -8.45 7.98
N ILE B 1 -2.48 12.18 7.43
CA ILE B 1 -3.47 11.12 7.79
C ILE B 1 -2.76 9.79 7.97
N HIS B 2 -3.28 8.97 8.88
CA HIS B 2 -2.74 7.64 9.08
C HIS B 2 -3.74 6.63 8.57
N VAL B 3 -3.33 5.77 7.64
CA VAL B 3 -4.23 4.74 7.11
C VAL B 3 -3.70 3.37 7.47
N HIS B 4 -4.56 2.57 8.11
CA HIS B 4 -4.17 1.21 8.51
C HIS B 4 -5.09 0.21 7.82
N LEU B 5 -4.50 -0.79 7.17
CA LEU B 5 -5.30 -1.83 6.49
C LEU B 5 -4.95 -3.22 7.00
N GLN B 6 -5.97 -3.94 7.48
CA GLN B 6 -5.75 -5.29 7.97
C GLN B 6 -6.82 -6.22 7.39
N ILE B 7 -6.42 -7.04 6.43
CA ILE B 7 -7.34 -7.98 5.78
C ILE B 7 -6.99 -9.42 6.15
N ILE C 1 2.09 11.21 5.94
CA ILE C 1 1.04 10.15 5.79
C ILE C 1 1.66 8.77 6.02
N HIS C 2 0.98 7.94 6.83
CA HIS C 2 1.48 6.61 7.08
C HIS C 2 0.51 5.61 6.47
N VAL C 3 1.00 4.75 5.57
CA VAL C 3 0.15 3.73 4.96
C VAL C 3 0.66 2.34 5.32
N HIS C 4 -0.17 1.51 5.97
CA HIS C 4 0.22 0.17 6.29
C HIS C 4 -0.69 -0.86 5.65
N LEU C 5 -0.10 -1.86 4.99
CA LEU C 5 -0.88 -2.92 4.34
C LEU C 5 -0.51 -4.28 4.91
N GLN C 6 -1.44 -4.90 5.64
CA GLN C 6 -1.20 -6.22 6.23
C GLN C 6 -2.25 -7.20 5.72
N ILE C 7 -1.82 -8.10 4.85
CA ILE C 7 -2.73 -9.11 4.27
C ILE C 7 -2.29 -10.51 4.64
N ILE D 1 6.27 10.20 2.99
CA ILE D 1 5.29 9.15 3.38
C ILE D 1 6.00 7.84 3.65
N HIS D 2 5.46 7.06 4.59
CA HIS D 2 6.03 5.74 4.87
C HIS D 2 5.05 4.69 4.39
N VAL D 3 5.50 3.79 3.52
CA VAL D 3 4.64 2.73 3.02
C VAL D 3 5.17 1.38 3.46
N HIS D 4 4.33 0.61 4.13
CA HIS D 4 4.72 -0.73 4.60
C HIS D 4 3.84 -1.78 3.96
N LEU D 5 4.45 -2.82 3.37
CA LEU D 5 3.68 -3.89 2.72
C LEU D 5 4.05 -5.25 3.29
N GLN D 6 3.04 -5.96 3.80
CA GLN D 6 3.26 -7.29 4.36
C GLN D 6 2.22 -8.26 3.81
N ILE D 7 2.65 -9.11 2.87
CA ILE D 7 1.75 -10.09 2.25
C ILE D 7 2.12 -11.51 2.70
N ILE E 1 10.82 9.21 1.43
CA ILE E 1 9.78 8.15 1.29
C ILE E 1 10.40 6.79 1.60
N HIS E 2 9.72 6.00 2.43
CA HIS E 2 10.22 4.68 2.77
C HIS E 2 9.27 3.64 2.19
N VAL E 3 9.80 2.74 1.35
CA VAL E 3 8.97 1.67 0.78
C VAL E 3 9.47 0.31 1.21
N HIS E 4 8.64 -0.48 1.89
CA HIS E 4 9.04 -1.81 2.29
C HIS E 4 8.16 -2.89 1.68
N LEU E 5 8.79 -3.91 1.08
CA LEU E 5 8.05 -5.01 0.47
C LEU E 5 8.45 -6.34 1.11
N GLN E 6 7.52 -6.93 1.87
CA GLN E 6 7.78 -8.21 2.53
C GLN E 6 6.77 -9.24 2.05
N ILE E 7 7.23 -10.17 1.21
CA ILE E 7 6.36 -11.21 0.66
C ILE E 7 6.85 -12.59 1.08
N ILE F 1 14.90 8.30 -1.26
CA ILE F 1 13.94 7.22 -0.91
C ILE F 1 14.70 5.94 -0.58
N HIS F 2 14.18 5.20 0.39
CA HIS F 2 14.78 3.91 0.75
C HIS F 2 13.83 2.81 0.28
N VAL F 3 14.34 1.89 -0.53
CA VAL F 3 13.50 0.78 -1.02
C VAL F 3 14.03 -0.53 -0.48
N HIS F 4 13.16 -1.29 0.18
CA HIS F 4 13.55 -2.60 0.73
C HIS F 4 12.72 -3.69 0.07
N LEU F 5 13.39 -4.74 -0.44
CA LEU F 5 12.69 -5.85 -1.10
C LEU F 5 13.04 -7.18 -0.45
N GLN F 6 12.04 -7.90 0.03
CA GLN F 6 12.27 -9.20 0.65
C GLN F 6 11.28 -10.22 0.10
N ILE F 7 11.77 -11.09 -0.78
CA ILE F 7 10.92 -12.12 -1.39
C ILE F 7 11.32 -13.50 -0.89
N ILE G 1 -16.19 -7.44 -0.28
CA ILE G 1 -16.34 -6.10 0.37
C ILE G 1 -15.47 -5.08 -0.36
N HIS G 2 -16.03 -3.90 -0.62
CA HIS G 2 -15.30 -2.85 -1.29
C HIS G 2 -15.14 -1.70 -0.31
N VAL G 3 -13.89 -1.28 -0.05
CA VAL G 3 -13.65 -0.15 0.84
C VAL G 3 -12.94 0.96 0.09
N HIS G 4 -13.54 2.16 0.04
CA HIS G 4 -12.92 3.29 -0.62
C HIS G 4 -12.67 4.44 0.35
N LEU G 5 -11.46 5.00 0.32
CA LEU G 5 -11.10 6.12 1.21
C LEU G 5 -10.66 7.32 0.37
N GLN G 6 -11.47 8.38 0.39
CA GLN G 6 -11.14 9.59 -0.36
C GLN G 6 -11.10 10.78 0.58
N ILE G 7 -9.89 11.24 0.89
CA ILE G 7 -9.71 12.38 1.80
C ILE G 7 -9.05 13.55 1.08
N ILE H 1 -11.37 -8.68 -1.24
CA ILE H 1 -11.80 -7.27 -0.97
C ILE H 1 -10.98 -6.32 -1.82
N HIS H 2 -11.60 -5.22 -2.23
CA HIS H 2 -10.88 -4.20 -2.98
C HIS H 2 -10.74 -2.98 -2.09
N VAL H 3 -9.49 -2.53 -1.89
CA VAL H 3 -9.25 -1.34 -1.07
C VAL H 3 -8.66 -0.25 -1.93
N HIS H 4 -9.30 0.92 -1.92
CA HIS H 4 -8.81 2.07 -2.69
C HIS H 4 -8.48 3.22 -1.75
N LEU H 5 -7.28 3.79 -1.87
CA LEU H 5 -6.88 4.91 -1.01
C LEU H 5 -6.48 6.11 -1.85
N GLN H 6 -7.13 7.24 -1.63
CA GLN H 6 -6.81 8.47 -2.35
C GLN H 6 -6.69 9.62 -1.36
N ILE H 7 -5.45 10.04 -1.09
CA ILE H 7 -5.18 11.14 -0.16
C ILE H 7 -4.66 12.36 -0.91
N ILE I 1 -7.26 -9.89 -3.53
CA ILE I 1 -7.36 -8.56 -2.87
C ILE I 1 -6.62 -7.53 -3.71
N HIS I 2 -7.25 -6.37 -3.92
CA HIS I 2 -6.60 -5.31 -4.68
C HIS I 2 -6.35 -4.13 -3.75
N VAL I 3 -5.08 -3.70 -3.64
CA VAL I 3 -4.77 -2.55 -2.79
C VAL I 3 -4.16 -1.44 -3.64
N HIS I 4 -4.79 -0.26 -3.65
CA HIS I 4 -4.27 0.87 -4.40
C HIS I 4 -3.95 2.05 -3.49
N LEU I 5 -2.75 2.60 -3.63
CA LEU I 5 -2.34 3.76 -2.82
C LEU I 5 -1.99 4.94 -3.72
N GLN I 6 -2.79 5.99 -3.66
CA GLN I 6 -2.55 7.19 -4.46
C GLN I 6 -2.43 8.40 -3.55
N ILE I 7 -1.21 8.91 -3.41
CA ILE I 7 -0.94 10.06 -2.55
C ILE I 7 -0.36 11.21 -3.36
N ILE J 1 -2.46 -11.19 -4.66
CA ILE J 1 -2.88 -9.78 -4.42
C ILE J 1 -2.12 -8.83 -5.34
N HIS J 2 -2.79 -7.76 -5.76
CA HIS J 2 -2.13 -6.76 -6.58
C HIS J 2 -1.96 -5.51 -5.73
N VAL J 3 -0.71 -5.03 -5.61
CA VAL J 3 -0.45 -3.82 -4.84
C VAL J 3 0.08 -2.73 -5.77
N HIS J 4 -0.58 -1.59 -5.76
CA HIS J 4 -0.16 -0.46 -6.60
C HIS J 4 0.21 0.72 -5.70
N LEU J 5 1.39 1.31 -5.92
CA LEU J 5 1.83 2.47 -5.12
C LEU J 5 2.17 3.64 -6.01
N GLN J 6 1.50 4.78 -5.78
CA GLN J 6 1.78 5.99 -6.55
C GLN J 6 1.94 7.16 -5.61
N ILE J 7 3.18 7.59 -5.42
CA ILE J 7 3.49 8.73 -4.54
C ILE J 7 3.95 9.94 -5.35
N ILE K 1 1.65 -12.36 -7.09
CA ILE K 1 1.56 -11.03 -6.43
C ILE K 1 2.25 -9.99 -7.30
N HIS K 2 1.57 -8.87 -7.56
CA HIS K 2 2.16 -7.81 -8.36
C HIS K 2 2.42 -6.60 -7.47
N VAL K 3 3.67 -6.15 -7.42
CA VAL K 3 4.01 -4.97 -6.62
C VAL K 3 4.55 -3.88 -7.52
N HIS K 4 3.91 -2.70 -7.54
CA HIS K 4 4.39 -1.59 -8.33
C HIS K 4 4.74 -0.38 -7.48
N LEU K 5 5.95 0.17 -7.69
CA LEU K 5 6.39 1.35 -6.94
C LEU K 5 6.69 2.49 -7.88
N GLN K 6 5.86 3.53 -7.84
CA GLN K 6 6.06 4.71 -8.70
C GLN K 6 6.22 5.95 -7.83
N ILE K 7 7.45 6.45 -7.76
CA ILE K 7 7.75 7.64 -6.95
C ILE K 7 8.29 8.76 -7.82
N ILE L 1 6.34 -13.53 -8.15
CA ILE L 1 5.96 -12.10 -7.92
C ILE L 1 6.67 -11.20 -8.90
N HIS L 2 5.97 -10.14 -9.34
CA HIS L 2 6.59 -9.16 -10.23
C HIS L 2 6.81 -7.89 -9.42
N VAL L 3 8.06 -7.40 -9.39
CA VAL L 3 8.36 -6.17 -8.67
C VAL L 3 8.81 -5.10 -9.64
N HIS L 4 8.15 -3.94 -9.61
CA HIS L 4 8.53 -2.83 -10.51
C HIS L 4 8.96 -1.63 -9.66
N LEU L 5 10.12 -1.05 -9.97
CA LEU L 5 10.63 0.11 -9.22
C LEU L 5 10.91 1.26 -10.16
N GLN L 6 10.26 2.40 -9.91
CA GLN L 6 10.48 3.59 -10.74
C GLN L 6 10.71 4.79 -9.84
N ILE L 7 11.96 5.23 -9.74
CA ILE L 7 12.32 6.38 -8.90
C ILE L 7 12.76 7.56 -9.77
N ILE A 1 -6.20 12.83 9.70
CA ILE A 1 -7.31 11.83 9.71
C ILE A 1 -6.72 10.44 9.96
N HIS A 2 -7.34 9.68 10.86
CA HIS A 2 -6.89 8.35 11.13
C HIS A 2 -7.96 7.37 10.66
N VAL A 3 -7.60 6.45 9.79
CA VAL A 3 -8.55 5.46 9.30
C VAL A 3 -8.09 4.06 9.67
N HIS A 4 -8.93 3.31 10.39
CA HIS A 4 -8.62 1.96 10.75
C HIS A 4 -9.65 1.02 10.15
N LEU A 5 -9.18 -0.04 9.47
CA LEU A 5 -10.08 -1.00 8.84
C LEU A 5 -9.56 -2.42 9.01
N GLN A 6 -10.32 -3.23 9.74
CA GLN A 6 -9.98 -4.63 9.96
C GLN A 6 -11.01 -5.51 9.28
N ILE A 7 -10.62 -6.13 8.16
CA ILE A 7 -11.53 -6.98 7.42
C ILE A 7 -10.76 -8.11 6.73
N ILE B 1 -2.08 12.02 7.61
CA ILE B 1 -3.17 11.01 7.56
C ILE B 1 -2.56 9.62 7.73
N HIS B 2 -3.08 8.87 8.70
CA HIS B 2 -2.58 7.51 8.95
C HIS B 2 -3.67 6.51 8.56
N VAL B 3 -3.33 5.57 7.66
CA VAL B 3 -4.29 4.55 7.27
C VAL B 3 -3.79 3.17 7.69
N HIS B 4 -4.62 2.43 8.43
CA HIS B 4 -4.23 1.07 8.86
C HIS B 4 -5.22 0.07 8.25
N LEU B 5 -4.71 -0.97 7.60
CA LEU B 5 -5.57 -1.97 6.93
C LEU B 5 -5.06 -3.38 7.20
N GLN B 6 -5.94 -4.24 7.70
CA GLN B 6 -5.57 -5.63 7.96
C GLN B 6 -6.53 -6.54 7.24
N ILE B 7 -6.02 -7.30 6.27
CA ILE B 7 -6.86 -8.20 5.49
C ILE B 7 -6.07 -9.47 5.14
N ILE C 1 2.17 11.00 5.43
CA ILE C 1 1.12 9.95 5.39
C ILE C 1 1.74 8.61 5.72
N HIS C 2 1.11 7.86 6.64
CA HIS C 2 1.61 6.55 7.00
C HIS C 2 0.60 5.53 6.53
N VAL C 3 1.04 4.57 5.71
CA VAL C 3 0.15 3.53 5.23
C VAL C 3 0.64 2.16 5.70
N HIS C 4 -0.19 1.43 6.43
CA HIS C 4 0.16 0.11 6.87
C HIS C 4 -0.82 -0.90 6.27
N LEU C 5 -0.27 -1.96 5.66
CA LEU C 5 -1.11 -2.98 5.04
C LEU C 5 -0.54 -4.37 5.31
N GLN C 6 -1.32 -5.17 6.05
CA GLN C 6 -0.94 -6.54 6.37
C GLN C 6 -1.90 -7.50 5.68
N ILE C 7 -1.42 -8.16 4.63
CA ILE C 7 -2.26 -9.09 3.89
C ILE C 7 -1.40 -10.22 3.29
N ILE D 1 6.39 10.18 3.26
CA ILE D 1 5.35 9.12 3.19
C ILE D 1 5.98 7.76 3.46
N HIS D 2 5.47 7.05 4.46
CA HIS D 2 6.01 5.73 4.79
C HIS D 2 4.97 4.68 4.42
N VAL D 3 5.38 3.71 3.60
CA VAL D 3 4.47 2.63 3.20
C VAL D 3 4.99 1.30 3.72
N HIS D 4 4.17 0.56 4.47
CA HIS D 4 4.58 -0.76 4.99
C HIS D 4 3.65 -1.82 4.40
N LEU D 5 4.23 -2.88 3.81
CA LEU D 5 3.44 -3.95 3.18
C LEU D 5 4.00 -5.32 3.55
N GLN D 6 3.13 -6.19 4.05
CA GLN D 6 3.54 -7.54 4.41
C GLN D 6 2.63 -8.53 3.69
N ILE D 7 3.20 -9.29 2.77
CA ILE D 7 2.44 -10.28 2.00
C ILE D 7 3.29 -11.52 1.75
N ILE E 1 10.68 9.10 1.21
CA ILE E 1 9.65 8.02 1.17
C ILE E 1 10.31 6.71 1.57
N HIS E 2 9.69 5.99 2.53
CA HIS E 2 10.20 4.71 2.95
C HIS E 2 9.24 3.63 2.48
N VAL E 3 9.74 2.67 1.72
CA VAL E 3 8.91 1.57 1.25
C VAL E 3 9.43 0.25 1.79
N HIS E 4 8.59 -0.47 2.52
CA HIS E 4 8.97 -1.76 3.02
C HIS E 4 8.05 -2.83 2.45
N LEU E 5 8.65 -3.88 1.90
CA LEU E 5 7.88 -4.97 1.29
C LEU E 5 8.48 -6.33 1.64
N GLN E 6 7.70 -7.12 2.40
CA GLN E 6 8.13 -8.45 2.78
C GLN E 6 7.24 -9.49 2.10
N ILE E 7 7.79 -10.15 1.08
CA ILE E 7 7.04 -11.16 0.34
C ILE E 7 7.97 -12.24 -0.19
N ILE F 1 14.85 8.25 -0.85
CA ILE F 1 13.87 7.15 -0.98
C ILE F 1 14.55 5.83 -0.62
N HIS F 2 14.04 5.16 0.41
CA HIS F 2 14.60 3.87 0.82
C HIS F 2 13.62 2.77 0.42
N VAL F 3 14.10 1.79 -0.34
CA VAL F 3 13.25 0.67 -0.75
C VAL F 3 13.78 -0.63 -0.13
N HIS F 4 12.92 -1.36 0.58
CA HIS F 4 13.33 -2.65 1.18
C HIS F 4 12.47 -3.76 0.58
N LEU F 5 13.11 -4.82 0.07
CA LEU F 5 12.39 -5.93 -0.57
C LEU F 5 12.96 -7.27 -0.11
N GLN F 6 12.10 -8.14 0.38
CA GLN F 6 12.53 -9.47 0.81
C GLN F 6 11.70 -10.52 0.09
N ILE F 7 12.35 -11.25 -0.82
CA ILE F 7 11.67 -12.29 -1.58
C ILE F 7 12.55 -13.53 -1.70
N ILE G 1 -15.89 -7.31 -0.02
CA ILE G 1 -16.11 -5.96 0.58
C ILE G 1 -15.37 -4.91 -0.25
N HIS G 2 -16.06 -3.82 -0.57
CA HIS G 2 -15.46 -2.74 -1.32
C HIS G 2 -15.36 -1.54 -0.41
N VAL G 3 -14.14 -1.02 -0.24
CA VAL G 3 -13.95 0.17 0.60
C VAL G 3 -13.39 1.30 -0.25
N HIS G 4 -14.08 2.44 -0.28
CA HIS G 4 -13.61 3.58 -0.99
C HIS G 4 -13.39 4.75 -0.03
N LEU G 5 -12.21 5.37 -0.10
CA LEU G 5 -11.88 6.48 0.79
C LEU G 5 -11.14 7.58 0.04
N GLN G 6 -11.75 8.76 -0.02
CA GLN G 6 -11.14 9.91 -0.68
C GLN G 6 -10.89 10.99 0.35
N ILE G 7 -9.62 11.17 0.71
CA ILE G 7 -9.25 12.18 1.71
C ILE G 7 -7.87 12.74 1.41
N ILE H 1 -11.52 -8.68 -1.63
CA ILE H 1 -11.70 -7.35 -0.99
C ILE H 1 -10.93 -6.31 -1.78
N HIS H 2 -11.62 -5.25 -2.21
CA HIS H 2 -10.96 -4.19 -2.97
C HIS H 2 -10.90 -2.93 -2.11
N VAL H 3 -9.70 -2.39 -1.92
CA VAL H 3 -9.54 -1.15 -1.15
C VAL H 3 -9.02 -0.04 -2.05
N HIS H 4 -9.73 1.09 -2.08
CA HIS H 4 -9.28 2.24 -2.89
C HIS H 4 -9.01 3.42 -1.95
N LEU H 5 -7.83 4.03 -2.06
CA LEU H 5 -7.44 5.15 -1.19
C LEU H 5 -6.78 6.25 -1.99
N GLN H 6 -7.29 7.47 -1.85
CA GLN H 6 -6.71 8.62 -2.55
C GLN H 6 -6.39 9.70 -1.53
N ILE H 7 -5.09 9.98 -1.37
CA ILE H 7 -4.66 11.00 -0.41
C ILE H 7 -3.45 11.76 -0.96
N ILE I 1 -7.02 -9.83 -3.36
CA ILE I 1 -7.20 -8.46 -2.79
C ILE I 1 -6.53 -7.44 -3.69
N HIS I 2 -7.27 -6.36 -4.01
CA HIS I 2 -6.70 -5.31 -4.83
C HIS I 2 -6.56 -4.07 -3.97
N VAL I 3 -5.33 -3.54 -3.90
CA VAL I 3 -5.09 -2.32 -3.11
C VAL I 3 -4.59 -1.22 -4.03
N HIS I 4 -5.30 -0.09 -4.06
CA HIS I 4 -4.86 1.03 -4.84
C HIS I 4 -4.60 2.21 -3.92
N LEU I 5 -3.43 2.83 -4.08
CA LEU I 5 -3.06 3.98 -3.25
C LEU I 5 -2.38 5.06 -4.08
N GLN I 6 -3.03 6.21 -4.16
CA GLN I 6 -2.48 7.35 -4.90
C GLN I 6 -2.17 8.48 -3.92
N ILE I 7 -0.88 8.69 -3.66
CA ILE I 7 -0.47 9.73 -2.73
C ILE I 7 0.89 10.29 -3.12
N ILE J 1 -2.61 -11.15 -4.94
CA ILE J 1 -2.74 -9.80 -4.33
C ILE J 1 -2.01 -8.78 -5.20
N HIS J 2 -2.75 -7.75 -5.65
CA HIS J 2 -2.14 -6.71 -6.48
C HIS J 2 -2.05 -5.43 -5.68
N VAL J 3 -0.85 -4.86 -5.57
CA VAL J 3 -0.66 -3.61 -4.84
C VAL J 3 -0.20 -2.51 -5.81
N HIS J 4 -0.91 -1.39 -5.85
CA HIS J 4 -0.53 -0.27 -6.73
C HIS J 4 -0.23 0.95 -5.85
N LEU J 5 0.95 1.56 -6.05
CA LEU J 5 1.36 2.73 -5.25
C LEU J 5 1.97 3.80 -6.13
N GLN J 6 1.46 5.02 -6.00
CA GLN J 6 1.98 6.14 -6.77
C GLN J 6 2.35 7.27 -5.83
N ILE J 7 3.65 7.56 -5.72
CA ILE J 7 4.12 8.62 -4.84
C ILE J 7 5.29 9.36 -5.48
N ILE K 1 1.91 -12.23 -6.73
CA ILE K 1 1.75 -10.86 -6.17
C ILE K 1 2.36 -9.85 -7.14
N HIS K 2 1.59 -8.81 -7.47
CA HIS K 2 2.10 -7.77 -8.35
C HIS K 2 2.29 -6.51 -7.54
N VAL K 3 3.51 -5.98 -7.54
CA VAL K 3 3.79 -4.73 -6.82
C VAL K 3 4.22 -3.66 -7.79
N HIS K 4 3.50 -2.54 -7.82
CA HIS K 4 3.87 -1.44 -8.66
C HIS K 4 4.16 -0.22 -7.80
N LEU K 5 5.32 0.40 -8.04
CA LEU K 5 5.73 1.58 -7.27
C LEU K 5 6.36 2.63 -8.17
N GLN K 6 5.68 3.78 -8.27
CA GLN K 6 6.20 4.89 -9.08
C GLN K 6 6.56 6.05 -8.17
N ILE K 7 7.85 6.26 -7.97
CA ILE K 7 8.33 7.34 -7.10
C ILE K 7 9.67 7.87 -7.58
N ILE L 1 6.20 -13.42 -8.43
CA ILE L 1 6.15 -12.05 -7.83
C ILE L 1 6.80 -11.06 -8.78
N HIS L 2 6.03 -10.07 -9.24
CA HIS L 2 6.58 -9.05 -10.14
C HIS L 2 6.73 -7.75 -9.36
N VAL L 3 7.93 -7.19 -9.34
CA VAL L 3 8.17 -5.92 -8.65
C VAL L 3 8.55 -4.84 -9.67
N HIS L 4 7.83 -3.72 -9.68
CA HIS L 4 8.15 -2.61 -10.59
C HIS L 4 8.51 -1.38 -9.76
N LEU L 5 9.66 -0.76 -10.05
CA LEU L 5 10.12 0.41 -9.29
C LEU L 5 10.66 1.47 -10.24
N GLN L 6 10.15 2.69 -10.10
CA GLN L 6 10.63 3.80 -10.93
C GLN L 6 11.06 4.94 -10.03
N ILE L 7 12.37 5.20 -9.99
CA ILE L 7 12.91 6.26 -9.16
C ILE L 7 14.00 7.02 -9.91
N ILE A 1 -6.30 13.17 9.67
CA ILE A 1 -7.45 12.22 9.58
C ILE A 1 -6.93 10.80 9.77
N HIS A 2 -7.60 10.03 10.64
CA HIS A 2 -7.20 8.66 10.89
C HIS A 2 -8.27 7.71 10.37
N VAL A 3 -7.86 6.81 9.49
CA VAL A 3 -8.78 5.80 8.95
C VAL A 3 -8.28 4.41 9.33
N HIS A 4 -9.11 3.62 10.02
CA HIS A 4 -8.74 2.28 10.38
C HIS A 4 -9.69 1.27 9.74
N LEU A 5 -9.12 0.25 9.10
CA LEU A 5 -9.91 -0.76 8.40
C LEU A 5 -9.49 -2.15 8.85
N GLN A 6 -10.43 -2.94 9.36
CA GLN A 6 -10.14 -4.30 9.78
C GLN A 6 -11.14 -5.26 9.15
N ILE A 7 -10.69 -6.01 8.16
CA ILE A 7 -11.56 -6.95 7.45
C ILE A 7 -11.04 -8.38 7.62
N ILE B 1 -2.22 12.09 6.64
CA ILE B 1 -3.24 11.23 7.30
C ILE B 1 -2.62 9.86 7.58
N HIS B 2 -3.24 9.11 8.50
CA HIS B 2 -2.77 7.75 8.78
C HIS B 2 -3.81 6.77 8.30
N VAL B 3 -3.41 5.84 7.43
CA VAL B 3 -4.32 4.81 6.94
C VAL B 3 -3.83 3.45 7.39
N HIS B 4 -4.70 2.70 8.06
CA HIS B 4 -4.33 1.36 8.52
C HIS B 4 -5.23 0.34 7.84
N LEU B 5 -4.63 -0.68 7.24
CA LEU B 5 -5.38 -1.73 6.53
C LEU B 5 -4.94 -3.10 7.00
N GLN B 6 -5.85 -3.82 7.66
CA GLN B 6 -5.57 -5.16 8.12
C GLN B 6 -6.58 -6.12 7.50
N ILE B 7 -6.08 -7.01 6.65
CA ILE B 7 -6.94 -7.96 5.95
C ILE B 7 -6.50 -9.39 6.27
N ILE C 1 2.48 11.12 5.60
CA ILE C 1 1.34 10.16 5.50
C ILE C 1 1.86 8.75 5.76
N HIS C 2 1.14 7.99 6.61
CA HIS C 2 1.54 6.64 6.92
C HIS C 2 0.50 5.65 6.37
N VAL C 3 0.96 4.72 5.54
CA VAL C 3 0.07 3.69 5.00
C VAL C 3 0.56 2.31 5.43
N HIS C 4 -0.29 1.53 6.11
CA HIS C 4 0.08 0.20 6.52
C HIS C 4 -0.84 -0.84 5.88
N LEU C 5 -0.25 -1.87 5.26
CA LEU C 5 -1.01 -2.92 4.58
C LEU C 5 -0.58 -4.29 5.08
N GLN C 6 -1.51 -5.04 5.63
CA GLN C 6 -1.21 -6.39 6.11
C GLN C 6 -2.19 -7.37 5.49
N ILE C 7 -1.70 -8.17 4.53
CA ILE C 7 -2.54 -9.15 3.84
C ILE C 7 -2.03 -10.55 4.11
N ILE D 1 6.54 9.97 2.59
CA ILE D 1 5.53 9.10 3.27
C ILE D 1 6.17 7.75 3.56
N HIS D 2 5.55 7.01 4.50
CA HIS D 2 6.04 5.66 4.81
C HIS D 2 4.99 4.66 4.35
N VAL D 3 5.40 3.73 3.49
CA VAL D 3 4.49 2.67 3.01
C VAL D 3 4.99 1.33 3.50
N HIS D 4 4.13 0.58 4.17
CA HIS D 4 4.51 -0.74 4.65
C HIS D 4 3.61 -1.79 3.99
N LEU D 5 4.23 -2.81 3.39
CA LEU D 5 3.47 -3.88 2.72
C LEU D 5 3.92 -5.25 3.20
N GLN D 6 3.01 -5.95 3.88
CA GLN D 6 3.31 -7.29 4.37
C GLN D 6 2.31 -8.27 3.78
N ILE D 7 2.80 -9.13 2.89
CA ILE D 7 1.95 -10.11 2.22
C ILE D 7 2.39 -11.52 2.60
N ILE E 1 11.20 9.04 1.56
CA ILE E 1 10.07 8.06 1.46
C ILE E 1 10.59 6.66 1.76
N HIS E 2 9.87 5.92 2.61
CA HIS E 2 10.27 4.57 2.94
C HIS E 2 9.25 3.57 2.40
N VAL E 3 9.71 2.63 1.57
CA VAL E 3 8.84 1.59 1.03
C VAL E 3 9.33 0.22 1.48
N HIS E 4 8.47 -0.56 2.16
CA HIS E 4 8.84 -1.89 2.59
C HIS E 4 7.94 -2.95 1.96
N LEU E 5 8.56 -3.97 1.36
CA LEU E 5 7.82 -5.04 0.68
C LEU E 5 8.25 -6.40 1.20
N GLN E 6 7.32 -7.15 1.78
CA GLN E 6 7.63 -8.49 2.28
C GLN E 6 6.67 -9.49 1.67
N ILE E 7 7.18 -10.29 0.72
CA ILE E 7 6.35 -11.29 0.04
C ILE E 7 6.87 -12.69 0.34
N ILE F 1 15.31 7.94 -1.44
CA ILE F 1 14.27 7.07 -0.82
C ILE F 1 14.90 5.74 -0.45
N HIS F 2 14.26 5.02 0.49
CA HIS F 2 14.75 3.69 0.86
C HIS F 2 13.73 2.66 0.36
N VAL F 3 14.21 1.71 -0.45
CA VAL F 3 13.35 0.64 -0.95
C VAL F 3 13.81 -0.69 -0.41
N HIS F 4 12.92 -1.44 0.22
CA HIS F 4 13.28 -2.76 0.76
C HIS F 4 12.43 -3.82 0.07
N LEU F 5 13.09 -4.85 -0.46
CA LEU F 5 12.39 -5.95 -1.15
C LEU F 5 12.84 -7.29 -0.61
N GLN F 6 11.90 -8.01 0.01
CA GLN F 6 12.18 -9.33 0.54
C GLN F 6 11.23 -10.34 -0.08
N ILE F 7 11.77 -11.17 -0.98
CA ILE F 7 10.97 -12.17 -1.67
C ILE F 7 11.35 -13.57 -1.19
N ILE G 1 -15.70 -7.59 0.05
CA ILE G 1 -15.94 -6.29 0.73
C ILE G 1 -15.19 -5.19 -0.01
N HIS G 2 -15.87 -4.08 -0.30
CA HIS G 2 -15.26 -2.99 -0.99
C HIS G 2 -15.16 -1.78 -0.07
N VAL G 3 -13.95 -1.28 0.12
CA VAL G 3 -13.73 -0.09 0.94
C VAL G 3 -13.13 1.02 0.10
N HIS G 4 -13.79 2.18 0.05
CA HIS G 4 -13.27 3.31 -0.69
C HIS G 4 -13.01 4.49 0.24
N LEU G 5 -11.81 5.07 0.13
CA LEU G 5 -11.41 6.18 0.99
C LEU G 5 -10.90 7.33 0.14
N GLN G 6 -11.51 8.50 0.28
CA GLN G 6 -11.07 9.68 -0.46
C GLN G 6 -10.87 10.84 0.51
N ILE G 7 -9.59 11.17 0.77
CA ILE G 7 -9.26 12.25 1.69
C ILE G 7 -8.49 13.34 0.97
N ILE H 1 -10.77 -8.86 -0.86
CA ILE H 1 -11.49 -7.56 -0.78
C ILE H 1 -10.76 -6.53 -1.65
N HIS H 2 -11.46 -5.45 -1.99
CA HIS H 2 -10.84 -4.38 -2.76
C HIS H 2 -10.74 -3.14 -1.86
N VAL H 3 -9.52 -2.63 -1.69
CA VAL H 3 -9.31 -1.41 -0.91
C VAL H 3 -8.79 -0.30 -1.80
N HIS H 4 -9.48 0.83 -1.79
CA HIS H 4 -9.04 1.98 -2.60
C HIS H 4 -8.70 3.14 -1.68
N LEU H 5 -7.51 3.70 -1.86
CA LEU H 5 -7.05 4.83 -1.03
C LEU H 5 -6.56 5.97 -1.90
N GLN H 6 -7.28 7.09 -1.85
CA GLN H 6 -6.90 8.27 -2.61
C GLN H 6 -6.68 9.43 -1.64
N ILE H 7 -5.43 9.88 -1.54
CA ILE H 7 -5.07 10.96 -0.64
C ILE H 7 -4.47 12.12 -1.42
N ILE I 1 -6.85 -10.09 -3.59
CA ILE I 1 -7.07 -8.79 -2.91
C ILE I 1 -6.39 -7.67 -3.70
N HIS I 2 -7.12 -6.56 -3.92
CA HIS I 2 -6.57 -5.44 -4.64
C HIS I 2 -6.41 -4.24 -3.73
N VAL I 3 -5.19 -3.73 -3.62
CA VAL I 3 -4.92 -2.54 -2.81
C VAL I 3 -4.39 -1.41 -3.69
N HIS I 4 -5.07 -0.25 -3.70
CA HIS I 4 -4.60 0.88 -4.47
C HIS I 4 -4.29 2.06 -3.56
N LEU I 5 -3.10 2.64 -3.74
CA LEU I 5 -2.67 3.78 -2.91
C LEU I 5 -2.21 4.93 -3.80
N GLN I 6 -2.85 6.09 -3.66
CA GLN I 6 -2.47 7.26 -4.45
C GLN I 6 -2.22 8.43 -3.51
N ILE I 7 -0.94 8.78 -3.32
CA ILE I 7 -0.57 9.88 -2.43
C ILE I 7 0.12 10.98 -3.22
N ILE J 1 -1.86 -11.20 -4.61
CA ILE J 1 -2.59 -9.91 -4.52
C ILE J 1 -1.90 -8.88 -5.41
N HIS J 2 -2.63 -7.81 -5.75
CA HIS J 2 -2.04 -6.73 -6.53
C HIS J 2 -1.94 -5.49 -5.65
N VAL J 3 -0.73 -4.94 -5.51
CA VAL J 3 -0.53 -3.72 -4.74
C VAL J 3 -0.05 -2.61 -5.65
N HIS J 4 -0.75 -1.48 -5.63
CA HIS J 4 -0.35 -0.35 -6.46
C HIS J 4 -0.01 0.83 -5.55
N LEU J 5 1.18 1.42 -5.76
CA LEU J 5 1.62 2.57 -4.94
C LEU J 5 2.07 3.71 -5.83
N GLN J 6 1.34 4.81 -5.77
CA GLN J 6 1.68 5.99 -6.55
C GLN J 6 1.90 7.17 -5.61
N ILE J 7 3.14 7.60 -5.50
CA ILE J 7 3.50 8.71 -4.61
C ILE J 7 4.04 9.88 -5.42
N ILE K 1 2.03 -12.41 -7.36
CA ILE K 1 1.79 -11.11 -6.68
C ILE K 1 2.43 -9.97 -7.49
N HIS K 2 1.69 -8.88 -7.68
CA HIS K 2 2.21 -7.75 -8.42
C HIS K 2 2.38 -6.55 -7.50
N VAL K 3 3.60 -6.01 -7.44
CA VAL K 3 3.87 -4.81 -6.64
C VAL K 3 4.36 -3.68 -7.55
N HIS K 4 3.66 -2.53 -7.54
CA HIS K 4 4.09 -1.40 -8.34
C HIS K 4 4.41 -0.20 -7.45
N LEU K 5 5.60 0.39 -7.65
CA LEU K 5 6.04 1.54 -6.84
C LEU K 5 6.46 2.69 -7.75
N GLN K 6 5.79 3.84 -7.61
CA GLN K 6 6.15 5.01 -8.41
C GLN K 6 6.39 6.19 -7.49
N ILE K 7 7.67 6.56 -7.33
CA ILE K 7 8.05 7.66 -6.46
C ILE K 7 8.70 8.78 -7.28
N ILE L 1 6.90 -13.43 -8.38
CA ILE L 1 6.20 -12.11 -8.24
C ILE L 1 6.85 -11.11 -9.19
N HIS L 2 6.10 -10.04 -9.50
CA HIS L 2 6.65 -8.96 -10.33
C HIS L 2 6.81 -7.73 -9.45
N VAL L 3 8.03 -7.19 -9.40
CA VAL L 3 8.29 -5.98 -8.62
C VAL L 3 8.71 -4.85 -9.55
N HIS L 4 8.02 -3.72 -9.48
CA HIS L 4 8.38 -2.57 -10.32
C HIS L 4 8.78 -1.40 -9.43
N LEU L 5 9.94 -0.81 -9.72
CA LEU L 5 10.45 0.33 -8.94
C LEU L 5 10.86 1.46 -9.85
N GLN L 6 10.14 2.58 -9.74
CA GLN L 6 10.45 3.76 -10.55
C GLN L 6 10.74 4.94 -9.62
N ILE L 7 12.01 5.31 -9.53
CA ILE L 7 12.42 6.42 -8.66
C ILE L 7 12.85 7.61 -9.51
N ILE A 1 -6.66 13.10 9.62
CA ILE A 1 -7.71 12.06 9.87
C ILE A 1 -7.05 10.68 9.97
N HIS A 2 -7.66 9.84 10.82
CA HIS A 2 -7.19 8.50 11.00
C HIS A 2 -8.25 7.54 10.48
N VAL A 3 -7.89 6.69 9.53
CA VAL A 3 -8.84 5.72 8.99
C VAL A 3 -8.34 4.31 9.27
N HIS A 4 -9.15 3.50 9.96
CA HIS A 4 -8.78 2.14 10.25
C HIS A 4 -9.76 1.15 9.64
N LEU A 5 -9.23 0.14 8.94
CA LEU A 5 -10.05 -0.89 8.30
C LEU A 5 -9.58 -2.27 8.74
N GLN A 6 -10.49 -3.06 9.31
CA GLN A 6 -10.16 -4.42 9.75
C GLN A 6 -11.16 -5.38 9.14
N ILE A 7 -10.72 -6.16 8.16
CA ILE A 7 -11.60 -7.12 7.48
C ILE A 7 -11.03 -8.53 7.61
N ILE B 1 -2.29 12.24 7.87
CA ILE B 1 -3.32 11.21 7.55
C ILE B 1 -2.72 9.82 7.75
N HIS B 2 -3.32 9.05 8.66
CA HIS B 2 -2.83 7.69 8.89
C HIS B 2 -3.91 6.70 8.43
N VAL B 3 -3.55 5.81 7.51
CA VAL B 3 -4.49 4.79 7.04
C VAL B 3 -3.97 3.40 7.41
N HIS B 4 -4.78 2.62 8.12
CA HIS B 4 -4.38 1.26 8.51
C HIS B 4 -5.33 0.24 7.90
N LEU B 5 -4.80 -0.79 7.24
CA LEU B 5 -5.65 -1.84 6.63
C LEU B 5 -5.15 -3.22 7.00
N GLN B 6 -5.98 -3.97 7.73
CA GLN B 6 -5.64 -5.33 8.13
C GLN B 6 -6.60 -6.30 7.47
N ILE B 7 -6.06 -7.12 6.57
CA ILE B 7 -6.86 -8.10 5.83
C ILE B 7 -6.40 -9.50 6.17
N ILE C 1 2.24 11.19 5.38
CA ILE C 1 1.17 10.19 5.64
C ILE C 1 1.80 8.82 5.88
N HIS C 2 1.12 8.02 6.71
CA HIS C 2 1.57 6.68 6.99
C HIS C 2 0.57 5.70 6.42
N VAL C 3 1.03 4.80 5.56
CA VAL C 3 0.13 3.78 4.99
C VAL C 3 0.60 2.41 5.38
N HIS C 4 -0.25 1.63 6.06
CA HIS C 4 0.09 0.28 6.45
C HIS C 4 -0.86 -0.74 5.83
N LEU C 5 -0.29 -1.77 5.21
CA LEU C 5 -1.08 -2.84 4.58
C LEU C 5 -0.62 -4.19 5.11
N GLN C 6 -1.54 -4.97 5.67
CA GLN C 6 -1.21 -6.30 6.17
C GLN C 6 -2.17 -7.31 5.58
N ILE C 7 -1.66 -8.13 4.66
CA ILE C 7 -2.49 -9.14 3.99
C ILE C 7 -1.93 -10.54 4.25
N ILE D 1 6.53 10.25 3.50
CA ILE D 1 5.51 9.22 3.20
C ILE D 1 6.10 7.83 3.46
N HIS D 2 5.50 7.09 4.40
CA HIS D 2 5.99 5.73 4.68
C HIS D 2 4.94 4.73 4.24
N VAL D 3 5.32 3.80 3.37
CA VAL D 3 4.40 2.75 2.93
C VAL D 3 4.93 1.39 3.38
N HIS D 4 4.12 0.63 4.10
CA HIS D 4 4.53 -0.70 4.57
C HIS D 4 3.60 -1.76 3.98
N LEU D 5 4.18 -2.82 3.38
CA LEU D 5 3.36 -3.90 2.80
C LEU D 5 3.86 -5.26 3.23
N GLN D 6 3.00 -5.98 3.96
CA GLN D 6 3.33 -7.32 4.43
C GLN D 6 2.40 -8.34 3.78
N ILE D 7 2.96 -9.15 2.90
CA ILE D 7 2.18 -10.17 2.19
C ILE D 7 2.65 -11.56 2.60
N ILE E 1 11.02 9.07 1.21
CA ILE E 1 9.95 8.06 1.45
C ILE E 1 10.59 6.71 1.75
N HIS E 2 9.90 5.92 2.57
CA HIS E 2 10.38 4.59 2.91
C HIS E 2 9.40 3.58 2.33
N VAL E 3 9.90 2.66 1.50
CA VAL E 3 9.04 1.62 0.94
C VAL E 3 9.50 0.25 1.38
N HIS E 4 8.62 -0.50 2.07
CA HIS E 4 8.96 -1.84 2.48
C HIS E 4 8.03 -2.88 1.88
N LEU E 5 8.62 -3.91 1.29
CA LEU E 5 7.85 -5.00 0.67
C LEU E 5 8.31 -6.34 1.24
N GLN E 6 7.38 -7.10 1.82
CA GLN E 6 7.72 -8.42 2.37
C GLN E 6 6.80 -9.47 1.76
N ILE E 7 7.34 -10.31 0.88
CA ILE E 7 6.55 -11.35 0.20
C ILE E 7 7.13 -12.73 0.52
N ILE F 1 15.27 8.20 -0.60
CA ILE F 1 14.26 7.15 -0.94
C ILE F 1 14.85 5.78 -0.63
N HIS F 2 14.27 5.07 0.33
CA HIS F 2 14.78 3.73 0.67
C HIS F 2 13.75 2.70 0.20
N VAL F 3 14.20 1.74 -0.63
CA VAL F 3 13.32 0.67 -1.10
C VAL F 3 13.83 -0.67 -0.56
N HIS F 4 12.97 -1.42 0.13
CA HIS F 4 13.35 -2.73 0.66
C HIS F 4 12.47 -3.82 0.05
N LEU F 5 13.09 -4.88 -0.48
CA LEU F 5 12.32 -5.99 -1.08
C LEU F 5 12.83 -7.34 -0.58
N GLN F 6 11.94 -8.08 0.09
CA GLN F 6 12.29 -9.40 0.60
C GLN F 6 11.40 -10.44 -0.07
N ILE F 7 11.99 -11.22 -0.97
CA ILE F 7 11.26 -12.25 -1.69
C ILE F 7 11.72 -13.63 -1.24
N ILE G 1 -16.01 -7.54 0.22
CA ILE G 1 -16.37 -6.14 0.62
C ILE G 1 -15.50 -5.15 -0.15
N HIS G 2 -16.10 -4.00 -0.46
CA HIS G 2 -15.41 -2.96 -1.16
C HIS G 2 -15.29 -1.77 -0.22
N VAL G 3 -14.06 -1.32 0.04
CA VAL G 3 -13.85 -0.17 0.91
C VAL G 3 -13.19 0.95 0.13
N HIS G 4 -13.82 2.13 0.07
CA HIS G 4 -13.26 3.26 -0.63
C HIS G 4 -13.01 4.43 0.31
N LEU G 5 -11.81 5.00 0.24
CA LEU G 5 -11.43 6.15 1.07
C LEU G 5 -10.90 7.28 0.21
N GLN G 6 -11.52 8.45 0.31
CA GLN G 6 -11.08 9.61 -0.46
C GLN G 6 -10.86 10.77 0.50
N ILE G 7 -9.60 11.12 0.73
CA ILE G 7 -9.25 12.21 1.64
C ILE G 7 -8.45 13.27 0.91
N ILE H 1 -11.76 -8.82 -1.61
CA ILE H 1 -11.74 -7.54 -0.85
C ILE H 1 -10.96 -6.50 -1.66
N HIS H 2 -11.63 -5.41 -2.03
CA HIS H 2 -10.95 -4.33 -2.77
C HIS H 2 -10.87 -3.10 -1.87
N VAL H 3 -9.66 -2.60 -1.61
CA VAL H 3 -9.50 -1.38 -0.82
C VAL H 3 -8.87 -0.28 -1.69
N HIS H 4 -9.53 0.88 -1.76
CA HIS H 4 -9.01 2.00 -2.56
C HIS H 4 -8.75 3.20 -1.65
N LEU H 5 -7.55 3.79 -1.73
CA LEU H 5 -7.22 4.97 -0.91
C LEU H 5 -6.61 6.07 -1.76
N GLN H 6 -7.31 7.20 -1.82
CA GLN H 6 -6.84 8.36 -2.58
C GLN H 6 -6.56 9.50 -1.62
N ILE H 7 -5.28 9.85 -1.51
CA ILE H 7 -4.86 10.93 -0.61
C ILE H 7 -4.26 12.06 -1.42
N ILE I 1 -7.00 -9.93 -3.23
CA ILE I 1 -7.37 -8.55 -2.83
C ILE I 1 -6.61 -7.54 -3.68
N HIS I 2 -7.26 -6.40 -3.91
CA HIS I 2 -6.64 -5.34 -4.67
C HIS I 2 -6.43 -4.15 -3.75
N VAL I 3 -5.18 -3.68 -3.63
CA VAL I 3 -4.90 -2.52 -2.80
C VAL I 3 -4.34 -1.40 -3.64
N HIS I 4 -5.01 -0.23 -3.65
CA HIS I 4 -4.53 0.90 -4.40
C HIS I 4 -4.23 2.09 -3.49
N LEU I 5 -3.04 2.66 -3.65
CA LEU I 5 -2.63 3.83 -2.86
C LEU I 5 -2.19 4.95 -3.77
N GLN I 6 -2.81 6.12 -3.64
CA GLN I 6 -2.43 7.28 -4.47
C GLN I 6 -2.16 8.47 -3.57
N ILE I 7 -0.88 8.83 -3.45
CA ILE I 7 -0.48 9.95 -2.59
C ILE I 7 0.24 11.02 -3.40
N ILE J 1 -2.79 -11.18 -5.09
CA ILE J 1 -2.75 -9.90 -4.35
C ILE J 1 -2.02 -8.85 -5.19
N HIS J 2 -2.73 -7.77 -5.56
CA HIS J 2 -2.09 -6.72 -6.34
C HIS J 2 -1.98 -5.46 -5.48
N VAL J 3 -0.76 -4.94 -5.31
CA VAL J 3 -0.57 -3.70 -4.55
C VAL J 3 -0.02 -2.62 -5.49
N HIS J 4 -0.70 -1.48 -5.54
CA HIS J 4 -0.25 -0.37 -6.40
C HIS J 4 0.06 0.85 -5.53
N LEU J 5 1.25 1.45 -5.72
CA LEU J 5 1.61 2.65 -4.94
C LEU J 5 2.15 3.75 -5.84
N GLN J 6 1.44 4.88 -5.86
CA GLN J 6 1.85 6.02 -6.65
C GLN J 6 2.17 7.19 -5.74
N ILE J 7 3.45 7.54 -5.68
CA ILE J 7 3.91 8.63 -4.83
C ILE J 7 4.45 9.76 -5.69
N ILE K 1 1.91 -12.37 -6.90
CA ILE K 1 1.54 -10.98 -6.49
C ILE K 1 2.23 -9.97 -7.39
N HIS K 2 1.58 -8.83 -7.62
CA HIS K 2 2.16 -7.78 -8.42
C HIS K 2 2.40 -6.58 -7.52
N VAL K 3 3.65 -6.10 -7.47
CA VAL K 3 3.97 -4.93 -6.67
C VAL K 3 4.48 -3.81 -7.55
N HIS K 4 3.79 -2.65 -7.53
CA HIS K 4 4.23 -1.52 -8.30
C HIS K 4 4.54 -0.31 -7.42
N LEU K 5 5.73 0.27 -7.63
CA LEU K 5 6.17 1.44 -6.86
C LEU K 5 6.58 2.56 -7.81
N GLN K 6 5.93 3.72 -7.69
CA GLN K 6 6.27 4.86 -8.54
C GLN K 6 6.58 6.06 -7.66
N ILE K 7 7.87 6.44 -7.60
CA ILE K 7 8.30 7.56 -6.77
C ILE K 7 8.98 8.62 -7.64
N ILE L 1 6.03 -13.34 -8.92
CA ILE L 1 6.13 -12.06 -8.15
C ILE L 1 6.80 -11.02 -9.02
N HIS L 2 6.05 -9.96 -9.39
CA HIS L 2 6.64 -8.89 -10.21
C HIS L 2 6.82 -7.65 -9.36
N VAL L 3 8.06 -7.13 -9.29
CA VAL L 3 8.33 -5.91 -8.54
C VAL L 3 8.77 -4.81 -9.50
N HIS L 4 8.09 -3.66 -9.47
CA HIS L 4 8.45 -2.54 -10.35
C HIS L 4 8.84 -1.32 -9.50
N LEU L 5 10.00 -0.72 -9.78
CA LEU L 5 10.44 0.47 -9.02
C LEU L 5 10.90 1.57 -9.96
N GLN L 6 10.22 2.72 -9.90
CA GLN L 6 10.59 3.87 -10.73
C GLN L 6 10.99 5.03 -9.83
N ILE L 7 12.29 5.32 -9.80
CA ILE L 7 12.82 6.39 -8.96
C ILE L 7 13.28 7.54 -9.84
N ILE A 1 -6.52 13.10 9.86
CA ILE A 1 -7.59 12.09 9.61
C ILE A 1 -7.00 10.69 9.80
N HIS A 2 -7.58 9.89 10.69
CA HIS A 2 -7.10 8.55 10.91
C HIS A 2 -8.15 7.56 10.44
N VAL A 3 -7.77 6.68 9.52
CA VAL A 3 -8.67 5.66 9.01
C VAL A 3 -8.13 4.27 9.32
N HIS A 4 -8.91 3.47 10.03
CA HIS A 4 -8.52 2.12 10.34
C HIS A 4 -9.49 1.12 9.74
N LEU A 5 -8.97 0.10 9.05
CA LEU A 5 -9.81 -0.92 8.44
C LEU A 5 -9.41 -2.31 8.92
N GLN A 6 -10.38 -3.03 9.48
CA GLN A 6 -10.13 -4.40 9.95
C GLN A 6 -11.28 -5.31 9.52
N ILE A 7 -11.00 -6.21 8.59
CA ILE A 7 -12.01 -7.15 8.10
C ILE A 7 -11.39 -8.51 7.82
N ILE B 1 -2.46 12.13 7.63
CA ILE B 1 -3.38 10.98 7.41
C ILE B 1 -2.65 9.67 7.71
N HIS B 2 -3.22 8.88 8.61
CA HIS B 2 -2.66 7.57 8.90
C HIS B 2 -3.64 6.53 8.37
N VAL B 3 -3.17 5.63 7.51
CA VAL B 3 -4.04 4.60 6.97
C VAL B 3 -3.56 3.25 7.45
N HIS B 4 -4.45 2.50 8.09
CA HIS B 4 -4.11 1.16 8.57
C HIS B 4 -5.03 0.17 7.86
N LEU B 5 -4.46 -0.88 7.26
CA LEU B 5 -5.28 -1.86 6.53
C LEU B 5 -4.96 -3.27 6.98
N GLN B 6 -5.98 -3.99 7.46
CA GLN B 6 -5.79 -5.36 7.90
C GLN B 6 -6.94 -6.22 7.37
N ILE B 7 -6.63 -7.06 6.39
CA ILE B 7 -7.64 -7.94 5.79
C ILE B 7 -7.44 -9.37 6.26
N ILE C 1 2.34 11.09 5.81
CA ILE C 1 1.29 10.09 5.49
C ILE C 1 1.85 8.69 5.77
N HIS C 2 1.20 7.94 6.67
CA HIS C 2 1.67 6.60 6.98
C HIS C 2 0.66 5.59 6.45
N VAL C 3 1.10 4.69 5.57
CA VAL C 3 0.22 3.64 5.05
C VAL C 3 0.75 2.27 5.43
N HIS C 4 -0.06 1.47 6.12
CA HIS C 4 0.34 0.15 6.50
C HIS C 4 -0.60 -0.89 5.89
N LEU C 5 -0.03 -1.91 5.25
CA LEU C 5 -0.83 -2.97 4.62
C LEU C 5 -0.47 -4.34 5.17
N GLN C 6 -1.45 -5.04 5.73
CA GLN C 6 -1.24 -6.38 6.26
C GLN C 6 -2.37 -7.31 5.81
N ILE C 7 -2.01 -8.28 4.96
CA ILE C 7 -2.99 -9.24 4.45
C ILE C 7 -2.35 -10.61 4.26
N ILE D 1 6.32 10.12 3.47
CA ILE D 1 5.42 8.95 3.27
C ILE D 1 6.16 7.66 3.60
N HIS D 2 5.62 6.90 4.55
CA HIS D 2 6.21 5.61 4.88
C HIS D 2 5.23 4.55 4.39
N VAL D 3 5.72 3.63 3.54
CA VAL D 3 4.86 2.57 3.03
C VAL D 3 5.36 1.25 3.55
N HIS D 4 4.46 0.50 4.20
CA HIS D 4 4.81 -0.82 4.71
C HIS D 4 3.91 -1.85 4.02
N LEU D 5 4.48 -2.90 3.45
CA LEU D 5 3.69 -3.90 2.74
C LEU D 5 4.01 -5.30 3.25
N GLN D 6 2.99 -6.00 3.74
CA GLN D 6 3.18 -7.36 4.24
C GLN D 6 2.06 -8.25 3.71
N ILE D 7 2.40 -9.12 2.76
CA ILE D 7 1.41 -10.02 2.18
C ILE D 7 1.61 -11.44 2.69
N ILE E 1 11.12 9.09 1.61
CA ILE E 1 10.08 8.06 1.29
C ILE E 1 10.66 6.68 1.63
N HIS E 2 10.00 5.93 2.54
CA HIS E 2 10.49 4.61 2.88
C HIS E 2 9.50 3.58 2.37
N VAL E 3 9.96 2.65 1.52
CA VAL E 3 9.09 1.58 1.02
C VAL E 3 9.65 0.23 1.45
N HIS E 4 8.84 -0.55 2.16
CA HIS E 4 9.25 -1.86 2.58
C HIS E 4 8.33 -2.92 1.99
N LEU E 5 8.92 -3.96 1.39
CA LEU E 5 8.14 -5.04 0.79
C LEU E 5 8.51 -6.39 1.38
N GLN E 6 7.52 -7.07 1.96
CA GLN E 6 7.75 -8.39 2.53
C GLN E 6 6.64 -9.35 2.09
N ILE E 7 7.03 -10.36 1.28
CA ILE E 7 6.08 -11.34 0.79
C ILE E 7 6.72 -12.72 0.68
N ILE F 1 15.07 8.22 -0.91
CA ILE F 1 14.19 7.03 -1.06
C ILE F 1 14.94 5.78 -0.64
N HIS F 2 14.42 5.06 0.35
CA HIS F 2 15.04 3.79 0.74
C HIS F 2 14.10 2.68 0.28
N VAL F 3 14.63 1.74 -0.52
CA VAL F 3 13.81 0.64 -1.00
C VAL F 3 14.30 -0.67 -0.41
N HIS F 4 13.39 -1.39 0.26
CA HIS F 4 13.74 -2.70 0.83
C HIS F 4 12.85 -3.75 0.16
N LEU F 5 13.46 -4.83 -0.37
CA LEU F 5 12.70 -5.87 -1.05
C LEU F 5 13.02 -7.23 -0.46
N GLN F 6 11.99 -7.93 0.01
CA GLN F 6 12.19 -9.25 0.59
C GLN F 6 11.09 -10.19 0.08
N ILE F 7 11.47 -11.09 -0.82
CA ILE F 7 10.50 -12.03 -1.40
C ILE F 7 10.71 -13.42 -0.80
N ILE G 1 -16.25 -7.49 0.09
CA ILE G 1 -16.27 -6.20 0.84
C ILE G 1 -15.49 -5.14 0.04
N HIS G 2 -16.15 -4.03 -0.28
CA HIS G 2 -15.49 -2.97 -1.02
C HIS G 2 -15.34 -1.76 -0.12
N VAL G 3 -14.10 -1.32 0.06
CA VAL G 3 -13.84 -0.13 0.88
C VAL G 3 -13.19 0.95 0.03
N HIS G 4 -13.82 2.13 -0.03
CA HIS G 4 -13.28 3.23 -0.78
C HIS G 4 -13.00 4.41 0.15
N LEU G 5 -11.79 4.97 0.04
CA LEU G 5 -11.40 6.12 0.88
C LEU G 5 -10.97 7.29 0.01
N GLN G 6 -11.62 8.44 0.20
CA GLN G 6 -11.26 9.65 -0.54
C GLN G 6 -11.24 10.84 0.40
N ILE G 7 -10.04 11.37 0.66
CA ILE G 7 -9.89 12.53 1.54
C ILE G 7 -8.77 13.44 1.04
N ILE H 1 -11.91 -8.67 -1.42
CA ILE H 1 -11.82 -7.30 -0.84
C ILE H 1 -11.06 -6.38 -1.77
N HIS H 2 -11.71 -5.28 -2.15
CA HIS H 2 -11.04 -4.28 -2.98
C HIS H 2 -10.83 -3.05 -2.12
N VAL H 3 -9.59 -2.59 -2.01
CA VAL H 3 -9.29 -1.39 -1.22
C VAL H 3 -8.79 -0.30 -2.14
N HIS H 4 -9.47 0.85 -2.10
CA HIS H 4 -9.04 2.00 -2.91
C HIS H 4 -8.69 3.13 -1.95
N LEU H 5 -7.51 3.73 -2.12
CA LEU H 5 -7.08 4.80 -1.21
C LEU H 5 -6.64 6.03 -2.00
N GLN H 6 -7.28 7.16 -1.74
CA GLN H 6 -6.92 8.40 -2.42
C GLN H 6 -6.87 9.54 -1.41
N ILE H 7 -5.66 10.00 -1.10
CA ILE H 7 -5.49 11.09 -0.14
C ILE H 7 -5.12 12.38 -0.86
N ILE I 1 -7.18 -9.89 -3.53
CA ILE I 1 -7.20 -8.60 -2.76
C ILE I 1 -6.51 -7.52 -3.61
N HIS I 2 -7.21 -6.42 -3.91
CA HIS I 2 -6.59 -5.36 -4.69
C HIS I 2 -6.41 -4.14 -3.81
N VAL I 3 -5.17 -3.66 -3.68
CA VAL I 3 -4.91 -2.46 -2.89
C VAL I 3 -4.30 -1.37 -3.78
N HIS I 4 -4.96 -0.21 -3.84
CA HIS I 4 -4.43 0.89 -4.61
C HIS I 4 -4.15 2.08 -3.72
N LEU I 5 -2.94 2.66 -3.85
CA LEU I 5 -2.55 3.83 -3.05
C LEU I 5 -2.15 5.00 -3.94
N GLN I 6 -2.87 6.11 -3.78
CA GLN I 6 -2.56 7.32 -4.55
C GLN I 6 -2.53 8.53 -3.61
N ILE I 7 -1.33 9.10 -3.45
CA ILE I 7 -1.16 10.27 -2.58
C ILE I 7 -0.10 11.22 -3.16
N ILE J 1 -2.90 -10.98 -4.98
CA ILE J 1 -2.81 -9.61 -4.42
C ILE J 1 -2.09 -8.69 -5.39
N HIS J 2 -2.77 -7.63 -5.81
CA HIS J 2 -2.13 -6.64 -6.68
C HIS J 2 -1.91 -5.39 -5.84
N VAL J 3 -0.67 -4.92 -5.77
CA VAL J 3 -0.38 -3.70 -5.01
C VAL J 3 0.10 -2.62 -5.95
N HIS J 4 -0.59 -1.47 -5.91
CA HIS J 4 -0.20 -0.34 -6.74
C HIS J 4 0.16 0.82 -5.82
N LEU J 5 1.34 1.42 -6.02
CA LEU J 5 1.78 2.52 -5.15
C LEU J 5 2.18 3.73 -5.96
N GLN J 6 1.51 4.86 -5.73
CA GLN J 6 1.83 6.09 -6.44
C GLN J 6 1.90 7.25 -5.45
N ILE J 7 3.12 7.72 -5.20
CA ILE J 7 3.31 8.84 -4.26
C ILE J 7 3.63 10.11 -5.01
N ILE K 1 1.77 -12.23 -7.10
CA ILE K 1 1.80 -10.94 -6.35
C ILE K 1 2.44 -9.87 -7.23
N HIS K 2 1.71 -8.79 -7.52
CA HIS K 2 2.28 -7.73 -8.34
C HIS K 2 2.49 -6.49 -7.49
N VAL K 3 3.73 -6.00 -7.42
CA VAL K 3 4.02 -4.77 -6.68
C VAL K 3 4.58 -3.71 -7.60
N HIS K 4 3.92 -2.56 -7.66
CA HIS K 4 4.39 -1.47 -8.47
C HIS K 4 4.71 -0.25 -7.61
N LEU K 5 5.91 0.33 -7.81
CA LEU K 5 6.32 1.52 -7.04
C LEU K 5 6.66 2.67 -7.96
N GLN K 6 5.93 3.78 -7.79
CA GLN K 6 6.19 4.99 -8.58
C GLN K 6 6.25 6.21 -7.68
N ILE K 7 7.44 6.80 -7.58
CA ILE K 7 7.64 7.99 -6.75
C ILE K 7 8.65 8.94 -7.39
N ILE L 1 6.09 -13.37 -8.46
CA ILE L 1 6.21 -11.97 -7.95
C ILE L 1 6.85 -11.07 -8.99
N HIS L 2 6.13 -10.04 -9.43
CA HIS L 2 6.71 -9.07 -10.37
C HIS L 2 6.97 -7.79 -9.59
N VAL L 3 8.21 -7.31 -9.60
CA VAL L 3 8.53 -6.08 -8.88
C VAL L 3 8.92 -5.00 -9.87
N HIS L 4 8.23 -3.86 -9.79
CA HIS L 4 8.56 -2.72 -10.65
C HIS L 4 8.98 -1.54 -9.76
N LEU L 5 10.12 -0.94 -10.04
CA LEU L 5 10.62 0.18 -9.22
C LEU L 5 10.92 1.38 -10.10
N GLN L 6 10.28 2.51 -9.81
CA GLN L 6 10.51 3.72 -10.58
C GLN L 6 10.63 4.90 -9.62
N ILE L 7 11.85 5.40 -9.44
CA ILE L 7 12.11 6.52 -8.54
C ILE L 7 12.34 7.79 -9.34
N ILE A 1 -5.79 12.85 9.95
CA ILE A 1 -6.94 11.90 9.80
C ILE A 1 -6.42 10.47 9.87
N HIS A 2 -7.04 9.65 10.73
CA HIS A 2 -6.64 8.28 10.86
C HIS A 2 -7.77 7.38 10.38
N VAL A 3 -7.51 6.54 9.39
CA VAL A 3 -8.53 5.59 8.91
C VAL A 3 -8.03 4.16 9.12
N HIS A 4 -8.78 3.37 9.87
CA HIS A 4 -8.42 1.99 10.08
C HIS A 4 -9.50 1.05 9.57
N LEU A 5 -9.09 0.04 8.79
CA LEU A 5 -10.03 -0.95 8.26
C LEU A 5 -9.70 -2.32 8.81
N GLN A 6 -10.66 -2.92 9.51
CA GLN A 6 -10.47 -4.26 10.06
C GLN A 6 -11.67 -5.12 9.65
N ILE A 7 -11.44 -6.04 8.72
CA ILE A 7 -12.52 -6.91 8.24
C ILE A 7 -12.04 -8.34 8.11
N ILE B 1 -1.56 12.06 7.71
CA ILE B 1 -2.69 11.09 7.60
C ILE B 1 -2.15 9.67 7.71
N HIS B 2 -2.74 8.88 8.61
CA HIS B 2 -2.31 7.48 8.76
C HIS B 2 -3.44 6.58 8.28
N VAL B 3 -3.13 5.70 7.31
CA VAL B 3 -4.12 4.74 6.81
C VAL B 3 -3.65 3.33 7.13
N HIS B 4 -4.48 2.55 7.82
CA HIS B 4 -4.12 1.16 8.15
C HIS B 4 -5.14 0.20 7.54
N LEU B 5 -4.67 -0.82 6.81
CA LEU B 5 -5.56 -1.82 6.22
C LEU B 5 -5.27 -3.18 6.82
N GLN B 6 -6.28 -3.80 7.40
CA GLN B 6 -6.12 -5.11 8.02
C GLN B 6 -7.28 -6.03 7.64
N ILE B 7 -6.96 -7.12 6.93
CA ILE B 7 -8.01 -8.05 6.50
C ILE B 7 -7.53 -9.50 6.62
N ILE C 1 2.79 10.94 5.61
CA ILE C 1 1.67 9.98 5.44
C ILE C 1 2.20 8.56 5.64
N HIS C 2 1.54 7.79 6.51
CA HIS C 2 1.96 6.43 6.75
C HIS C 2 0.87 5.48 6.26
N VAL C 3 1.22 4.58 5.33
CA VAL C 3 0.25 3.58 4.87
C VAL C 3 0.77 2.19 5.18
N HIS C 4 0.01 1.42 5.94
CA HIS C 4 0.40 0.05 6.25
C HIS C 4 -0.62 -0.94 5.74
N LEU C 5 -0.16 -1.97 5.03
CA LEU C 5 -1.06 -3.00 4.50
C LEU C 5 -0.73 -4.35 5.14
N GLN C 6 -1.72 -4.94 5.80
CA GLN C 6 -1.54 -6.24 6.43
C GLN C 6 -2.71 -7.15 6.02
N ILE C 7 -2.41 -8.14 5.19
CA ILE C 7 -3.46 -9.04 4.72
C ILE C 7 -2.96 -10.49 4.70
N ILE D 1 7.10 10.12 3.36
CA ILE D 1 5.99 9.13 3.26
C ILE D 1 6.55 7.73 3.44
N HIS D 2 5.95 6.97 4.38
CA HIS D 2 6.41 5.60 4.59
C HIS D 2 5.30 4.64 4.14
N VAL D 3 5.64 3.73 3.22
CA VAL D 3 4.67 2.74 2.75
C VAL D 3 5.17 1.34 3.13
N HIS D 4 4.35 0.58 3.85
CA HIS D 4 4.74 -0.78 4.25
C HIS D 4 3.75 -1.80 3.65
N LEU D 5 4.26 -2.84 2.99
CA LEU D 5 3.41 -3.89 2.42
C LEU D 5 3.72 -5.21 3.09
N GLN D 6 2.70 -5.82 3.70
CA GLN D 6 2.87 -7.10 4.38
C GLN D 6 1.72 -8.04 4.02
N ILE D 7 2.05 -9.13 3.33
CA ILE D 7 1.01 -10.10 2.93
C ILE D 7 1.50 -11.53 3.14
N ILE E 1 11.42 8.97 1.35
CA ILE E 1 10.32 7.99 1.18
C ILE E 1 10.86 6.59 1.45
N HIS E 2 10.21 5.84 2.34
CA HIS E 2 10.64 4.50 2.63
C HIS E 2 9.58 3.51 2.17
N VAL E 3 9.97 2.58 1.30
CA VAL E 3 9.04 1.54 0.85
C VAL E 3 9.58 0.18 1.22
N HIS E 4 8.83 -0.60 2.00
CA HIS E 4 9.26 -1.92 2.36
C HIS E 4 8.28 -2.97 1.87
N LEU E 5 8.78 -4.00 1.20
CA LEU E 5 7.92 -5.09 0.69
C LEU E 5 8.25 -6.39 1.38
N GLN E 6 7.24 -6.97 2.04
CA GLN E 6 7.41 -8.25 2.71
C GLN E 6 6.27 -9.18 2.32
N ILE E 7 6.60 -10.21 1.54
CA ILE E 7 5.58 -11.15 1.06
C ILE E 7 6.11 -12.58 1.13
N ILE F 1 15.75 8.18 -0.79
CA ILE F 1 14.65 7.16 -0.93
C ILE F 1 15.23 5.77 -0.65
N HIS F 2 14.64 5.05 0.30
CA HIS F 2 15.10 3.69 0.59
C HIS F 2 14.05 2.69 0.13
N VAL F 3 14.44 1.76 -0.73
CA VAL F 3 13.53 0.72 -1.20
C VAL F 3 14.03 -0.64 -0.74
N HIS F 4 13.17 -1.40 -0.03
CA HIS F 4 13.57 -2.73 0.45
C HIS F 4 12.65 -3.80 -0.16
N LEU F 5 13.24 -4.85 -0.75
CA LEU F 5 12.45 -5.95 -1.32
C LEU F 5 12.73 -7.24 -0.57
N GLN F 6 11.69 -7.84 -0.02
CA GLN F 6 11.84 -9.09 0.73
C GLN F 6 10.71 -10.05 0.36
N ILE F 7 11.08 -11.16 -0.28
CA ILE F 7 10.08 -12.15 -0.71
C ILE F 7 10.58 -13.57 -0.38
N ILE G 1 -15.58 -7.50 -0.56
CA ILE G 1 -15.75 -6.22 0.19
C ILE G 1 -14.92 -5.13 -0.48
N HIS G 2 -15.56 -4.00 -0.79
CA HIS G 2 -14.86 -2.89 -1.39
C HIS G 2 -14.85 -1.73 -0.42
N VAL G 3 -13.65 -1.25 -0.07
CA VAL G 3 -13.54 -0.08 0.81
C VAL G 3 -12.82 1.04 0.08
N HIS G 4 -13.46 2.19 -0.05
CA HIS G 4 -12.85 3.33 -0.70
C HIS G 4 -12.74 4.51 0.26
N LEU G 5 -11.54 5.11 0.32
CA LEU G 5 -11.33 6.28 1.18
C LEU G 5 -10.97 7.47 0.34
N GLN G 6 -11.78 8.53 0.42
CA GLN G 6 -11.51 9.76 -0.31
C GLN G 6 -11.58 10.93 0.65
N ILE G 7 -10.43 11.51 0.97
CA ILE G 7 -10.38 12.63 1.91
C ILE G 7 -9.42 13.72 1.41
N ILE H 1 -11.16 -8.92 -2.07
CA ILE H 1 -11.36 -7.61 -1.38
C ILE H 1 -10.55 -6.54 -2.09
N HIS H 2 -11.21 -5.43 -2.43
CA HIS H 2 -10.50 -4.32 -3.08
C HIS H 2 -10.46 -3.14 -2.11
N VAL H 3 -9.25 -2.65 -1.81
CA VAL H 3 -9.10 -1.48 -0.94
C VAL H 3 -8.47 -0.34 -1.73
N HIS H 4 -9.13 0.81 -1.77
CA HIS H 4 -8.60 1.97 -2.49
C HIS H 4 -8.39 3.14 -1.51
N LEU H 5 -7.20 3.74 -1.53
CA LEU H 5 -6.90 4.89 -0.66
C LEU H 5 -6.61 6.09 -1.53
N GLN H 6 -7.36 7.16 -1.32
CA GLN H 6 -7.17 8.39 -2.10
C GLN H 6 -7.21 9.61 -1.17
N ILE H 7 -6.10 10.34 -1.09
CA ILE H 7 -6.04 11.53 -0.22
C ILE H 7 -5.25 12.65 -0.91
N ILE I 1 -6.69 -10.02 -3.91
CA ILE I 1 -6.85 -8.73 -3.17
C ILE I 1 -6.10 -7.63 -3.92
N HIS I 2 -6.79 -6.52 -4.21
CA HIS I 2 -6.18 -5.43 -4.90
C HIS I 2 -6.10 -4.22 -3.97
N VAL I 3 -4.89 -3.72 -3.73
CA VAL I 3 -4.72 -2.52 -2.91
C VAL I 3 -4.08 -1.42 -3.72
N HIS I 4 -4.75 -0.28 -3.85
CA HIS I 4 -4.19 0.84 -4.58
C HIS I 4 -4.04 2.05 -3.69
N LEU I 5 -2.86 2.67 -3.71
CA LEU I 5 -2.60 3.86 -2.90
C LEU I 5 -2.31 5.05 -3.80
N GLN I 6 -3.12 6.10 -3.67
CA GLN I 6 -2.93 7.32 -4.45
C GLN I 6 -2.97 8.52 -3.51
N ILE I 7 -1.81 9.15 -3.32
CA ILE I 7 -1.73 10.29 -2.43
C ILE I 7 -0.84 11.38 -3.02
N ILE J 1 -2.22 -11.37 -5.53
CA ILE J 1 -2.42 -10.05 -4.86
C ILE J 1 -1.66 -8.97 -5.63
N HIS J 2 -2.36 -7.89 -5.99
CA HIS J 2 -1.69 -6.79 -6.70
C HIS J 2 -1.64 -5.57 -5.77
N VAL J 3 -0.43 -5.05 -5.53
CA VAL J 3 -0.28 -3.85 -4.72
C VAL J 3 0.31 -2.74 -5.57
N HIS J 4 -0.38 -1.59 -5.63
CA HIS J 4 0.11 -0.44 -6.41
C HIS J 4 0.35 0.76 -5.48
N LEU J 5 1.54 1.36 -5.57
CA LEU J 5 1.85 2.55 -4.76
C LEU J 5 2.10 3.74 -5.67
N GLN J 6 1.30 4.79 -5.48
CA GLN J 6 1.45 6.00 -6.30
C GLN J 6 1.39 7.24 -5.42
N ILE J 7 2.50 7.98 -5.36
CA ILE J 7 2.55 9.19 -4.53
C ILE J 7 3.27 10.32 -5.28
N ILE K 1 2.22 -12.41 -7.44
CA ILE K 1 2.07 -11.11 -6.72
C ILE K 1 2.76 -10.02 -7.52
N HIS K 2 2.02 -8.94 -7.80
CA HIS K 2 2.61 -7.83 -8.54
C HIS K 2 2.71 -6.61 -7.65
N VAL K 3 3.92 -6.08 -7.48
CA VAL K 3 4.11 -4.86 -6.70
C VAL K 3 4.70 -3.78 -7.59
N HIS K 4 4.01 -2.64 -7.72
CA HIS K 4 4.54 -1.56 -8.51
C HIS K 4 4.72 -0.31 -7.66
N LEU K 5 5.91 0.30 -7.73
CA LEU K 5 6.19 1.53 -6.96
C LEU K 5 6.43 2.71 -7.89
N GLN K 6 5.60 3.74 -7.73
CA GLN K 6 5.74 4.95 -8.53
C GLN K 6 5.71 6.16 -7.61
N ILE K 7 6.85 6.82 -7.49
CA ILE K 7 6.97 7.99 -6.61
C ILE K 7 7.79 9.09 -7.27
N ILE L 1 6.61 -13.63 -9.03
CA ILE L 1 6.48 -12.31 -8.35
C ILE L 1 7.17 -11.24 -9.19
N HIS L 2 6.44 -10.19 -9.55
CA HIS L 2 7.05 -9.09 -10.32
C HIS L 2 7.15 -7.87 -9.43
N VAL L 3 8.37 -7.33 -9.29
CA VAL L 3 8.59 -6.12 -8.51
C VAL L 3 9.08 -5.00 -9.42
N HIS L 4 8.40 -3.86 -9.43
CA HIS L 4 8.83 -2.73 -10.27
C HIS L 4 9.14 -1.51 -9.40
N LEU L 5 10.33 -0.90 -9.60
CA LEU L 5 10.72 0.30 -8.84
C LEU L 5 10.85 1.48 -9.78
N GLN L 6 10.08 2.53 -9.53
CA GLN L 6 10.14 3.73 -10.37
C GLN L 6 10.12 4.97 -9.50
N ILE L 7 11.24 5.71 -9.51
CA ILE L 7 11.36 6.92 -8.70
C ILE L 7 11.97 8.05 -9.53
#